data_9MIN
#
_entry.id   9MIN
#
_cell.length_a   95.452
_cell.length_b   98.536
_cell.length_c   155.743
_cell.angle_alpha   90.000
_cell.angle_beta   90.000
_cell.angle_gamma   90.000
#
_symmetry.space_group_name_H-M   'P 21 21 21'
#
loop_
_entity.id
_entity.type
_entity.pdbx_description
1 polymer 'HLA class I antigen'
2 polymer Beta-2-microglobulin
3 polymer 'Cancer/testis antigen 1'
4 polymer 'designed minibinder KH46'
5 polymer 'nanobody AD01'
6 non-polymer GLYCEROL
7 water water
#
loop_
_entity_poly.entity_id
_entity_poly.type
_entity_poly.pdbx_seq_one_letter_code
_entity_poly.pdbx_strand_id
1 'polypeptide(L)'
;MGGSHSMRYFFTSVSRPGRGEPRFIAVGYVDDTQFVRFDSDAASQRMEPRAPWIEQEGPEYWDGETRKVKAHSQTHRVDL
GTLRGYYNQSEAGSHTVQRMYGCDVGSDWRFLRGYHQYAYDGKDYIALKEDLRSWTAADMAAQTTKHKWEAAHVAEQLRA
YLEGTCVEWLRRYLENGKETLQRTDAPKTHMTHHAVSDHEATLRCWALSFYPAEITLTWQRDGEDQTQDTELVETRPAGD
GTFQKWAAVVVPSGQEQRYTCHVQHEGLPKPLTLRWEP
;
A,F
2 'polypeptide(L)'
;MGIQRTPKIQVYSRHPAENGKSNFLNCYVSGFHPSDIEVDLLKNGERIEKVEHSDLSFSKDWSFYLLYYTEFTPTEKDEY
ACRVNHVTLSQPKIVKWDRDM
;
B,G
3 'polypeptide(L)' SLLMWITQV C,H
4 'polypeptide(L)'
;MGAAERLQKMLEEAKELLKKSKEYLEKAKKLLKEGKVDEALKELEKALLYLVEAVNLLRVVSAELGDAELKALVEEAEKY
LNKAVTYYYKAKLTKDPEEKKKYVEKSIEYAEKALKIAEEAVKLAEKVVAAAAALE
;
D,I
5 'polypeptide(L)'
;EVKLVESGGGLVQPGGSLRLSCAASGSIFSINTMGWYRQTPGKQRDLVADISSGGSTKYGDSVKGRFTISRDNTKNTVYL
QMNSLKPEDTAVYYCYGLSYSNDDYWGQGTQVTVSSGAP
;
E,J
#
loop_
_chem_comp.id
_chem_comp.type
_chem_comp.name
_chem_comp.formula
GOL non-polymer GLYCEROL 'C3 H8 O3'
#
# COMPACT_ATOMS: atom_id res chain seq x y z
N GLY A 3 26.68 26.24 -19.69
CA GLY A 3 25.82 25.42 -20.52
C GLY A 3 24.36 25.81 -20.40
N SER A 4 23.53 25.23 -21.25
CA SER A 4 22.10 25.50 -21.23
C SER A 4 21.42 24.72 -20.11
N HIS A 5 20.16 25.07 -19.84
CA HIS A 5 19.38 24.40 -18.82
C HIS A 5 17.94 24.34 -19.26
N SER A 6 17.21 23.35 -18.72
CA SER A 6 15.83 23.11 -19.10
C SER A 6 15.01 22.69 -17.88
N MET A 7 13.75 23.10 -17.89
CA MET A 7 12.74 22.58 -16.98
C MET A 7 11.61 22.00 -17.82
N ARG A 8 11.27 20.74 -17.57
CA ARG A 8 10.30 20.03 -18.38
C ARG A 8 9.37 19.22 -17.49
N TYR A 9 8.07 19.33 -17.73
CA TYR A 9 7.08 18.53 -17.03
C TYR A 9 6.49 17.51 -18.00
N PHE A 10 6.44 16.25 -17.57
CA PHE A 10 5.92 15.15 -18.36
C PHE A 10 4.67 14.61 -17.69
N PHE A 11 3.59 14.49 -18.46
CA PHE A 11 2.32 13.99 -17.95
C PHE A 11 1.87 12.81 -18.78
N THR A 12 1.29 11.82 -18.12
CA THR A 12 0.72 10.65 -18.79
C THR A 12 -0.60 10.31 -18.14
N SER A 13 -1.64 10.14 -18.95
CA SER A 13 -2.94 9.70 -18.48
C SER A 13 -3.39 8.51 -19.31
N VAL A 14 -3.67 7.39 -18.64
CA VAL A 14 -4.07 6.15 -19.29
C VAL A 14 -5.48 5.83 -18.84
N SER A 15 -6.42 5.82 -19.78
CA SER A 15 -7.77 5.39 -19.46
C SER A 15 -7.79 3.91 -19.15
N ARG A 16 -8.64 3.53 -18.18
CA ARG A 16 -8.76 2.15 -17.73
C ARG A 16 -10.23 1.78 -17.76
N PRO A 17 -10.75 1.42 -18.95
CA PRO A 17 -12.18 1.12 -19.07
C PRO A 17 -12.58 -0.06 -18.18
N GLY A 18 -13.58 0.18 -17.34
CA GLY A 18 -14.07 -0.83 -16.42
C GLY A 18 -13.25 -1.00 -15.16
N ARG A 19 -12.15 -0.26 -15.01
CA ARG A 19 -11.29 -0.38 -13.82
C ARG A 19 -11.12 0.96 -13.12
N GLY A 20 -12.01 1.91 -13.34
CA GLY A 20 -11.99 3.17 -12.62
C GLY A 20 -11.52 4.34 -13.45
N GLU A 21 -11.03 5.36 -12.75
CA GLU A 21 -10.63 6.60 -13.41
C GLU A 21 -9.23 6.47 -14.00
N PRO A 22 -8.84 7.35 -14.92
CA PRO A 22 -7.55 7.21 -15.58
C PRO A 22 -6.38 7.33 -14.62
N ARG A 23 -5.39 6.46 -14.81
CA ARG A 23 -4.10 6.64 -14.14
C ARG A 23 -3.44 7.91 -14.64
N PHE A 24 -2.89 8.69 -13.70
CA PHE A 24 -2.26 9.96 -14.02
C PHE A 24 -0.90 10.03 -13.34
N ILE A 25 0.15 10.22 -14.13
CA ILE A 25 1.52 10.28 -13.64
C ILE A 25 2.17 11.53 -14.20
N ALA A 26 2.60 12.42 -13.31
CA ALA A 26 3.32 13.63 -13.68
C ALA A 26 4.71 13.61 -13.06
N VAL A 27 5.71 13.98 -13.84
CA VAL A 27 7.09 14.08 -13.37
C VAL A 27 7.68 15.39 -13.87
N GLY A 28 8.46 16.05 -13.02
CA GLY A 28 9.14 17.29 -13.36
C GLY A 28 10.63 17.06 -13.39
N TYR A 29 11.29 17.67 -14.37
CA TYR A 29 12.73 17.53 -14.56
C TYR A 29 13.39 18.89 -14.64
N VAL A 30 14.57 19.00 -14.03
CA VAL A 30 15.51 20.06 -14.32
C VAL A 30 16.70 19.40 -14.98
N ASP A 31 16.90 19.67 -16.27
CA ASP A 31 17.94 19.04 -17.06
C ASP A 31 17.66 17.54 -17.04
N ASP A 32 18.65 16.68 -16.74
CA ASP A 32 18.43 15.24 -16.65
C ASP A 32 18.17 14.78 -15.22
N THR A 33 17.60 15.63 -14.37
CA THR A 33 17.36 15.34 -12.96
C THR A 33 15.89 15.53 -12.65
N GLN A 34 15.20 14.45 -12.29
CA GLN A 34 13.82 14.57 -11.84
C GLN A 34 13.77 15.16 -10.45
N PHE A 35 12.77 16.01 -10.20
CA PHE A 35 12.65 16.65 -8.89
C PHE A 35 11.25 16.63 -8.30
N VAL A 36 10.23 16.23 -9.05
CA VAL A 36 8.89 16.08 -8.52
C VAL A 36 8.20 14.89 -9.19
N ARG A 37 7.24 14.31 -8.48
CA ARG A 37 6.42 13.22 -8.99
C ARG A 37 4.99 13.41 -8.49
N PHE A 38 4.05 12.90 -9.27
CA PHE A 38 2.68 12.72 -8.80
C PHE A 38 2.12 11.47 -9.45
N ASP A 39 1.48 10.61 -8.65
CA ASP A 39 0.86 9.39 -9.13
C ASP A 39 -0.55 9.34 -8.57
N SER A 40 -1.55 9.35 -9.47
CA SER A 40 -2.93 9.35 -9.02
C SER A 40 -3.28 8.08 -8.24
N ASP A 41 -2.50 7.02 -8.39
CA ASP A 41 -2.70 5.79 -7.63
C ASP A 41 -1.95 5.77 -6.31
N ALA A 42 -0.97 6.65 -6.11
CA ALA A 42 -0.24 6.69 -4.86
C ALA A 42 -1.14 7.20 -3.72
N ALA A 43 -0.76 6.84 -2.50
CA ALA A 43 -1.64 7.07 -1.35
C ALA A 43 -1.65 8.53 -0.92
N SER A 44 -0.57 9.26 -1.14
CA SER A 44 -0.46 10.62 -0.61
C SER A 44 -1.41 11.58 -1.31
N GLN A 45 -1.69 11.36 -2.59
CA GLN A 45 -2.48 12.29 -3.40
C GLN A 45 -1.85 13.69 -3.38
N ARG A 46 -0.52 13.73 -3.37
CA ARG A 46 0.22 14.97 -3.27
C ARG A 46 1.37 14.95 -4.27
N MET A 47 1.79 16.13 -4.69
CA MET A 47 3.05 16.25 -5.41
C MET A 47 4.20 15.91 -4.47
N GLU A 48 5.05 15.00 -4.90
CA GLU A 48 6.07 14.53 -3.98
C GLU A 48 7.46 14.96 -4.45
N PRO A 49 8.37 15.25 -3.54
CA PRO A 49 9.73 15.61 -3.95
C PRO A 49 10.50 14.39 -4.46
N ARG A 50 11.37 14.64 -5.43
CA ARG A 50 12.26 13.62 -5.97
C ARG A 50 13.72 14.03 -5.89
N ALA A 51 14.02 15.26 -5.51
CA ALA A 51 15.36 15.79 -5.36
C ALA A 51 15.47 16.49 -4.02
N PRO A 52 16.67 16.50 -3.43
CA PRO A 52 16.81 17.11 -2.10
C PRO A 52 16.62 18.62 -2.08
N TRP A 53 16.96 19.31 -3.17
CA TRP A 53 16.89 20.77 -3.15
C TRP A 53 15.47 21.28 -3.21
N ILE A 54 14.54 20.52 -3.81
CA ILE A 54 13.14 20.92 -3.84
C ILE A 54 12.45 20.74 -2.48
N GLU A 55 13.05 19.96 -1.58
CA GLU A 55 12.52 19.83 -0.22
C GLU A 55 12.60 21.13 0.56
N GLN A 56 13.49 22.05 0.16
CA GLN A 56 13.55 23.34 0.85
C GLN A 56 12.23 24.09 0.76
N GLU A 57 11.46 23.85 -0.30
CA GLU A 57 10.23 24.61 -0.52
C GLU A 57 9.22 24.32 0.59
N GLY A 58 8.61 25.40 1.11
CA GLY A 58 7.71 25.28 2.22
C GLY A 58 6.37 24.70 1.83
N PRO A 59 5.44 24.64 2.80
CA PRO A 59 4.14 24.01 2.51
C PRO A 59 3.33 24.74 1.45
N GLU A 60 3.53 26.05 1.28
CA GLU A 60 2.77 26.78 0.26
C GLU A 60 3.11 26.29 -1.13
N TYR A 61 4.38 25.94 -1.36
CA TYR A 61 4.78 25.39 -2.65
C TYR A 61 4.10 24.03 -2.89
N TRP A 62 4.12 23.16 -1.89
CA TRP A 62 3.58 21.82 -2.08
C TRP A 62 2.06 21.84 -2.14
N ASP A 63 1.41 22.77 -1.46
CA ASP A 63 -0.03 22.94 -1.64
C ASP A 63 -0.33 23.42 -3.06
N GLY A 64 0.38 24.43 -3.53
CA GLY A 64 0.12 24.95 -4.87
C GLY A 64 0.39 23.93 -5.96
N GLU A 65 1.51 23.22 -5.87
CA GLU A 65 1.85 22.24 -6.89
C GLU A 65 0.89 21.06 -6.86
N THR A 66 0.51 20.60 -5.67
CA THR A 66 -0.44 19.49 -5.57
C THR A 66 -1.78 19.86 -6.19
N ARG A 67 -2.26 21.08 -5.93
CA ARG A 67 -3.56 21.49 -6.45
C ARG A 67 -3.52 21.70 -7.94
N LYS A 68 -2.41 22.21 -8.47
CA LYS A 68 -2.31 22.42 -9.91
C LYS A 68 -2.14 21.11 -10.65
N VAL A 69 -1.34 20.18 -10.11
CA VAL A 69 -1.23 18.86 -10.73
C VAL A 69 -2.55 18.12 -10.62
N LYS A 70 -3.37 18.46 -9.62
CA LYS A 70 -4.72 17.92 -9.55
C LYS A 70 -5.57 18.43 -10.71
N ALA A 71 -5.45 19.70 -11.05
CA ALA A 71 -6.19 20.24 -12.19
C ALA A 71 -5.69 19.66 -13.50
N HIS A 72 -4.40 19.32 -13.57
CA HIS A 72 -3.85 18.73 -14.79
C HIS A 72 -4.48 17.37 -15.07
N SER A 73 -4.59 16.53 -14.04
CA SER A 73 -5.21 15.23 -14.21
C SER A 73 -6.68 15.36 -14.60
N GLN A 74 -7.38 16.33 -14.02
CA GLN A 74 -8.80 16.50 -14.32
C GLN A 74 -9.00 16.92 -15.77
N THR A 75 -8.12 17.75 -16.30
CA THR A 75 -8.21 18.14 -17.71
C THR A 75 -7.94 16.94 -18.62
N HIS A 76 -6.90 16.16 -18.30
CA HIS A 76 -6.59 14.98 -19.11
C HIS A 76 -7.71 13.96 -19.05
N ARG A 77 -8.34 13.80 -17.89
CA ARG A 77 -9.45 12.85 -17.78
C ARG A 77 -10.58 13.23 -18.72
N VAL A 78 -10.83 14.52 -18.88
CA VAL A 78 -11.81 14.97 -19.87
C VAL A 78 -11.25 14.80 -21.28
N ASP A 79 -9.97 15.07 -21.47
CA ASP A 79 -9.36 14.96 -22.79
C ASP A 79 -9.50 13.54 -23.34
N LEU A 80 -9.43 12.53 -22.47
CA LEU A 80 -9.58 11.15 -22.92
C LEU A 80 -10.97 10.89 -23.46
N GLY A 81 -12.00 11.35 -22.75
CA GLY A 81 -13.35 11.21 -23.26
C GLY A 81 -13.59 12.02 -24.52
N THR A 82 -13.05 13.23 -24.56
CA THR A 82 -13.20 14.08 -25.74
C THR A 82 -12.51 13.44 -26.95
N LEU A 83 -11.28 12.97 -26.76
CA LEU A 83 -10.51 12.43 -27.88
C LEU A 83 -11.10 11.12 -28.39
N ARG A 84 -11.68 10.32 -27.49
CA ARG A 84 -12.35 9.11 -27.94
C ARG A 84 -13.51 9.44 -28.87
N GLY A 85 -14.23 10.53 -28.58
CA GLY A 85 -15.28 10.97 -29.48
C GLY A 85 -14.74 11.56 -30.77
N TYR A 86 -13.60 12.26 -30.70
CA TYR A 86 -13.00 12.82 -31.90
C TYR A 86 -12.68 11.74 -32.93
N TYR A 87 -12.27 10.56 -32.46
CA TYR A 87 -11.81 9.49 -33.34
C TYR A 87 -12.81 8.35 -33.44
N ASN A 88 -14.03 8.54 -32.95
CA ASN A 88 -15.11 7.57 -33.09
C ASN A 88 -14.69 6.21 -32.52
N GLN A 89 -14.07 6.24 -31.36
CA GLN A 89 -13.60 5.03 -30.68
C GLN A 89 -14.62 4.59 -29.63
N SER A 90 -14.52 3.30 -29.27
CA SER A 90 -15.39 2.75 -28.24
C SER A 90 -14.83 3.06 -26.86
N GLU A 91 -15.72 3.12 -25.88
CA GLU A 91 -15.33 3.41 -24.50
C GLU A 91 -14.62 2.23 -23.83
N ALA A 92 -14.69 1.04 -24.42
CA ALA A 92 -14.09 -0.14 -23.80
C ALA A 92 -12.58 -0.20 -24.01
N GLY A 93 -12.04 0.59 -24.94
CA GLY A 93 -10.62 0.54 -25.25
C GLY A 93 -9.82 1.50 -24.40
N SER A 94 -8.62 1.06 -24.01
CA SER A 94 -7.72 1.91 -23.25
C SER A 94 -6.93 2.82 -24.17
N HIS A 95 -6.70 4.05 -23.72
CA HIS A 95 -6.02 5.04 -24.55
C HIS A 95 -5.14 5.91 -23.66
N THR A 96 -4.23 6.64 -24.31
CA THR A 96 -3.22 7.41 -23.61
C THR A 96 -3.19 8.85 -24.13
N VAL A 97 -2.99 9.79 -23.22
CA VAL A 97 -2.64 11.16 -23.57
C VAL A 97 -1.35 11.49 -22.83
N GLN A 98 -0.44 12.18 -23.52
CA GLN A 98 0.83 12.58 -22.96
C GLN A 98 1.06 14.06 -23.24
N ARG A 99 1.44 14.79 -22.21
CA ARG A 99 1.75 16.21 -22.34
C ARG A 99 3.18 16.45 -21.88
N MET A 100 3.86 17.36 -22.55
CA MET A 100 5.18 17.82 -22.13
C MET A 100 5.29 19.29 -22.43
N TYR A 101 5.58 20.09 -21.41
CA TYR A 101 5.86 21.50 -21.63
C TYR A 101 7.00 21.92 -20.73
N GLY A 102 7.55 23.08 -21.03
CA GLY A 102 8.68 23.59 -20.28
C GLY A 102 9.45 24.60 -21.10
N CYS A 103 10.53 25.09 -20.48
CA CYS A 103 11.30 26.18 -21.06
C CYS A 103 12.79 25.88 -20.92
N ASP A 104 13.54 26.30 -21.93
CA ASP A 104 14.99 26.28 -21.92
C ASP A 104 15.52 27.68 -21.64
N VAL A 105 16.72 27.74 -21.07
CA VAL A 105 17.49 28.96 -20.97
C VAL A 105 18.85 28.70 -21.57
N GLY A 106 19.51 29.77 -22.01
CA GLY A 106 20.83 29.67 -22.56
C GLY A 106 21.90 29.61 -21.48
N SER A 107 23.15 29.69 -21.92
CA SER A 107 24.26 29.72 -20.97
C SER A 107 24.25 30.99 -20.12
N ASP A 108 23.49 32.00 -20.52
CA ASP A 108 23.34 33.24 -19.77
C ASP A 108 22.10 33.25 -18.90
N TRP A 109 21.41 32.12 -18.77
CA TRP A 109 20.16 31.96 -18.02
C TRP A 109 19.05 32.89 -18.50
N ARG A 110 19.13 33.33 -19.76
CA ARG A 110 18.05 34.08 -20.39
C ARG A 110 17.16 33.12 -21.17
N PHE A 111 15.87 33.44 -21.23
CA PHE A 111 14.92 32.60 -21.95
C PHE A 111 15.42 32.28 -23.35
N LEU A 112 15.39 30.99 -23.69
CA LEU A 112 15.84 30.53 -25.01
C LEU A 112 14.69 29.92 -25.81
N ARG A 113 14.08 28.85 -25.30
CA ARG A 113 13.01 28.16 -25.99
C ARG A 113 11.84 27.92 -25.05
N GLY A 114 10.66 27.82 -25.64
CA GLY A 114 9.50 27.32 -24.94
C GLY A 114 8.83 26.26 -25.80
N TYR A 115 8.21 25.30 -25.14
CA TYR A 115 7.62 24.19 -25.86
C TYR A 115 6.42 23.65 -25.10
N HIS A 116 5.41 23.22 -25.85
CA HIS A 116 4.22 22.58 -25.29
C HIS A 116 3.75 21.55 -26.31
N GLN A 117 3.98 20.27 -26.03
CA GLN A 117 3.67 19.19 -26.95
C GLN A 117 2.62 18.29 -26.34
N TYR A 118 1.71 17.81 -27.19
CA TYR A 118 0.59 16.96 -26.78
C TYR A 118 0.48 15.78 -27.73
N ALA A 119 0.23 14.60 -27.19
CA ALA A 119 0.14 13.40 -27.99
C ALA A 119 -1.03 12.54 -27.51
N TYR A 120 -1.55 11.74 -28.42
CA TYR A 120 -2.65 10.82 -28.14
C TYR A 120 -2.28 9.44 -28.68
N ASP A 121 -2.31 8.43 -27.82
CA ASP A 121 -1.94 7.06 -28.18
C ASP A 121 -0.55 6.99 -28.78
N GLY A 122 0.36 7.83 -28.26
CA GLY A 122 1.75 7.81 -28.68
C GLY A 122 2.05 8.56 -29.96
N LYS A 123 1.05 9.08 -30.66
CA LYS A 123 1.27 9.83 -31.89
C LYS A 123 1.07 11.32 -31.62
N ASP A 124 1.92 12.14 -32.25
CA ASP A 124 1.83 13.58 -32.11
C ASP A 124 0.44 14.08 -32.44
N TYR A 125 -0.13 14.87 -31.53
CA TYR A 125 -1.47 15.43 -31.69
C TYR A 125 -1.39 16.90 -32.07
N ILE A 126 -1.01 17.76 -31.12
CA ILE A 126 -0.88 19.20 -31.37
C ILE A 126 0.33 19.70 -30.59
N ALA A 127 0.91 20.79 -31.06
CA ALA A 127 2.11 21.34 -30.44
C ALA A 127 2.17 22.84 -30.66
N LEU A 128 2.66 23.55 -29.65
CA LEU A 128 2.89 24.98 -29.79
C LEU A 128 4.17 25.22 -30.58
N LYS A 129 4.12 26.16 -31.52
CA LYS A 129 5.30 26.42 -32.33
C LYS A 129 6.36 27.17 -31.53
N GLU A 130 7.54 27.33 -32.14
CA GLU A 130 8.65 27.99 -31.46
C GLU A 130 8.34 29.46 -31.17
N ASP A 131 7.60 30.12 -32.06
CA ASP A 131 7.21 31.50 -31.84
C ASP A 131 6.22 31.68 -30.70
N LEU A 132 5.74 30.58 -30.10
CA LEU A 132 4.84 30.58 -28.95
C LEU A 132 3.56 31.37 -29.21
N ARG A 133 3.13 31.45 -30.47
CA ARG A 133 1.90 32.16 -30.81
C ARG A 133 0.96 31.36 -31.69
N SER A 134 1.43 30.32 -32.37
CA SER A 134 0.61 29.52 -33.26
C SER A 134 0.81 28.05 -32.93
N TRP A 135 0.05 27.19 -33.61
CA TRP A 135 0.03 25.76 -33.31
C TRP A 135 0.23 24.95 -34.58
N THR A 136 0.73 23.73 -34.40
CA THR A 136 0.79 22.73 -35.45
C THR A 136 -0.13 21.58 -35.09
N ALA A 137 -1.09 21.29 -35.96
CA ALA A 137 -2.02 20.20 -35.77
C ALA A 137 -1.63 19.04 -36.68
N ALA A 138 -1.87 17.82 -36.21
CA ALA A 138 -1.45 16.65 -36.97
C ALA A 138 -2.55 16.08 -37.86
N ASP A 139 -3.81 16.19 -37.46
CA ASP A 139 -4.92 15.68 -38.26
C ASP A 139 -6.15 16.55 -37.99
N MET A 140 -7.30 16.12 -38.52
CA MET A 140 -8.50 16.94 -38.43
C MET A 140 -8.96 17.11 -37.00
N ALA A 141 -8.78 16.08 -36.16
CA ALA A 141 -9.16 16.18 -34.77
C ALA A 141 -8.33 17.23 -34.05
N ALA A 142 -7.01 17.22 -34.26
CA ALA A 142 -6.14 18.21 -33.65
C ALA A 142 -6.38 19.59 -34.22
N GLN A 143 -6.83 19.68 -35.47
CA GLN A 143 -7.20 20.98 -36.02
C GLN A 143 -8.43 21.54 -35.30
N THR A 144 -9.34 20.67 -34.89
CA THR A 144 -10.46 21.13 -34.07
C THR A 144 -9.96 21.69 -32.75
N THR A 145 -9.01 21.00 -32.11
CA THR A 145 -8.41 21.51 -30.87
C THR A 145 -7.68 22.82 -31.11
N LYS A 146 -6.94 22.92 -32.23
CA LYS A 146 -6.23 24.15 -32.54
C LYS A 146 -7.18 25.33 -32.67
N HIS A 147 -8.32 25.12 -33.34
CA HIS A 147 -9.29 26.21 -33.46
C HIS A 147 -9.90 26.59 -32.12
N LYS A 148 -10.02 25.62 -31.20
CA LYS A 148 -10.57 25.96 -29.89
C LYS A 148 -9.57 26.77 -29.08
N TRP A 149 -8.29 26.38 -29.12
CA TRP A 149 -7.24 27.07 -28.39
C TRP A 149 -6.86 28.41 -29.03
N GLU A 150 -7.07 28.57 -30.33
CA GLU A 150 -6.88 29.88 -30.97
C GLU A 150 -7.93 30.87 -30.51
N ALA A 151 -9.13 30.39 -30.18
CA ALA A 151 -10.20 31.27 -29.73
C ALA A 151 -10.03 31.63 -28.26
N ALA A 152 -9.70 30.64 -27.42
CA ALA A 152 -9.49 30.88 -26.00
C ALA A 152 -8.16 31.55 -25.69
N HIS A 153 -7.37 31.87 -26.71
CA HIS A 153 -6.07 32.53 -26.53
C HIS A 153 -5.20 31.75 -25.56
N VAL A 154 -5.06 30.46 -25.81
CA VAL A 154 -4.27 29.59 -24.95
C VAL A 154 -2.77 29.84 -25.17
N ALA A 155 -2.37 30.06 -26.42
CA ALA A 155 -0.97 30.34 -26.71
C ALA A 155 -0.50 31.63 -26.05
N GLU A 156 -1.40 32.60 -25.90
CA GLU A 156 -1.06 33.83 -25.21
C GLU A 156 -0.76 33.56 -23.73
N GLN A 157 -1.54 32.68 -23.11
CA GLN A 157 -1.27 32.33 -21.72
C GLN A 157 0.01 31.49 -21.61
N LEU A 158 0.18 30.51 -22.49
CA LEU A 158 1.37 29.68 -22.44
C LEU A 158 2.64 30.48 -22.66
N ARG A 159 2.59 31.46 -23.57
CA ARG A 159 3.78 32.25 -23.87
C ARG A 159 4.19 33.10 -22.67
N ALA A 160 3.21 33.71 -22.01
CA ALA A 160 3.52 34.54 -20.84
C ALA A 160 4.09 33.69 -19.71
N TYR A 161 3.59 32.47 -19.55
CA TYR A 161 4.15 31.55 -18.56
C TYR A 161 5.56 31.11 -18.97
N LEU A 162 5.71 30.64 -20.21
CA LEU A 162 6.98 30.07 -20.64
C LEU A 162 8.11 31.09 -20.57
N GLU A 163 7.87 32.29 -21.10
CA GLU A 163 8.93 33.30 -21.14
C GLU A 163 9.25 33.87 -19.77
N GLY A 164 8.27 33.90 -18.87
CA GLY A 164 8.46 34.58 -17.61
C GLY A 164 8.51 33.66 -16.41
N THR A 165 7.33 33.22 -15.95
CA THR A 165 7.26 32.43 -14.72
C THR A 165 8.07 31.14 -14.85
N CYS A 166 8.06 30.52 -16.02
CA CYS A 166 8.76 29.26 -16.22
C CYS A 166 10.27 29.42 -16.00
N VAL A 167 10.88 30.38 -16.70
CA VAL A 167 12.32 30.57 -16.59
C VAL A 167 12.71 31.09 -15.20
N GLU A 168 11.80 31.77 -14.52
CA GLU A 168 12.10 32.24 -13.17
C GLU A 168 12.15 31.10 -12.18
N TRP A 169 11.25 30.12 -12.32
CA TRP A 169 11.31 28.95 -11.45
C TRP A 169 12.49 28.06 -11.81
N LEU A 170 12.83 27.99 -13.11
CA LEU A 170 14.02 27.25 -13.52
C LEU A 170 15.28 27.89 -12.94
N ARG A 171 15.38 29.22 -13.00
CA ARG A 171 16.51 29.91 -12.41
C ARG A 171 16.59 29.62 -10.91
N ARG A 172 15.46 29.67 -10.23
CA ARG A 172 15.43 29.43 -8.79
C ARG A 172 15.80 27.99 -8.46
N TYR A 173 15.34 27.05 -9.28
CA TYR A 173 15.72 25.65 -9.07
C TYR A 173 17.23 25.46 -9.27
N LEU A 174 17.78 26.05 -10.33
CA LEU A 174 19.22 25.94 -10.57
C LEU A 174 20.01 26.52 -9.40
N GLU A 175 19.49 27.55 -8.76
CA GLU A 175 20.22 28.20 -7.67
C GLU A 175 20.10 27.41 -6.37
N ASN A 176 18.90 26.92 -6.04
CA ASN A 176 18.74 26.14 -4.82
C ASN A 176 19.39 24.77 -4.93
N GLY A 177 19.41 24.18 -6.12
CA GLY A 177 20.04 22.90 -6.32
C GLY A 177 21.39 23.03 -7.00
N LYS A 178 22.07 24.14 -6.75
CA LYS A 178 23.32 24.44 -7.45
C LYS A 178 24.35 23.34 -7.24
N GLU A 179 24.33 22.70 -6.07
CA GLU A 179 25.33 21.68 -5.76
C GLU A 179 25.26 20.51 -6.74
N THR A 180 24.05 20.13 -7.16
CA THR A 180 23.87 18.98 -8.03
C THR A 180 23.43 19.33 -9.44
N LEU A 181 22.70 20.43 -9.62
CA LEU A 181 22.18 20.78 -10.94
C LEU A 181 23.24 21.49 -11.79
N GLN A 182 24.03 22.37 -11.18
CA GLN A 182 25.07 23.10 -11.90
C GLN A 182 26.38 22.32 -11.99
N ARG A 183 26.32 20.99 -11.92
CA ARG A 183 27.49 20.16 -11.98
C ARG A 183 27.61 19.49 -13.35
N THR A 184 28.83 19.08 -13.68
CA THR A 184 29.08 18.21 -14.83
C THR A 184 30.05 17.14 -14.38
N ASP A 185 29.62 15.89 -14.41
CA ASP A 185 30.46 14.74 -14.11
C ASP A 185 31.02 14.22 -15.42
N ALA A 186 32.33 14.35 -15.61
CA ALA A 186 32.93 13.83 -16.82
C ALA A 186 32.87 12.30 -16.80
N PRO A 187 32.75 11.67 -17.97
CA PRO A 187 32.64 10.21 -18.01
C PRO A 187 33.94 9.54 -17.56
N LYS A 188 33.83 8.64 -16.60
CA LYS A 188 34.94 7.76 -16.25
C LYS A 188 34.95 6.61 -17.24
N THR A 189 36.02 6.51 -18.03
CA THR A 189 36.06 5.63 -19.19
C THR A 189 37.07 4.51 -19.00
N HIS A 190 36.82 3.40 -19.72
CA HIS A 190 37.74 2.27 -19.80
C HIS A 190 37.32 1.43 -20.99
N MET A 191 38.17 0.47 -21.36
CA MET A 191 37.91 -0.39 -22.50
C MET A 191 38.07 -1.84 -22.09
N THR A 192 37.21 -2.70 -22.66
CA THR A 192 37.26 -4.14 -22.40
C THR A 192 37.45 -4.88 -23.72
N HIS A 193 37.90 -6.13 -23.60
CA HIS A 193 38.28 -6.93 -24.76
C HIS A 193 37.76 -8.35 -24.56
N HIS A 194 37.12 -8.90 -25.59
CA HIS A 194 36.51 -10.22 -25.52
C HIS A 194 36.76 -10.96 -26.82
N ALA A 195 37.38 -12.14 -26.73
CA ALA A 195 37.61 -12.95 -27.92
C ALA A 195 36.28 -13.57 -28.36
N VAL A 196 35.72 -13.06 -29.47
CA VAL A 196 34.52 -13.66 -30.02
C VAL A 196 34.85 -15.00 -30.67
N SER A 197 35.94 -15.06 -31.43
CA SER A 197 36.43 -16.30 -32.01
C SER A 197 37.95 -16.29 -31.90
N ASP A 198 38.59 -17.28 -32.54
CA ASP A 198 40.04 -17.23 -32.66
C ASP A 198 40.49 -16.25 -33.74
N HIS A 199 39.57 -15.75 -34.56
CA HIS A 199 39.89 -14.78 -35.60
C HIS A 199 39.21 -13.44 -35.40
N GLU A 200 38.60 -13.21 -34.24
CA GLU A 200 37.85 -12.00 -33.98
C GLU A 200 37.96 -11.64 -32.50
N ALA A 201 37.54 -10.42 -32.19
CA ALA A 201 37.61 -9.90 -30.83
C ALA A 201 36.75 -8.64 -30.76
N THR A 202 36.04 -8.48 -29.64
CA THR A 202 35.15 -7.36 -29.42
C THR A 202 35.79 -6.36 -28.47
N LEU A 203 35.97 -5.13 -28.94
CA LEU A 203 36.41 -4.03 -28.10
C LEU A 203 35.19 -3.23 -27.68
N ARG A 204 35.01 -3.06 -26.37
CA ARG A 204 33.88 -2.31 -25.82
C ARG A 204 34.42 -1.10 -25.07
N CYS A 205 33.99 0.09 -25.49
CA CYS A 205 34.42 1.35 -24.92
C CYS A 205 33.35 1.85 -23.96
N TRP A 206 33.73 2.09 -22.72
CA TRP A 206 32.79 2.39 -21.66
C TRP A 206 32.83 3.87 -21.28
N ALA A 207 31.66 4.41 -20.95
CA ALA A 207 31.52 5.74 -20.37
C ALA A 207 30.57 5.60 -19.18
N LEU A 208 31.10 5.78 -17.98
CA LEU A 208 30.34 5.54 -16.76
C LEU A 208 30.30 6.78 -15.90
N SER A 209 29.18 6.93 -15.18
CA SER A 209 29.05 7.90 -14.10
C SER A 209 29.22 9.33 -14.60
N PHE A 210 28.58 9.66 -15.71
CA PHE A 210 28.65 10.99 -16.29
C PHE A 210 27.32 11.71 -16.17
N TYR A 211 27.38 13.04 -16.09
CA TYR A 211 26.20 13.87 -16.04
C TYR A 211 26.60 15.17 -16.73
N PRO A 212 25.77 15.71 -17.63
CA PRO A 212 24.43 15.26 -18.07
C PRO A 212 24.43 13.97 -18.89
N ALA A 213 23.28 13.56 -19.41
CA ALA A 213 23.19 12.32 -20.18
C ALA A 213 23.73 12.47 -21.60
N GLU A 214 23.77 13.68 -22.13
CA GLU A 214 24.25 13.89 -23.50
C GLU A 214 25.72 13.50 -23.60
N ILE A 215 26.03 12.61 -24.54
CA ILE A 215 27.37 12.09 -24.70
C ILE A 215 27.49 11.53 -26.11
N THR A 216 28.72 11.40 -26.60
CA THR A 216 28.99 10.92 -27.94
C THR A 216 30.06 9.84 -27.87
N LEU A 217 29.74 8.65 -28.37
CA LEU A 217 30.68 7.54 -28.46
C LEU A 217 30.78 7.12 -29.92
N THR A 218 31.99 7.18 -30.47
CA THR A 218 32.23 6.80 -31.85
C THR A 218 33.51 5.98 -31.93
N TRP A 219 33.50 4.96 -32.80
CA TRP A 219 34.67 4.14 -33.05
C TRP A 219 35.34 4.56 -34.35
N GLN A 220 36.66 4.47 -34.39
CA GLN A 220 37.45 4.75 -35.59
C GLN A 220 38.40 3.60 -35.86
N ARG A 221 38.62 3.34 -37.15
CA ARG A 221 39.67 2.42 -37.60
C ARG A 221 40.64 3.22 -38.45
N ASP A 222 41.84 3.45 -37.93
CA ASP A 222 42.86 4.24 -38.63
C ASP A 222 42.34 5.64 -38.94
N GLY A 223 41.74 6.27 -37.94
CA GLY A 223 41.23 7.61 -38.06
C GLY A 223 39.86 7.75 -38.70
N GLU A 224 39.34 6.70 -39.31
CA GLU A 224 38.08 6.76 -40.05
C GLU A 224 36.94 6.21 -39.20
N ASP A 225 35.87 6.98 -39.06
CA ASP A 225 34.70 6.54 -38.30
C ASP A 225 34.16 5.23 -38.83
N GLN A 226 33.65 4.40 -37.92
CA GLN A 226 33.24 3.03 -38.26
C GLN A 226 31.83 2.79 -37.74
N THR A 227 30.84 2.97 -38.61
CA THR A 227 29.46 2.70 -38.21
C THR A 227 29.13 1.22 -38.30
N GLN A 228 29.64 0.55 -39.34
CA GLN A 228 29.39 -0.87 -39.51
C GLN A 228 30.11 -1.69 -38.44
N ASP A 229 29.49 -2.81 -38.07
CA ASP A 229 29.99 -3.74 -37.06
C ASP A 229 30.15 -3.09 -35.69
N THR A 230 29.48 -1.95 -35.45
CA THR A 230 29.53 -1.24 -34.19
C THR A 230 28.15 -1.22 -33.56
N GLU A 231 28.10 -1.51 -32.25
CA GLU A 231 26.86 -1.48 -31.49
C GLU A 231 26.91 -0.34 -30.48
N LEU A 232 25.88 0.50 -30.50
CA LEU A 232 25.67 1.51 -29.48
C LEU A 232 24.40 1.17 -28.73
N VAL A 233 24.46 1.26 -27.40
CA VAL A 233 23.28 1.08 -26.57
C VAL A 233 22.74 2.44 -26.19
N GLU A 234 21.44 2.49 -25.89
CA GLU A 234 20.84 3.71 -25.39
C GLU A 234 21.55 4.15 -24.11
N THR A 235 21.71 5.47 -23.96
CA THR A 235 22.25 6.00 -22.72
C THR A 235 21.30 5.68 -21.57
N ARG A 236 21.78 4.87 -20.63
CA ARG A 236 20.94 4.36 -19.57
C ARG A 236 21.28 5.03 -18.24
N PRO A 237 20.31 5.16 -17.33
CA PRO A 237 20.61 5.72 -16.01
C PRO A 237 21.20 4.67 -15.08
N ALA A 238 22.26 5.07 -14.36
CA ALA A 238 22.85 4.17 -13.39
C ALA A 238 21.97 3.98 -12.17
N GLY A 239 21.02 4.87 -11.93
CA GLY A 239 20.18 4.84 -10.76
C GLY A 239 20.60 5.79 -9.66
N ASP A 240 21.84 6.28 -9.71
CA ASP A 240 22.37 7.22 -8.73
C ASP A 240 22.39 8.65 -9.23
N GLY A 241 21.73 8.94 -10.35
CA GLY A 241 21.74 10.27 -10.92
C GLY A 241 22.76 10.48 -12.01
N THR A 242 23.65 9.52 -12.25
CA THR A 242 24.58 9.55 -13.36
C THR A 242 24.11 8.59 -14.44
N PHE A 243 24.78 8.64 -15.58
CA PHE A 243 24.37 7.88 -16.75
C PHE A 243 25.50 7.00 -17.25
N GLN A 244 25.14 6.05 -18.12
CA GLN A 244 26.08 5.08 -18.66
C GLN A 244 25.82 4.94 -20.16
N LYS A 245 26.85 4.47 -20.87
CA LYS A 245 26.77 4.18 -22.29
C LYS A 245 28.04 3.45 -22.69
N TRP A 246 27.92 2.48 -23.59
CA TRP A 246 29.10 1.83 -24.14
C TRP A 246 28.91 1.63 -25.64
N ALA A 247 30.04 1.54 -26.33
CA ALA A 247 30.09 1.30 -27.77
C ALA A 247 31.05 0.15 -28.03
N ALA A 248 30.59 -0.86 -28.75
CA ALA A 248 31.41 -2.02 -29.05
C ALA A 248 31.62 -2.11 -30.56
N VAL A 249 32.73 -2.72 -30.95
CA VAL A 249 33.00 -3.03 -32.35
C VAL A 249 33.72 -4.38 -32.39
N VAL A 250 33.30 -5.23 -33.33
CA VAL A 250 33.96 -6.50 -33.56
C VAL A 250 35.05 -6.29 -34.59
N VAL A 251 36.30 -6.50 -34.18
CA VAL A 251 37.45 -6.17 -35.00
C VAL A 251 38.18 -7.47 -35.35
N PRO A 252 38.98 -7.47 -36.41
CA PRO A 252 39.87 -8.61 -36.67
C PRO A 252 40.92 -8.70 -35.58
N SER A 253 41.10 -9.90 -35.03
CA SER A 253 42.07 -10.10 -33.96
C SER A 253 43.47 -9.76 -34.45
N GLY A 254 44.23 -9.07 -33.59
CA GLY A 254 45.54 -8.58 -33.94
C GLY A 254 45.55 -7.16 -34.48
N GLN A 255 44.39 -6.62 -34.84
CA GLN A 255 44.29 -5.26 -35.35
C GLN A 255 43.61 -4.33 -34.36
N GLU A 256 43.60 -4.68 -33.08
CA GLU A 256 42.90 -3.86 -32.09
C GLU A 256 43.55 -2.50 -31.92
N GLN A 257 44.88 -2.40 -32.10
CA GLN A 257 45.54 -1.12 -32.00
C GLN A 257 45.15 -0.17 -33.13
N ARG A 258 44.55 -0.68 -34.20
CA ARG A 258 44.08 0.18 -35.28
C ARG A 258 42.83 0.95 -34.89
N TYR A 259 42.14 0.52 -33.85
CA TYR A 259 40.86 1.09 -33.45
C TYR A 259 41.02 2.04 -32.27
N THR A 260 40.27 3.13 -32.31
CA THR A 260 40.25 4.11 -31.24
C THR A 260 38.81 4.48 -30.91
N CYS A 261 38.53 4.66 -29.63
CA CYS A 261 37.25 5.15 -29.17
C CYS A 261 37.36 6.63 -28.83
N HIS A 262 36.35 7.40 -29.20
CA HIS A 262 36.35 8.84 -28.96
C HIS A 262 35.11 9.21 -28.16
N VAL A 263 35.33 9.84 -27.01
CA VAL A 263 34.27 10.19 -26.07
C VAL A 263 34.17 11.70 -26.00
N GLN A 264 32.97 12.22 -26.24
CA GLN A 264 32.68 13.64 -26.17
C GLN A 264 31.62 13.87 -25.10
N HIS A 265 31.88 14.82 -24.20
CA HIS A 265 30.94 15.12 -23.13
C HIS A 265 31.16 16.56 -22.69
N GLU A 266 30.14 17.15 -22.08
CA GLU A 266 30.25 18.53 -21.64
C GLU A 266 31.31 18.69 -20.56
N GLY A 267 31.59 17.62 -19.81
CA GLY A 267 32.60 17.64 -18.77
C GLY A 267 34.02 17.39 -19.22
N LEU A 268 34.24 17.20 -20.52
CA LEU A 268 35.58 16.97 -21.06
C LEU A 268 36.08 18.22 -21.77
N PRO A 269 37.11 18.89 -21.25
CA PRO A 269 37.64 20.07 -21.96
C PRO A 269 38.17 19.73 -23.34
N LYS A 270 38.61 18.48 -23.55
CA LYS A 270 39.01 17.96 -24.84
C LYS A 270 38.48 16.54 -24.92
N PRO A 271 38.01 16.11 -26.10
CA PRO A 271 37.47 14.76 -26.21
C PRO A 271 38.53 13.70 -25.93
N LEU A 272 38.11 12.67 -25.21
CA LEU A 272 39.01 11.58 -24.86
C LEU A 272 39.20 10.62 -26.03
N THR A 273 40.40 10.05 -26.12
CA THR A 273 40.71 9.01 -27.09
C THR A 273 41.21 7.79 -26.35
N LEU A 274 40.53 6.66 -26.54
CA LEU A 274 40.89 5.41 -25.88
C LEU A 274 41.32 4.39 -26.91
N ARG A 275 42.23 3.51 -26.50
CA ARG A 275 42.78 2.49 -27.38
C ARG A 275 43.15 1.28 -26.55
N TRP A 276 43.05 0.09 -27.15
CA TRP A 276 43.38 -1.12 -26.43
C TRP A 276 44.87 -1.13 -26.09
N GLU A 277 45.19 -1.17 -24.81
CA GLU A 277 46.58 -1.16 -24.36
C GLU A 277 46.85 -2.35 -23.43
N MET B 1 3.05 -3.19 -33.65
CA MET B 1 1.63 -3.10 -33.96
C MET B 1 1.20 -1.65 -34.02
N GLY B 2 1.86 -0.87 -34.88
CA GLY B 2 1.47 0.52 -35.05
C GLY B 2 1.84 1.40 -33.87
N ILE B 3 0.82 2.03 -33.28
CA ILE B 3 0.94 2.85 -32.08
C ILE B 3 1.50 2.07 -30.90
N GLN B 4 1.79 0.78 -31.09
CA GLN B 4 2.36 -0.08 -30.05
C GLN B 4 3.82 -0.34 -30.39
N ARG B 5 4.71 0.05 -29.49
CA ARG B 5 6.15 -0.07 -29.67
C ARG B 5 6.68 -1.10 -28.69
N THR B 6 7.50 -2.04 -29.20
CA THR B 6 8.07 -3.02 -28.29
C THR B 6 9.23 -2.41 -27.51
N PRO B 7 9.43 -2.82 -26.26
CA PRO B 7 10.48 -2.19 -25.44
C PRO B 7 11.87 -2.70 -25.77
N LYS B 8 12.83 -1.78 -25.70
CA LYS B 8 14.24 -2.14 -25.63
C LYS B 8 14.60 -2.43 -24.17
N ILE B 9 15.46 -3.43 -23.95
CA ILE B 9 15.75 -3.92 -22.62
C ILE B 9 17.26 -3.91 -22.41
N GLN B 10 17.71 -3.26 -21.35
CA GLN B 10 19.10 -3.30 -20.91
C GLN B 10 19.15 -3.68 -19.45
N VAL B 11 19.89 -4.74 -19.14
CA VAL B 11 20.08 -5.20 -17.77
CA VAL B 11 20.09 -5.20 -17.78
C VAL B 11 21.57 -5.06 -17.45
N TYR B 12 21.87 -4.54 -16.26
CA TYR B 12 23.22 -4.11 -15.93
C TYR B 12 23.27 -3.74 -14.45
N SER B 13 24.49 -3.52 -13.97
CA SER B 13 24.72 -3.10 -12.59
C SER B 13 24.97 -1.60 -12.54
N ARG B 14 24.56 -0.99 -11.43
CA ARG B 14 24.78 0.45 -11.24
C ARG B 14 26.27 0.78 -11.22
N HIS B 15 27.06 -0.05 -10.55
CA HIS B 15 28.50 0.10 -10.44
C HIS B 15 29.20 -1.07 -11.10
N PRO B 16 30.45 -0.90 -11.55
CA PRO B 16 31.20 -2.05 -12.08
C PRO B 16 31.15 -3.24 -11.14
N ALA B 17 30.67 -4.38 -11.65
CA ALA B 17 30.38 -5.51 -10.78
C ALA B 17 31.65 -6.18 -10.29
N GLU B 18 31.79 -6.30 -8.97
CA GLU B 18 32.86 -7.05 -8.34
C GLU B 18 32.24 -8.11 -7.45
N ASN B 19 32.70 -9.35 -7.62
CA ASN B 19 32.15 -10.46 -6.85
C ASN B 19 32.26 -10.19 -5.35
N GLY B 20 31.13 -10.35 -4.67
CA GLY B 20 31.06 -10.19 -3.23
C GLY B 20 30.68 -8.81 -2.75
N LYS B 21 30.73 -7.80 -3.61
CA LYS B 21 30.46 -6.42 -3.22
C LYS B 21 29.03 -6.05 -3.58
N SER B 22 28.29 -5.52 -2.61
CA SER B 22 26.92 -5.10 -2.84
C SER B 22 26.84 -4.06 -3.95
N ASN B 23 25.71 -4.06 -4.65
CA ASN B 23 25.54 -3.30 -5.88
C ASN B 23 24.05 -3.12 -6.12
N PHE B 24 23.69 -2.63 -7.30
CA PHE B 24 22.31 -2.54 -7.73
C PHE B 24 22.14 -3.20 -9.08
N LEU B 25 21.16 -4.10 -9.20
CA LEU B 25 20.82 -4.70 -10.48
C LEU B 25 19.73 -3.89 -11.13
N ASN B 26 19.97 -3.46 -12.37
CA ASN B 26 19.08 -2.59 -13.11
C ASN B 26 18.48 -3.33 -14.30
N CYS B 27 17.24 -2.96 -14.63
CA CYS B 27 16.62 -3.35 -15.89
C CYS B 27 15.95 -2.10 -16.45
N TYR B 28 16.53 -1.55 -17.51
CA TYR B 28 16.05 -0.31 -18.12
C TYR B 28 15.26 -0.65 -19.37
N VAL B 29 13.99 -0.29 -19.37
CA VAL B 29 13.10 -0.54 -20.49
C VAL B 29 12.72 0.80 -21.08
N SER B 30 12.89 0.95 -22.40
CA SER B 30 12.62 2.20 -23.08
C SER B 30 12.03 1.91 -24.46
N GLY B 31 11.60 2.97 -25.13
CA GLY B 31 11.09 2.83 -26.48
C GLY B 31 9.77 2.08 -26.61
N PHE B 32 9.01 1.94 -25.54
CA PHE B 32 7.79 1.13 -25.56
C PHE B 32 6.54 1.98 -25.41
N HIS B 33 5.44 1.46 -25.93
CA HIS B 33 4.12 2.07 -25.88
C HIS B 33 3.12 0.95 -26.14
N PRO B 34 2.02 0.85 -25.38
CA PRO B 34 1.58 1.72 -24.28
C PRO B 34 2.41 1.54 -23.01
N SER B 35 2.11 2.33 -21.97
CA SER B 35 2.95 2.36 -20.78
C SER B 35 2.80 1.14 -19.91
N ASP B 36 1.67 0.43 -19.99
CA ASP B 36 1.50 -0.78 -19.20
C ASP B 36 2.60 -1.77 -19.55
N ILE B 37 3.42 -2.10 -18.57
CA ILE B 37 4.57 -2.98 -18.77
C ILE B 37 4.88 -3.66 -17.45
N GLU B 38 5.33 -4.90 -17.52
CA GLU B 38 5.70 -5.65 -16.33
C GLU B 38 7.15 -6.08 -16.45
N VAL B 39 7.92 -5.80 -15.39
CA VAL B 39 9.35 -6.08 -15.37
C VAL B 39 9.68 -6.81 -14.07
N ASP B 40 10.31 -7.98 -14.20
CA ASP B 40 10.75 -8.77 -13.07
C ASP B 40 12.26 -8.96 -13.16
N LEU B 41 12.93 -8.92 -12.02
CA LEU B 41 14.31 -9.34 -11.93
C LEU B 41 14.36 -10.78 -11.44
N LEU B 42 15.22 -11.58 -12.04
CA LEU B 42 15.29 -13.01 -11.78
C LEU B 42 16.65 -13.37 -11.21
N LYS B 43 16.65 -14.27 -10.24
CA LYS B 43 17.88 -14.82 -9.68
C LYS B 43 17.77 -16.33 -9.64
N ASN B 44 18.65 -17.00 -10.39
CA ASN B 44 18.73 -18.46 -10.40
C ASN B 44 17.37 -19.10 -10.70
N GLY B 45 16.60 -18.44 -11.56
CA GLY B 45 15.32 -18.98 -11.99
C GLY B 45 14.15 -18.73 -11.08
N GLU B 46 14.21 -17.71 -10.22
CA GLU B 46 13.06 -17.35 -9.39
C GLU B 46 13.00 -15.83 -9.28
N ARG B 47 11.77 -15.33 -9.11
CA ARG B 47 11.53 -13.90 -9.05
C ARG B 47 12.15 -13.28 -7.81
N ILE B 48 12.76 -12.11 -7.99
CA ILE B 48 13.33 -11.33 -6.89
C ILE B 48 12.26 -10.40 -6.36
N GLU B 49 12.08 -10.38 -5.04
CA GLU B 49 11.16 -9.47 -4.38
C GLU B 49 11.83 -8.14 -4.09
N LYS B 50 11.01 -7.13 -3.79
CA LYS B 50 11.49 -5.80 -3.42
C LYS B 50 12.19 -5.10 -4.58
N VAL B 51 11.67 -5.27 -5.78
CA VAL B 51 12.16 -4.56 -6.95
C VAL B 51 11.38 -3.26 -7.07
N GLU B 52 12.08 -2.15 -7.07
CA GLU B 52 11.47 -0.83 -7.22
C GLU B 52 11.68 -0.33 -8.65
N HIS B 53 10.92 0.70 -9.01
CA HIS B 53 11.02 1.28 -10.34
C HIS B 53 10.84 2.78 -10.28
N SER B 54 11.40 3.46 -11.28
CA SER B 54 11.33 4.91 -11.38
C SER B 54 9.92 5.33 -11.80
N ASP B 55 9.70 6.64 -11.80
CA ASP B 55 8.41 7.19 -12.21
C ASP B 55 8.32 7.26 -13.72
N LEU B 56 7.13 6.92 -14.24
CA LEU B 56 6.94 6.79 -15.68
C LEU B 56 7.21 8.11 -16.40
N SER B 57 8.14 8.07 -17.35
CA SER B 57 8.46 9.21 -18.19
C SER B 57 8.52 8.75 -19.64
N PHE B 58 8.72 9.68 -20.55
CA PHE B 58 8.79 9.35 -21.97
C PHE B 58 9.78 10.26 -22.66
N SER B 59 10.12 9.91 -23.90
CA SER B 59 11.15 10.57 -24.69
C SER B 59 10.51 11.53 -25.68
N LYS B 60 11.31 12.03 -26.63
CA LYS B 60 10.81 12.97 -27.63
C LYS B 60 9.80 12.30 -28.56
N ASP B 61 9.99 11.02 -28.88
CA ASP B 61 9.06 10.26 -29.70
C ASP B 61 7.87 9.73 -28.92
N TRP B 62 7.72 10.14 -27.65
CA TRP B 62 6.63 9.78 -26.74
C TRP B 62 6.72 8.35 -26.23
N SER B 63 7.75 7.61 -26.60
CA SER B 63 7.92 6.26 -26.07
C SER B 63 8.39 6.33 -24.62
N PHE B 64 7.86 5.45 -23.79
CA PHE B 64 8.12 5.49 -22.36
C PHE B 64 9.45 4.84 -22.01
N TYR B 65 9.96 5.20 -20.83
CA TYR B 65 11.12 4.53 -20.26
C TYR B 65 10.96 4.40 -18.76
N LEU B 66 11.50 3.31 -18.22
CA LEU B 66 11.47 3.01 -16.79
C LEU B 66 12.77 2.32 -16.41
N LEU B 67 13.21 2.58 -15.19
CA LEU B 67 14.33 1.86 -14.59
C LEU B 67 13.82 1.02 -13.43
N TYR B 68 14.00 -0.28 -13.51
CA TYR B 68 13.72 -1.19 -12.42
C TYR B 68 15.03 -1.55 -11.74
N TYR B 69 15.03 -1.61 -10.41
CA TYR B 69 16.28 -1.78 -9.70
C TYR B 69 16.03 -2.38 -8.33
N THR B 70 17.04 -3.08 -7.83
CA THR B 70 17.05 -3.62 -6.49
C THR B 70 18.49 -3.90 -6.10
N GLU B 71 18.74 -3.97 -4.80
CA GLU B 71 20.07 -4.29 -4.32
C GLU B 71 20.41 -5.75 -4.63
N PHE B 72 21.67 -5.99 -4.94
CA PHE B 72 22.14 -7.35 -5.19
C PHE B 72 23.65 -7.37 -5.03
N THR B 73 24.18 -8.58 -4.87
CA THR B 73 25.62 -8.80 -4.74
C THR B 73 26.08 -9.81 -5.78
N PRO B 74 26.79 -9.37 -6.82
CA PRO B 74 27.27 -10.33 -7.82
C PRO B 74 28.20 -11.36 -7.19
N THR B 75 28.04 -12.61 -7.61
CA THR B 75 28.92 -13.68 -7.18
C THR B 75 29.42 -14.44 -8.40
N GLU B 76 30.21 -15.48 -8.15
CA GLU B 76 30.66 -16.34 -9.24
C GLU B 76 29.54 -17.21 -9.77
N LYS B 77 28.66 -17.68 -8.87
CA LYS B 77 27.70 -18.72 -9.23
C LYS B 77 26.31 -18.19 -9.57
N ASP B 78 25.93 -17.01 -9.10
CA ASP B 78 24.54 -16.58 -9.19
C ASP B 78 24.25 -15.97 -10.56
N GLU B 79 23.17 -16.44 -11.18
CA GLU B 79 22.73 -15.97 -12.49
C GLU B 79 21.58 -14.99 -12.32
N TYR B 80 21.73 -13.81 -12.92
CA TYR B 80 20.72 -12.76 -12.83
C TYR B 80 20.19 -12.43 -14.20
N ALA B 81 18.96 -11.94 -14.25
CA ALA B 81 18.30 -11.67 -15.51
C ALA B 81 17.11 -10.75 -15.26
N CYS B 82 16.56 -10.24 -16.35
CA CYS B 82 15.31 -9.49 -16.36
C CYS B 82 14.28 -10.20 -17.23
N ARG B 83 13.01 -10.11 -16.84
CA ARG B 83 11.92 -10.60 -17.65
C ARG B 83 10.88 -9.50 -17.82
N VAL B 84 10.58 -9.19 -19.08
CA VAL B 84 9.74 -8.06 -19.45
C VAL B 84 8.54 -8.58 -20.21
N ASN B 85 7.36 -8.07 -19.84
CA ASN B 85 6.11 -8.45 -20.48
C ASN B 85 5.42 -7.18 -20.98
N HIS B 86 4.88 -7.25 -22.19
CA HIS B 86 4.30 -6.09 -22.82
C HIS B 86 3.29 -6.56 -23.86
N VAL B 87 2.38 -5.65 -24.24
CA VAL B 87 1.36 -5.99 -25.24
C VAL B 87 2.00 -6.43 -26.54
N THR B 88 3.18 -5.87 -26.86
CA THR B 88 3.87 -6.18 -28.11
C THR B 88 4.47 -7.58 -28.14
N LEU B 89 4.53 -8.27 -27.00
CA LEU B 89 5.23 -9.55 -26.89
C LEU B 89 4.23 -10.70 -26.78
N SER B 90 4.46 -11.75 -27.58
CA SER B 90 3.64 -12.95 -27.50
C SER B 90 4.04 -13.84 -26.34
N GLN B 91 5.27 -13.72 -25.86
CA GLN B 91 5.78 -14.35 -24.66
C GLN B 91 6.52 -13.31 -23.84
N PRO B 92 6.61 -13.50 -22.53
CA PRO B 92 7.56 -12.69 -21.76
C PRO B 92 8.98 -12.88 -22.27
N LYS B 93 9.70 -11.78 -22.37
CA LYS B 93 11.08 -11.80 -22.86
C LYS B 93 12.04 -11.81 -21.69
N ILE B 94 13.01 -12.71 -21.72
CA ILE B 94 14.04 -12.82 -20.70
C ILE B 94 15.36 -12.36 -21.28
N VAL B 95 16.01 -11.43 -20.59
CA VAL B 95 17.33 -10.94 -20.95
C VAL B 95 18.27 -11.22 -19.79
N LYS B 96 19.25 -12.08 -20.02
CA LYS B 96 20.20 -12.43 -18.96
C LYS B 96 21.21 -11.29 -18.76
N TRP B 97 21.69 -11.17 -17.54
CA TRP B 97 22.66 -10.14 -17.20
C TRP B 97 24.05 -10.53 -17.69
N ASP B 98 24.64 -9.68 -18.52
CA ASP B 98 26.02 -9.85 -18.95
C ASP B 98 26.86 -8.87 -18.14
N ARG B 99 27.88 -9.39 -17.46
CA ARG B 99 28.67 -8.59 -16.53
C ARG B 99 29.30 -7.38 -17.21
N ASP B 100 29.70 -7.51 -18.47
CA ASP B 100 30.35 -6.44 -19.22
C ASP B 100 29.44 -5.88 -20.32
N MET B 101 28.17 -5.69 -20.02
CA MET B 101 27.23 -5.12 -20.99
C MET B 101 26.16 -4.26 -20.30
N SER C 1 7.76 25.03 -11.35
CA SER C 1 6.37 25.18 -10.93
C SER C 1 5.42 24.95 -12.11
N LEU C 2 4.28 24.31 -11.84
CA LEU C 2 3.37 23.90 -12.91
C LEU C 2 2.61 25.07 -13.49
N LEU C 3 2.02 24.82 -14.67
CA LEU C 3 1.01 25.71 -15.20
C LEU C 3 -0.17 25.77 -14.24
N MET C 4 -0.78 26.95 -14.12
CA MET C 4 -1.92 27.08 -13.22
C MET C 4 -3.15 26.43 -13.82
N TRP C 5 -3.34 26.55 -15.13
CA TRP C 5 -4.53 26.09 -15.80
C TRP C 5 -4.16 25.52 -17.17
N ILE C 6 -4.76 24.39 -17.53
CA ILE C 6 -4.60 23.81 -18.86
C ILE C 6 -5.98 23.59 -19.45
N THR C 7 -6.19 24.09 -20.67
CA THR C 7 -7.48 24.01 -21.33
C THR C 7 -7.65 22.66 -22.01
N GLN C 8 -8.88 22.14 -21.98
CA GLN C 8 -9.15 20.84 -22.56
C GLN C 8 -9.02 20.91 -24.08
N VAL C 9 -8.76 19.74 -24.67
CA VAL C 9 -8.65 19.63 -26.12
C VAL C 9 -10.06 19.63 -26.73
N ALA D 3 -23.57 7.80 -7.71
CA ALA D 3 -24.87 8.44 -7.89
C ALA D 3 -24.76 9.95 -7.82
N ALA D 4 -25.84 10.59 -7.36
CA ALA D 4 -25.88 12.05 -7.24
C ALA D 4 -25.41 12.53 -5.88
N GLU D 5 -25.34 11.65 -4.87
CA GLU D 5 -24.93 12.04 -3.54
C GLU D 5 -23.50 12.59 -3.54
N ARG D 6 -22.58 11.86 -4.17
CA ARG D 6 -21.20 12.33 -4.24
C ARG D 6 -21.09 13.58 -5.12
N LEU D 7 -22.00 13.74 -6.08
CA LEU D 7 -22.01 14.95 -6.89
C LEU D 7 -22.36 16.17 -6.05
N GLN D 8 -23.35 16.04 -5.16
CA GLN D 8 -23.72 17.13 -4.27
C GLN D 8 -22.57 17.51 -3.32
N LYS D 9 -21.78 16.52 -2.89
CA LYS D 9 -20.63 16.83 -2.05
C LYS D 9 -19.59 17.63 -2.80
N MET D 10 -19.38 17.33 -4.09
CA MET D 10 -18.46 18.11 -4.91
C MET D 10 -18.96 19.53 -5.13
N LEU D 11 -20.28 19.70 -5.25
CA LEU D 11 -20.85 21.04 -5.36
C LEU D 11 -20.64 21.85 -4.08
N GLU D 12 -20.67 21.19 -2.92
CA GLU D 12 -20.36 21.89 -1.67
C GLU D 12 -18.89 22.26 -1.60
N GLU D 13 -18.01 21.38 -2.06
CA GLU D 13 -16.58 21.70 -2.08
C GLU D 13 -16.29 22.83 -3.05
N ALA D 14 -16.97 22.86 -4.20
CA ALA D 14 -16.85 23.98 -5.13
C ALA D 14 -17.29 25.28 -4.49
N LYS D 15 -18.40 25.25 -3.74
CA LYS D 15 -18.87 26.44 -3.04
C LYS D 15 -17.82 26.97 -2.05
N GLU D 16 -17.10 26.06 -1.39
CA GLU D 16 -16.07 26.49 -0.45
C GLU D 16 -14.84 27.04 -1.17
N LEU D 17 -14.47 26.43 -2.31
CA LEU D 17 -13.34 26.93 -3.07
C LEU D 17 -13.64 28.29 -3.68
N LEU D 18 -14.85 28.47 -4.23
CA LEU D 18 -15.27 29.79 -4.67
C LEU D 18 -15.33 30.78 -3.50
N LYS D 19 -15.65 30.29 -2.30
CA LYS D 19 -15.64 31.14 -1.11
C LYS D 19 -14.24 31.64 -0.81
N LYS D 20 -13.28 30.71 -0.65
CA LYS D 20 -11.90 31.09 -0.41
C LYS D 20 -11.35 31.96 -1.54
N SER D 21 -11.84 31.75 -2.77
CA SER D 21 -11.38 32.55 -3.90
C SER D 21 -11.83 34.00 -3.78
N LYS D 22 -13.11 34.22 -3.45
CA LYS D 22 -13.60 35.57 -3.22
C LYS D 22 -12.84 36.27 -2.11
N GLU D 23 -12.44 35.52 -1.08
CA GLU D 23 -11.70 36.13 0.03
C GLU D 23 -10.36 36.69 -0.44
N TYR D 24 -9.57 35.88 -1.14
CA TYR D 24 -8.26 36.36 -1.58
C TYR D 24 -8.37 37.36 -2.72
N LEU D 25 -9.45 37.30 -3.49
CA LEU D 25 -9.68 38.33 -4.51
C LEU D 25 -9.84 39.70 -3.88
N GLU D 26 -10.61 39.78 -2.78
CA GLU D 26 -10.77 41.06 -2.10
C GLU D 26 -9.50 41.47 -1.37
N LYS D 27 -8.75 40.50 -0.85
CA LYS D 27 -7.46 40.82 -0.23
C LYS D 27 -6.50 41.44 -1.26
N ALA D 28 -6.53 40.95 -2.49
CA ALA D 28 -5.67 41.52 -3.54
C ALA D 28 -6.18 42.88 -3.99
N LYS D 29 -7.50 43.06 -4.07
CA LYS D 29 -8.05 44.36 -4.43
C LYS D 29 -7.74 45.39 -3.36
N LYS D 30 -7.73 44.99 -2.09
CA LYS D 30 -7.36 45.89 -1.01
C LYS D 30 -5.92 46.35 -1.14
N LEU D 31 -5.01 45.40 -1.38
CA LEU D 31 -3.59 45.76 -1.54
C LEU D 31 -3.36 46.63 -2.77
N LEU D 32 -4.15 46.43 -3.83
CA LEU D 32 -4.04 47.29 -5.00
C LEU D 32 -4.43 48.72 -4.67
N LYS D 33 -5.44 48.90 -3.82
CA LYS D 33 -5.85 50.24 -3.42
C LYS D 33 -4.85 50.89 -2.47
N GLU D 34 -4.03 50.10 -1.79
CA GLU D 34 -2.98 50.63 -0.92
C GLU D 34 -1.68 50.91 -1.66
N GLY D 35 -1.57 50.55 -2.93
CA GLY D 35 -0.35 50.74 -3.68
C GLY D 35 0.66 49.62 -3.57
N LYS D 36 0.27 48.47 -3.01
CA LYS D 36 1.16 47.33 -2.86
C LYS D 36 0.86 46.36 -4.00
N VAL D 37 1.55 46.54 -5.12
CA VAL D 37 1.27 45.75 -6.32
C VAL D 37 1.79 44.32 -6.13
N ASP D 38 3.05 44.19 -5.69
CA ASP D 38 3.63 42.85 -5.53
C ASP D 38 2.91 42.04 -4.46
N GLU D 39 2.41 42.69 -3.41
CA GLU D 39 1.67 41.97 -2.38
C GLU D 39 0.32 41.48 -2.89
N ALA D 40 -0.34 42.29 -3.73
CA ALA D 40 -1.63 41.88 -4.27
C ALA D 40 -1.48 40.74 -5.27
N LEU D 41 -0.37 40.71 -6.01
CA LEU D 41 -0.15 39.64 -6.99
C LEU D 41 -0.07 38.28 -6.32
N LYS D 42 0.54 38.21 -5.13
CA LYS D 42 0.62 36.94 -4.41
C LYS D 42 -0.76 36.48 -3.93
N GLU D 43 -1.58 37.41 -3.43
CA GLU D 43 -2.94 37.05 -3.02
C GLU D 43 -3.78 36.65 -4.22
N LEU D 44 -3.60 37.35 -5.35
CA LEU D 44 -4.31 36.97 -6.57
C LEU D 44 -3.91 35.57 -7.01
N GLU D 45 -2.65 35.19 -6.78
CA GLU D 45 -2.21 33.82 -7.07
C GLU D 45 -3.04 32.80 -6.33
N LYS D 46 -3.13 32.94 -5.00
CA LYS D 46 -3.93 32.00 -4.22
C LYS D 46 -5.40 32.03 -4.65
N ALA D 47 -5.94 33.23 -4.91
CA ALA D 47 -7.32 33.34 -5.36
C ALA D 47 -7.55 32.55 -6.63
N LEU D 48 -6.64 32.69 -7.61
CA LEU D 48 -6.76 31.95 -8.85
C LEU D 48 -6.61 30.45 -8.62
N LEU D 49 -5.79 30.04 -7.65
CA LEU D 49 -5.61 28.62 -7.37
C LEU D 49 -6.92 27.98 -6.92
N TYR D 50 -7.58 28.56 -5.92
CA TYR D 50 -8.87 28.05 -5.48
C TYR D 50 -9.90 28.09 -6.61
N LEU D 51 -9.81 29.10 -7.48
CA LEU D 51 -10.78 29.21 -8.57
C LEU D 51 -10.61 28.07 -9.57
N VAL D 52 -9.36 27.73 -9.91
CA VAL D 52 -9.09 26.67 -10.88
C VAL D 52 -9.70 25.36 -10.41
N GLU D 53 -9.56 25.06 -9.12
CA GLU D 53 -10.11 23.82 -8.56
C GLU D 53 -11.63 23.77 -8.71
N ALA D 54 -12.29 24.91 -8.60
CA ALA D 54 -13.75 24.94 -8.66
C ALA D 54 -14.27 24.76 -10.08
N VAL D 55 -13.51 25.14 -11.09
CA VAL D 55 -14.01 25.13 -12.46
C VAL D 55 -13.85 23.77 -13.14
N ASN D 56 -12.92 22.92 -12.66
CA ASN D 56 -12.76 21.59 -13.23
C ASN D 56 -13.89 20.66 -12.81
N LEU D 57 -14.40 20.81 -11.59
CA LEU D 57 -15.52 20.01 -11.12
C LEU D 57 -16.69 20.11 -12.09
N LEU D 58 -16.99 21.32 -12.55
CA LEU D 58 -18.11 21.53 -13.44
C LEU D 58 -17.84 21.02 -14.85
N ARG D 59 -16.57 21.02 -15.28
CA ARG D 59 -16.22 20.34 -16.53
C ARG D 59 -16.56 18.85 -16.44
N VAL D 60 -16.29 18.25 -15.28
CA VAL D 60 -16.69 16.87 -15.05
C VAL D 60 -18.20 16.75 -14.92
N VAL D 61 -18.83 17.74 -14.26
CA VAL D 61 -20.28 17.72 -14.09
C VAL D 61 -21.00 17.83 -15.43
N SER D 62 -20.47 18.65 -16.34
CA SER D 62 -21.05 18.79 -17.67
C SER D 62 -21.02 17.47 -18.46
N ALA D 63 -20.30 16.47 -17.98
CA ALA D 63 -20.32 15.12 -18.53
C ALA D 63 -21.12 14.15 -17.68
N GLU D 64 -21.04 14.31 -16.35
CA GLU D 64 -21.78 13.46 -15.42
C GLU D 64 -23.25 13.84 -15.32
N LEU D 65 -23.65 14.97 -15.91
CA LEU D 65 -25.05 15.38 -15.97
C LEU D 65 -25.56 15.57 -17.39
N GLY D 66 -24.68 15.84 -18.36
CA GLY D 66 -25.10 16.09 -19.72
C GLY D 66 -26.06 17.25 -19.87
N ASP D 67 -25.96 18.25 -19.00
CA ASP D 67 -26.84 19.42 -19.04
C ASP D 67 -26.18 20.48 -19.91
N ALA D 68 -26.78 20.74 -21.08
CA ALA D 68 -26.18 21.68 -22.02
C ALA D 68 -26.16 23.11 -21.47
N GLU D 69 -27.18 23.49 -20.69
CA GLU D 69 -27.14 24.80 -20.04
C GLU D 69 -25.97 24.91 -19.07
N LEU D 70 -25.67 23.82 -18.35
CA LEU D 70 -24.48 23.81 -17.52
C LEU D 70 -23.22 23.81 -18.38
N LYS D 71 -23.22 23.05 -19.48
CA LYS D 71 -22.06 23.01 -20.37
C LYS D 71 -21.73 24.38 -20.97
N ALA D 72 -22.71 25.28 -21.04
CA ALA D 72 -22.44 26.62 -21.54
C ALA D 72 -21.85 27.52 -20.46
N LEU D 73 -22.35 27.41 -19.22
CA LEU D 73 -21.86 28.25 -18.14
C LEU D 73 -20.40 27.95 -17.82
N VAL D 74 -20.03 26.66 -17.79
CA VAL D 74 -18.66 26.28 -17.44
C VAL D 74 -17.68 26.77 -18.48
N GLU D 75 -18.03 26.64 -19.77
CA GLU D 75 -17.11 27.02 -20.82
C GLU D 75 -16.83 28.52 -20.80
N GLU D 76 -17.86 29.34 -20.57
CA GLU D 76 -17.65 30.77 -20.43
C GLU D 76 -16.86 31.11 -19.17
N ALA D 77 -17.05 30.33 -18.10
CA ALA D 77 -16.22 30.53 -16.91
C ALA D 77 -14.76 30.17 -17.19
N GLU D 78 -14.52 29.17 -18.03
CA GLU D 78 -13.15 28.89 -18.48
C GLU D 78 -12.62 30.04 -19.33
N LYS D 79 -13.47 30.59 -20.19
CA LYS D 79 -13.09 31.70 -21.05
C LYS D 79 -12.45 32.85 -20.26
N TYR D 80 -13.02 33.17 -19.10
CA TYR D 80 -12.50 34.29 -18.31
C TYR D 80 -11.42 33.87 -17.32
N LEU D 81 -11.46 32.63 -16.82
CA LEU D 81 -10.35 32.16 -16.01
C LEU D 81 -9.08 32.04 -16.83
N ASN D 82 -9.20 31.56 -18.07
CA ASN D 82 -8.04 31.49 -18.95
C ASN D 82 -7.43 32.88 -19.14
N LYS D 83 -8.27 33.90 -19.36
CA LYS D 83 -7.75 35.25 -19.55
C LYS D 83 -7.22 35.84 -18.25
N ALA D 84 -7.84 35.50 -17.12
CA ALA D 84 -7.34 35.97 -15.84
C ALA D 84 -5.97 35.37 -15.54
N VAL D 85 -5.80 34.07 -15.82
CA VAL D 85 -4.50 33.43 -15.69
C VAL D 85 -3.51 34.05 -16.68
N THR D 86 -4.00 34.39 -17.88
CA THR D 86 -3.14 35.03 -18.88
C THR D 86 -2.56 36.33 -18.35
N TYR D 87 -3.41 37.21 -17.81
CA TYR D 87 -2.92 38.49 -17.33
C TYR D 87 -2.15 38.35 -16.02
N TYR D 88 -2.43 37.30 -15.24
CA TYR D 88 -1.60 37.04 -14.07
C TYR D 88 -0.17 36.73 -14.48
N TYR D 89 0.01 35.95 -15.56
CA TYR D 89 1.35 35.63 -16.04
C TYR D 89 2.00 36.85 -16.69
N LYS D 90 1.21 37.67 -17.38
CA LYS D 90 1.74 38.92 -17.92
C LYS D 90 2.19 39.86 -16.81
N ALA D 91 1.49 39.84 -15.66
CA ALA D 91 1.91 40.65 -14.53
C ALA D 91 3.25 40.19 -13.99
N LYS D 92 3.47 38.86 -13.94
CA LYS D 92 4.72 38.31 -13.45
C LYS D 92 5.86 38.45 -14.46
N LEU D 93 5.55 38.65 -15.74
CA LEU D 93 6.58 38.79 -16.75
C LEU D 93 7.04 40.23 -16.95
N THR D 94 6.11 41.18 -16.94
CA THR D 94 6.48 42.58 -17.15
C THR D 94 7.28 43.10 -15.95
N LYS D 95 8.12 44.10 -16.22
CA LYS D 95 8.92 44.74 -15.19
C LYS D 95 8.51 46.19 -14.93
N ASP D 96 7.73 46.78 -15.81
CA ASP D 96 7.24 48.14 -15.58
C ASP D 96 6.26 48.15 -14.43
N PRO D 97 6.46 48.97 -13.39
CA PRO D 97 5.54 48.95 -12.25
C PRO D 97 4.12 49.31 -12.62
N GLU D 98 3.93 50.35 -13.43
CA GLU D 98 2.57 50.74 -13.84
C GLU D 98 1.92 49.64 -14.66
N GLU D 99 2.67 49.07 -15.61
CA GLU D 99 2.13 48.01 -16.45
C GLU D 99 1.78 46.76 -15.64
N LYS D 100 2.59 46.45 -14.62
CA LYS D 100 2.29 45.30 -13.79
C LYS D 100 1.00 45.52 -12.99
N LYS D 101 0.82 46.71 -12.42
CA LYS D 101 -0.42 47.01 -11.71
C LYS D 101 -1.61 46.94 -12.66
N LYS D 102 -1.43 47.39 -13.90
CA LYS D 102 -2.51 47.32 -14.88
C LYS D 102 -2.88 45.87 -15.18
N TYR D 103 -1.91 44.98 -15.21
CA TYR D 103 -2.19 43.57 -15.49
C TYR D 103 -2.86 42.90 -14.29
N VAL D 104 -2.48 43.29 -13.07
CA VAL D 104 -3.15 42.75 -11.88
C VAL D 104 -4.60 43.18 -11.86
N GLU D 105 -4.89 44.40 -12.31
CA GLU D 105 -6.27 44.87 -12.41
C GLU D 105 -7.05 44.05 -13.43
N LYS D 106 -6.50 43.91 -14.64
CA LYS D 106 -7.16 43.15 -15.69
C LYS D 106 -7.37 41.69 -15.28
N SER D 107 -6.41 41.14 -14.53
CA SER D 107 -6.52 39.76 -14.07
C SER D 107 -7.67 39.58 -13.09
N ILE D 108 -7.75 40.45 -12.09
CA ILE D 108 -8.84 40.39 -11.11
C ILE D 108 -10.19 40.58 -11.80
N GLU D 109 -10.24 41.41 -12.85
CA GLU D 109 -11.49 41.65 -13.55
C GLU D 109 -12.01 40.38 -14.21
N TYR D 110 -11.17 39.73 -15.02
CA TYR D 110 -11.58 38.47 -15.64
C TYR D 110 -11.82 37.39 -14.60
N ALA D 111 -11.11 37.45 -13.47
CA ALA D 111 -11.30 36.46 -12.42
C ALA D 111 -12.64 36.65 -11.71
N GLU D 112 -13.02 37.89 -11.44
CA GLU D 112 -14.33 38.17 -10.85
C GLU D 112 -15.46 37.76 -11.79
N LYS D 113 -15.33 38.09 -13.07
CA LYS D 113 -16.33 37.66 -14.05
C LYS D 113 -16.38 36.14 -14.17
N ALA D 114 -15.23 35.48 -14.04
CA ALA D 114 -15.23 34.02 -14.11
C ALA D 114 -15.89 33.40 -12.89
N LEU D 115 -15.55 33.89 -11.69
CA LEU D 115 -16.14 33.35 -10.47
C LEU D 115 -17.64 33.58 -10.44
N LYS D 116 -18.11 34.72 -10.96
CA LYS D 116 -19.55 34.98 -11.01
C LYS D 116 -20.28 33.93 -11.83
N ILE D 117 -19.73 33.58 -12.99
CA ILE D 117 -20.31 32.51 -13.81
C ILE D 117 -20.12 31.16 -13.14
N ALA D 118 -19.10 31.02 -12.29
CA ALA D 118 -18.91 29.76 -11.58
C ALA D 118 -19.97 29.56 -10.50
N GLU D 119 -20.34 30.65 -9.81
CA GLU D 119 -21.40 30.56 -8.82
C GLU D 119 -22.74 30.25 -9.47
N GLU D 120 -23.01 30.85 -10.64
CA GLU D 120 -24.24 30.55 -11.37
C GLU D 120 -24.28 29.10 -11.81
N ALA D 121 -23.13 28.55 -12.22
CA ALA D 121 -23.07 27.14 -12.58
C ALA D 121 -23.32 26.22 -11.38
N VAL D 122 -22.94 26.66 -10.18
CA VAL D 122 -23.20 25.86 -8.99
C VAL D 122 -24.69 25.83 -8.68
N LYS D 123 -25.36 26.97 -8.80
CA LYS D 123 -26.80 27.00 -8.52
C LYS D 123 -27.59 26.19 -9.54
N LEU D 124 -27.22 26.26 -10.82
CA LEU D 124 -27.91 25.47 -11.83
C LEU D 124 -27.67 23.98 -11.65
N ALA D 125 -26.43 23.61 -11.29
CA ALA D 125 -26.13 22.20 -11.02
C ALA D 125 -26.84 21.70 -9.77
N GLU D 126 -27.02 22.58 -8.76
CA GLU D 126 -27.69 22.17 -7.54
C GLU D 126 -29.13 21.75 -7.79
N LYS D 127 -29.84 22.48 -8.66
CA LYS D 127 -31.21 22.12 -8.97
C LYS D 127 -31.28 20.80 -9.76
N VAL D 128 -30.34 20.60 -10.69
CA VAL D 128 -30.36 19.38 -11.49
C VAL D 128 -30.09 18.14 -10.65
N VAL D 129 -29.29 18.27 -9.57
CA VAL D 129 -29.01 17.13 -8.70
C VAL D 129 -30.11 16.87 -7.68
N ALA D 130 -31.02 17.82 -7.49
CA ALA D 130 -32.13 17.66 -6.56
C ALA D 130 -33.22 16.75 -7.14
N GLU E 1 16.37 -32.91 -23.07
CA GLU E 1 15.52 -31.75 -23.34
C GLU E 1 14.37 -31.69 -22.34
N VAL E 2 14.01 -30.47 -21.95
CA VAL E 2 12.91 -30.26 -21.01
C VAL E 2 11.63 -30.12 -21.81
N LYS E 3 10.61 -30.90 -21.43
CA LYS E 3 9.28 -30.82 -22.01
C LYS E 3 8.28 -30.57 -20.88
N LEU E 4 7.27 -29.76 -21.18
CA LEU E 4 6.22 -29.42 -20.22
C LEU E 4 4.90 -30.01 -20.70
N VAL E 5 4.41 -31.00 -19.97
CA VAL E 5 3.18 -31.70 -20.31
C VAL E 5 2.06 -31.17 -19.42
N GLU E 6 1.01 -30.66 -20.03
CA GLU E 6 -0.13 -30.09 -19.33
C GLU E 6 -1.37 -30.96 -19.50
N SER E 7 -2.31 -30.80 -18.57
CA SER E 7 -3.57 -31.51 -18.64
C SER E 7 -4.58 -30.79 -17.77
N GLY E 8 -5.85 -31.08 -18.02
CA GLY E 8 -6.94 -30.58 -17.20
C GLY E 8 -7.82 -29.53 -17.86
N GLY E 9 -7.44 -29.00 -19.01
CA GLY E 9 -8.24 -27.97 -19.65
C GLY E 9 -9.56 -28.52 -20.16
N GLY E 10 -10.51 -27.62 -20.36
CA GLY E 10 -11.80 -28.01 -20.91
C GLY E 10 -12.87 -26.98 -20.59
N LEU E 11 -14.11 -27.45 -20.58
CA LEU E 11 -15.28 -26.61 -20.41
C LEU E 11 -15.78 -26.67 -18.97
N VAL E 12 -16.17 -25.53 -18.43
CA VAL E 12 -16.64 -25.43 -17.05
C VAL E 12 -17.64 -24.29 -16.95
N GLN E 13 -18.64 -24.46 -16.07
CA GLN E 13 -19.68 -23.47 -15.89
C GLN E 13 -19.15 -22.29 -15.06
N PRO E 14 -19.74 -21.10 -15.23
CA PRO E 14 -19.36 -19.98 -14.35
C PRO E 14 -19.62 -20.32 -12.89
N GLY E 15 -18.72 -19.87 -12.02
CA GLY E 15 -18.72 -20.26 -10.63
C GLY E 15 -18.11 -21.61 -10.35
N GLY E 16 -17.83 -22.41 -11.37
CA GLY E 16 -17.28 -23.73 -11.19
C GLY E 16 -15.78 -23.71 -10.93
N SER E 17 -15.22 -24.91 -10.85
CA SER E 17 -13.81 -25.07 -10.53
C SER E 17 -13.16 -26.08 -11.47
N LEU E 18 -11.86 -25.89 -11.67
CA LEU E 18 -11.07 -26.73 -12.56
C LEU E 18 -9.67 -26.88 -11.96
N ARG E 19 -9.07 -28.05 -12.15
CA ARG E 19 -7.73 -28.31 -11.64
C ARG E 19 -6.80 -28.63 -12.81
N LEU E 20 -5.88 -27.72 -13.11
CA LEU E 20 -4.86 -27.96 -14.12
C LEU E 20 -3.63 -28.60 -13.49
N SER E 21 -2.88 -29.32 -14.33
CA SER E 21 -1.67 -29.98 -13.87
C SER E 21 -0.60 -29.86 -14.95
N CYS E 22 0.65 -29.79 -14.51
CA CYS E 22 1.77 -29.68 -15.44
C CYS E 22 3.00 -30.36 -14.85
N ALA E 23 3.53 -31.34 -15.58
CA ALA E 23 4.73 -32.07 -15.16
C ALA E 23 5.88 -31.73 -16.10
N ALA E 24 7.08 -31.65 -15.53
CA ALA E 24 8.30 -31.42 -16.29
C ALA E 24 9.00 -32.73 -16.57
N SER E 25 9.36 -32.97 -17.83
CA SER E 25 10.03 -34.19 -18.25
C SER E 25 11.41 -33.89 -18.79
N GLY E 26 12.31 -34.86 -18.66
CA GLY E 26 13.68 -34.74 -19.11
C GLY E 26 14.64 -34.16 -18.10
N SER E 27 14.14 -33.74 -16.93
CA SER E 27 14.99 -33.19 -15.89
C SER E 27 14.30 -33.38 -14.54
N ILE E 28 15.10 -33.61 -13.51
CA ILE E 28 14.57 -33.78 -12.16
C ILE E 28 15.04 -32.68 -11.21
N PHE E 29 16.10 -31.95 -11.53
CA PHE E 29 16.54 -30.85 -10.67
C PHE E 29 16.95 -29.61 -11.47
N SER E 30 16.62 -29.54 -12.75
CA SER E 30 17.04 -28.40 -13.58
C SER E 30 16.09 -27.21 -13.45
N ILE E 31 14.82 -27.44 -13.17
CA ILE E 31 13.80 -26.41 -13.23
C ILE E 31 13.59 -25.83 -11.84
N ASN E 32 13.63 -24.51 -11.74
CA ASN E 32 13.31 -23.80 -10.50
C ASN E 32 11.85 -23.41 -10.52
N THR E 33 11.53 -22.19 -10.97
CA THR E 33 10.15 -21.74 -10.97
C THR E 33 9.33 -22.47 -12.03
N MET E 34 8.15 -22.92 -11.63
CA MET E 34 7.13 -23.44 -12.54
C MET E 34 5.83 -22.70 -12.27
N GLY E 35 5.03 -22.53 -13.31
CA GLY E 35 3.81 -21.76 -13.16
C GLY E 35 2.99 -21.71 -14.42
N TRP E 36 2.07 -20.75 -14.45
CA TRP E 36 1.05 -20.65 -15.47
C TRP E 36 0.91 -19.22 -15.95
N TYR E 37 0.91 -19.04 -17.26
CA TYR E 37 0.44 -17.84 -17.91
C TYR E 37 -0.83 -18.17 -18.68
N ARG E 38 -1.65 -17.16 -18.94
CA ARG E 38 -2.85 -17.35 -19.75
C ARG E 38 -2.90 -16.28 -20.83
N GLN E 39 -3.53 -16.61 -21.94
CA GLN E 39 -3.48 -15.72 -23.09
C GLN E 39 -4.72 -15.92 -23.93
N THR E 40 -5.32 -14.81 -24.32
CA THR E 40 -6.35 -14.77 -25.34
C THR E 40 -5.76 -14.24 -26.65
N PRO E 41 -6.32 -14.61 -27.80
CA PRO E 41 -5.71 -14.20 -29.06
C PRO E 41 -5.63 -12.68 -29.19
N GLY E 42 -4.46 -12.21 -29.60
CA GLY E 42 -4.23 -10.80 -29.85
C GLY E 42 -3.50 -10.06 -28.75
N LYS E 43 -3.49 -10.58 -27.53
CA LYS E 43 -2.89 -9.90 -26.39
C LYS E 43 -1.67 -10.67 -25.90
N GLN E 44 -0.98 -10.05 -24.95
CA GLN E 44 0.11 -10.73 -24.26
C GLN E 44 -0.45 -11.80 -23.34
N ARG E 45 0.41 -12.76 -22.97
CA ARG E 45 0.04 -13.73 -21.97
C ARG E 45 0.33 -13.17 -20.58
N ASP E 46 -0.65 -13.27 -19.69
CA ASP E 46 -0.58 -12.71 -18.34
C ASP E 46 -0.29 -13.80 -17.33
N LEU E 47 0.50 -13.46 -16.31
CA LEU E 47 0.80 -14.40 -15.24
C LEU E 47 -0.48 -14.76 -14.49
N VAL E 48 -0.67 -16.07 -14.31
CA VAL E 48 -1.77 -16.59 -13.51
C VAL E 48 -1.23 -16.87 -12.11
N ALA E 49 -0.21 -17.72 -12.03
CA ALA E 49 0.44 -18.06 -10.78
C ALA E 49 1.73 -18.79 -11.10
N ASP E 50 2.72 -18.64 -10.22
CA ASP E 50 3.93 -19.44 -10.35
C ASP E 50 4.53 -19.67 -8.98
N ILE E 51 5.44 -20.64 -8.90
CA ILE E 51 5.98 -21.09 -7.63
C ILE E 51 7.38 -21.65 -7.87
N SER E 52 8.33 -21.24 -7.04
CA SER E 52 9.69 -21.71 -7.15
C SER E 52 9.83 -23.10 -6.51
N SER E 53 11.03 -23.67 -6.65
CA SER E 53 11.32 -24.94 -6.00
C SER E 53 11.33 -24.80 -4.49
N GLY E 54 11.49 -23.58 -3.96
CA GLY E 54 11.43 -23.33 -2.55
C GLY E 54 10.07 -22.93 -2.04
N GLY E 55 9.07 -22.86 -2.89
CA GLY E 55 7.72 -22.54 -2.48
C GLY E 55 7.35 -21.07 -2.57
N SER E 56 8.23 -20.21 -3.07
CA SER E 56 7.90 -18.80 -3.26
C SER E 56 6.87 -18.65 -4.38
N THR E 57 5.69 -18.13 -4.05
CA THR E 57 4.58 -18.09 -4.97
C THR E 57 4.16 -16.66 -5.27
N LYS E 58 3.66 -16.46 -6.49
CA LYS E 58 3.14 -15.18 -6.94
C LYS E 58 1.88 -15.43 -7.76
N TYR E 59 0.86 -14.61 -7.52
CA TYR E 59 -0.41 -14.73 -8.22
C TYR E 59 -0.69 -13.46 -9.02
N GLY E 60 -1.32 -13.63 -10.18
CA GLY E 60 -1.84 -12.48 -10.90
C GLY E 60 -2.99 -11.83 -10.16
N ASP E 61 -3.13 -10.52 -10.35
CA ASP E 61 -4.12 -9.76 -9.60
C ASP E 61 -5.54 -10.28 -9.85
N SER E 62 -5.84 -10.64 -11.09
CA SER E 62 -7.20 -11.04 -11.45
C SER E 62 -7.57 -12.43 -10.95
N VAL E 63 -6.66 -13.18 -10.33
CA VAL E 63 -6.97 -14.52 -9.86
C VAL E 63 -6.65 -14.68 -8.37
N LYS E 64 -6.07 -13.65 -7.76
CA LYS E 64 -5.77 -13.70 -6.34
C LYS E 64 -7.03 -13.92 -5.53
N GLY E 65 -6.95 -14.83 -4.56
CA GLY E 65 -8.09 -15.16 -3.74
C GLY E 65 -8.98 -16.26 -4.29
N ARG E 66 -8.82 -16.61 -5.55
CA ARG E 66 -9.61 -17.64 -6.20
C ARG E 66 -8.80 -18.81 -6.71
N PHE E 67 -7.56 -18.58 -7.14
CA PHE E 67 -6.70 -19.64 -7.63
C PHE E 67 -5.67 -20.00 -6.58
N THR E 68 -5.27 -21.27 -6.57
CA THR E 68 -4.24 -21.77 -5.68
C THR E 68 -3.30 -22.66 -6.48
N ILE E 69 -2.02 -22.34 -6.45
CA ILE E 69 -1.00 -23.16 -7.11
C ILE E 69 -0.28 -23.98 -6.04
N SER E 70 0.06 -25.21 -6.37
CA SER E 70 0.80 -26.09 -5.48
C SER E 70 1.81 -26.87 -6.32
N ARG E 71 2.71 -27.57 -5.63
CA ARG E 71 3.85 -28.17 -6.32
C ARG E 71 4.34 -29.40 -5.59
N ASP E 72 4.75 -30.40 -6.37
CA ASP E 72 5.43 -31.60 -5.87
C ASP E 72 6.77 -31.67 -6.58
N ASN E 73 7.83 -31.22 -5.90
CA ASN E 73 9.17 -31.22 -6.51
C ASN E 73 9.66 -32.62 -6.82
N THR E 74 9.27 -33.62 -6.01
CA THR E 74 9.80 -34.97 -6.20
C THR E 74 9.41 -35.55 -7.55
N LYS E 75 8.37 -35.02 -8.18
CA LYS E 75 8.01 -35.39 -9.55
C LYS E 75 7.76 -34.17 -10.42
N ASN E 76 8.28 -33.01 -10.01
CA ASN E 76 8.33 -31.78 -10.82
C ASN E 76 6.98 -31.46 -11.45
N THR E 77 5.93 -31.44 -10.64
CA THR E 77 4.58 -31.18 -11.11
C THR E 77 3.99 -30.01 -10.34
N VAL E 78 3.36 -29.09 -11.05
CA VAL E 78 2.61 -28.01 -10.44
C VAL E 78 1.13 -28.25 -10.69
N TYR E 79 0.31 -27.68 -9.81
CA TYR E 79 -1.13 -27.85 -9.87
C TYR E 79 -1.78 -26.47 -9.79
N LEU E 80 -2.83 -26.27 -10.58
CA LEU E 80 -3.57 -25.01 -10.56
C LEU E 80 -5.03 -25.32 -10.19
N GLN E 81 -5.38 -25.08 -8.92
CA GLN E 81 -6.76 -25.15 -8.48
C GLN E 81 -7.43 -23.82 -8.80
N MET E 82 -8.30 -23.81 -9.79
CA MET E 82 -9.00 -22.61 -10.22
C MET E 82 -10.42 -22.66 -9.68
N ASN E 83 -10.71 -21.82 -8.69
CA ASN E 83 -12.04 -21.75 -8.10
C ASN E 83 -12.78 -20.52 -8.62
N SER E 84 -14.11 -20.59 -8.55
CA SER E 84 -14.99 -19.47 -8.86
C SER E 84 -14.69 -18.90 -10.24
N LEU E 85 -14.62 -19.78 -11.23
CA LEU E 85 -14.22 -19.36 -12.56
C LEU E 85 -15.29 -18.49 -13.20
N LYS E 86 -14.87 -17.38 -13.77
CA LYS E 86 -15.72 -16.46 -14.50
C LYS E 86 -15.46 -16.60 -16.00
N PRO E 87 -16.40 -16.15 -16.84
CA PRO E 87 -16.14 -16.19 -18.29
C PRO E 87 -14.88 -15.46 -18.72
N GLU E 88 -14.41 -14.48 -17.93
CA GLU E 88 -13.20 -13.75 -18.28
C GLU E 88 -11.93 -14.58 -18.05
N ASP E 89 -12.02 -15.72 -17.38
CA ASP E 89 -10.89 -16.62 -17.26
C ASP E 89 -10.70 -17.49 -18.49
N THR E 90 -11.60 -17.39 -19.48
CA THR E 90 -11.44 -18.13 -20.71
C THR E 90 -10.20 -17.67 -21.44
N ALA E 91 -9.25 -18.59 -21.64
CA ALA E 91 -8.00 -18.32 -22.33
C ALA E 91 -7.26 -19.65 -22.49
N VAL E 92 -6.15 -19.59 -23.22
CA VAL E 92 -5.21 -20.70 -23.28
C VAL E 92 -4.26 -20.55 -22.10
N TYR E 93 -4.13 -21.61 -21.31
CA TYR E 93 -3.28 -21.59 -20.12
C TYR E 93 -1.98 -22.33 -20.43
N TYR E 94 -0.87 -21.60 -20.42
CA TYR E 94 0.45 -22.12 -20.70
C TYR E 94 1.17 -22.42 -19.39
N CYS E 95 1.64 -23.64 -19.25
CA CYS E 95 2.61 -23.95 -18.21
C CYS E 95 3.99 -23.48 -18.64
N TYR E 96 4.79 -23.04 -17.68
CA TYR E 96 6.13 -22.60 -18.00
C TYR E 96 7.07 -22.95 -16.85
N GLY E 97 8.37 -22.98 -17.17
CA GLY E 97 9.39 -23.24 -16.17
C GLY E 97 10.62 -22.41 -16.45
N LEU E 98 11.37 -22.15 -15.38
CA LEU E 98 12.64 -21.44 -15.44
C LEU E 98 13.74 -22.34 -14.92
N SER E 99 14.76 -22.57 -15.73
CA SER E 99 15.95 -23.24 -15.23
C SER E 99 16.65 -22.35 -14.19
N TYR E 100 17.60 -22.95 -13.46
CA TYR E 100 18.38 -22.16 -12.52
C TYR E 100 19.34 -21.20 -13.22
N SER E 101 19.46 -21.27 -14.54
CA SER E 101 20.18 -20.27 -15.31
C SER E 101 19.23 -19.34 -16.06
N ASN E 102 17.98 -19.23 -15.60
CA ASN E 102 17.00 -18.29 -16.13
C ASN E 102 16.63 -18.61 -17.59
N ASP E 103 16.70 -19.88 -17.96
CA ASP E 103 16.18 -20.33 -19.25
C ASP E 103 14.71 -20.69 -19.10
N ASP E 104 13.87 -20.10 -19.94
CA ASP E 104 12.44 -20.35 -19.86
C ASP E 104 12.02 -21.47 -20.80
N TYR E 105 11.04 -22.24 -20.36
CA TYR E 105 10.44 -23.32 -21.14
C TYR E 105 8.93 -23.17 -21.07
N TRP E 106 8.25 -23.55 -22.15
CA TRP E 106 6.81 -23.37 -22.25
C TRP E 106 6.15 -24.64 -22.77
N GLY E 107 4.97 -24.93 -22.22
CA GLY E 107 4.14 -26.01 -22.73
C GLY E 107 3.27 -25.56 -23.88
N GLN E 108 2.58 -26.55 -24.48
CA GLN E 108 1.73 -26.26 -25.64
C GLN E 108 0.48 -25.46 -25.27
N GLY E 109 0.05 -25.51 -24.02
CA GLY E 109 -1.12 -24.78 -23.56
C GLY E 109 -2.35 -25.65 -23.55
N THR E 110 -3.24 -25.37 -22.59
CA THR E 110 -4.55 -26.02 -22.53
C THR E 110 -5.63 -24.95 -22.60
N GLN E 111 -6.65 -25.19 -23.42
CA GLN E 111 -7.77 -24.26 -23.52
C GLN E 111 -8.71 -24.45 -22.34
N VAL E 112 -9.09 -23.34 -21.72
CA VAL E 112 -10.05 -23.33 -20.62
C VAL E 112 -11.17 -22.39 -21.01
N THR E 113 -12.40 -22.91 -21.05
CA THR E 113 -13.57 -22.15 -21.50
C THR E 113 -14.61 -22.14 -20.39
N VAL E 114 -14.94 -20.95 -19.91
CA VAL E 114 -15.96 -20.76 -18.89
C VAL E 114 -17.16 -20.12 -19.58
N SER E 115 -18.24 -20.88 -19.73
CA SER E 115 -19.44 -20.38 -20.40
C SER E 115 -20.64 -21.18 -19.94
N SER E 116 -21.77 -20.50 -19.75
CA SER E 116 -23.01 -21.16 -19.37
C SER E 116 -23.61 -21.90 -20.56
N GLY F 3 -24.55 -28.29 19.43
CA GLY F 3 -23.61 -27.60 20.30
C GLY F 3 -23.86 -26.11 20.39
N SER F 4 -23.20 -25.47 21.35
CA SER F 4 -23.34 -24.03 21.53
C SER F 4 -22.69 -23.28 20.37
N HIS F 5 -23.04 -22.01 20.25
CA HIS F 5 -22.47 -21.14 19.24
C HIS F 5 -22.35 -19.72 19.81
N SER F 6 -21.28 -19.04 19.41
CA SER F 6 -20.99 -17.71 19.89
C SER F 6 -20.73 -16.78 18.72
N MET F 7 -21.10 -15.52 18.90
CA MET F 7 -20.68 -14.43 18.05
C MET F 7 -19.97 -13.41 18.93
N ARG F 8 -18.73 -13.07 18.57
CA ARG F 8 -17.92 -12.19 19.39
C ARG F 8 -17.22 -11.17 18.51
N TYR F 9 -17.20 -9.93 18.95
CA TYR F 9 -16.47 -8.85 18.30
C TYR F 9 -15.34 -8.41 19.20
N PHE F 10 -14.13 -8.29 18.63
CA PHE F 10 -12.95 -7.89 19.37
C PHE F 10 -12.45 -6.56 18.81
N PHE F 11 -12.21 -5.60 19.69
CA PHE F 11 -11.75 -4.28 19.30
C PHE F 11 -10.48 -3.94 20.04
N THR F 12 -9.50 -3.40 19.30
CA THR F 12 -8.25 -2.93 19.88
C THR F 12 -7.96 -1.53 19.36
N SER F 13 -7.49 -0.66 20.26
CA SER F 13 -7.09 0.69 19.89
C SER F 13 -5.79 1.02 20.61
N VAL F 14 -4.76 1.37 19.84
CA VAL F 14 -3.44 1.68 20.36
C VAL F 14 -3.13 3.13 20.00
N SER F 15 -2.86 3.95 21.02
CA SER F 15 -2.50 5.33 20.75
C SER F 15 -1.10 5.39 20.16
N ARG F 16 -0.91 6.32 19.23
CA ARG F 16 0.37 6.52 18.55
C ARG F 16 0.77 7.98 18.70
N PRO F 17 1.27 8.37 19.87
CA PRO F 17 1.57 9.79 20.12
C PRO F 17 2.65 10.31 19.19
N GLY F 18 2.41 11.50 18.66
CA GLY F 18 3.29 12.05 17.64
C GLY F 18 3.39 11.24 16.36
N ARG F 19 2.49 10.28 16.14
CA ARG F 19 2.52 9.48 14.93
C ARG F 19 1.17 9.37 14.22
N GLY F 20 0.13 10.06 14.71
CA GLY F 20 -1.16 10.11 14.07
C GLY F 20 -2.25 9.67 15.01
N GLU F 21 -3.43 9.46 14.44
CA GLU F 21 -4.57 8.98 15.20
C GLU F 21 -4.34 7.53 15.63
N PRO F 22 -5.06 7.08 16.67
CA PRO F 22 -4.81 5.74 17.19
C PRO F 22 -5.11 4.66 16.17
N ARG F 23 -4.28 3.62 16.16
CA ARG F 23 -4.55 2.43 15.36
C ARG F 23 -5.80 1.74 15.93
N PHE F 24 -6.74 1.40 15.05
CA PHE F 24 -7.96 0.73 15.46
C PHE F 24 -8.15 -0.52 14.64
N ILE F 25 -8.34 -1.66 15.31
CA ILE F 25 -8.54 -2.94 14.65
C ILE F 25 -9.75 -3.62 15.27
N ALA F 26 -10.68 -4.05 14.42
CA ALA F 26 -11.87 -4.77 14.85
C ALA F 26 -11.97 -6.06 14.06
N VAL F 27 -12.31 -7.14 14.75
CA VAL F 27 -12.50 -8.44 14.12
C VAL F 27 -13.78 -9.08 14.68
N GLY F 28 -14.46 -9.83 13.83
CA GLY F 28 -15.68 -10.50 14.24
C GLY F 28 -15.57 -12.00 14.04
N TYR F 29 -16.05 -12.76 15.02
CA TYR F 29 -15.96 -14.21 15.01
C TYR F 29 -17.34 -14.82 15.20
N VAL F 30 -17.59 -15.90 14.47
CA VAL F 30 -18.66 -16.83 14.79
C VAL F 30 -17.96 -18.13 15.19
N ASP F 31 -18.04 -18.47 16.48
CA ASP F 31 -17.30 -19.59 17.07
C ASP F 31 -15.82 -19.29 16.85
N ASP F 32 -15.06 -20.20 16.23
CA ASP F 32 -13.64 -19.97 15.95
C ASP F 32 -13.39 -19.61 14.49
N THR F 33 -14.39 -19.03 13.83
CA THR F 33 -14.30 -18.62 12.43
C THR F 33 -14.45 -17.11 12.34
N GLN F 34 -13.40 -16.43 11.90
CA GLN F 34 -13.46 -14.99 11.68
C GLN F 34 -14.21 -14.71 10.39
N PHE F 35 -15.04 -13.67 10.39
CA PHE F 35 -15.83 -13.34 9.21
C PHE F 35 -15.80 -11.88 8.80
N VAL F 36 -15.33 -10.96 9.65
CA VAL F 36 -15.20 -9.56 9.28
C VAL F 36 -13.93 -8.99 9.92
N ARG F 37 -13.38 -7.97 9.27
CA ARG F 37 -12.25 -7.23 9.80
C ARG F 37 -12.44 -5.75 9.48
N PHE F 38 -11.85 -4.90 10.31
CA PHE F 38 -11.67 -3.50 10.00
C PHE F 38 -10.34 -3.05 10.59
N ASP F 39 -9.58 -2.28 9.81
CA ASP F 39 -8.30 -1.75 10.25
C ASP F 39 -8.23 -0.30 9.84
N SER F 40 -8.07 0.60 10.82
CA SER F 40 -7.96 2.02 10.52
C SER F 40 -6.79 2.33 9.60
N ASP F 41 -5.79 1.44 9.52
CA ASP F 41 -4.66 1.66 8.63
C ASP F 41 -4.86 1.08 7.24
N ALA F 42 -5.83 0.19 7.06
CA ALA F 42 -6.06 -0.36 5.74
C ALA F 42 -6.61 0.72 4.82
N ALA F 43 -6.43 0.50 3.51
CA ALA F 43 -6.76 1.51 2.52
C ALA F 43 -8.26 1.61 2.23
N SER F 44 -8.99 0.51 2.40
CA SER F 44 -10.40 0.49 2.03
C SER F 44 -11.24 1.42 2.89
N GLN F 45 -10.86 1.59 4.16
CA GLN F 45 -11.66 2.31 5.15
C GLN F 45 -13.04 1.69 5.33
N ARG F 46 -13.17 0.41 4.99
CA ARG F 46 -14.43 -0.32 5.01
C ARG F 46 -14.29 -1.56 5.88
N MET F 47 -15.42 -2.05 6.36
CA MET F 47 -15.47 -3.37 6.95
C MET F 47 -15.32 -4.41 5.86
N GLU F 48 -14.39 -5.32 6.04
CA GLU F 48 -14.07 -6.23 4.95
C GLU F 48 -14.52 -7.65 5.25
N PRO F 49 -14.99 -8.40 4.26
CA PRO F 49 -15.39 -9.79 4.50
C PRO F 49 -14.18 -10.68 4.71
N ARG F 50 -14.31 -11.62 5.64
CA ARG F 50 -13.26 -12.60 5.90
C ARG F 50 -13.75 -14.03 5.84
N ALA F 51 -15.00 -14.27 5.46
CA ALA F 51 -15.54 -15.60 5.30
C ALA F 51 -16.38 -15.60 4.03
N PRO F 52 -16.40 -16.71 3.30
CA PRO F 52 -17.18 -16.72 2.05
C PRO F 52 -18.67 -16.53 2.28
N TRP F 53 -19.20 -16.95 3.43
CA TRP F 53 -20.64 -16.88 3.64
C TRP F 53 -21.12 -15.49 4.03
N ILE F 54 -20.22 -14.61 4.48
CA ILE F 54 -20.64 -13.25 4.81
C ILE F 54 -20.68 -12.37 3.55
N GLU F 55 -20.00 -12.77 2.48
CA GLU F 55 -20.08 -12.03 1.23
C GLU F 55 -21.48 -12.08 0.62
N GLN F 56 -22.37 -12.92 1.12
CA GLN F 56 -23.77 -12.89 0.67
C GLN F 56 -24.45 -11.59 1.04
N GLU F 57 -23.96 -10.87 2.04
CA GLU F 57 -24.63 -9.66 2.50
C GLU F 57 -24.46 -8.54 1.49
N GLY F 58 -25.53 -7.77 1.31
CA GLY F 58 -25.55 -6.72 0.30
C GLY F 58 -24.85 -5.47 0.77
N PRO F 59 -24.92 -4.44 -0.08
CA PRO F 59 -24.20 -3.19 0.23
C PRO F 59 -24.72 -2.48 1.46
N GLU F 60 -26.01 -2.64 1.79
CA GLU F 60 -26.57 -2.00 2.98
C GLU F 60 -25.91 -2.55 4.25
N TYR F 61 -25.57 -3.84 4.25
CA TYR F 61 -24.90 -4.42 5.41
C TYR F 61 -23.50 -3.83 5.57
N TRP F 62 -22.73 -3.80 4.48
CA TRP F 62 -21.36 -3.30 4.57
C TRP F 62 -21.33 -1.80 4.83
N ASP F 63 -22.31 -1.06 4.32
CA ASP F 63 -22.41 0.35 4.67
C ASP F 63 -22.70 0.52 6.16
N GLY F 64 -23.67 -0.24 6.68
CA GLY F 64 -24.01 -0.11 8.09
C GLY F 64 -22.89 -0.57 9.01
N GLU F 65 -22.24 -1.68 8.68
CA GLU F 65 -21.16 -2.18 9.50
C GLU F 65 -19.95 -1.24 9.46
N THR F 66 -19.66 -0.66 8.30
CA THR F 66 -18.56 0.29 8.22
C THR F 66 -18.82 1.53 9.05
N ARG F 67 -20.03 2.10 8.95
CA ARG F 67 -20.34 3.29 9.71
C ARG F 67 -20.40 3.01 11.21
N LYS F 68 -20.77 1.79 11.61
CA LYS F 68 -20.83 1.46 13.03
C LYS F 68 -19.44 1.20 13.59
N VAL F 69 -18.60 0.46 12.86
CA VAL F 69 -17.22 0.28 13.29
C VAL F 69 -16.48 1.61 13.25
N LYS F 70 -16.94 2.55 12.41
CA LYS F 70 -16.37 3.89 12.44
C LYS F 70 -16.66 4.56 13.77
N ALA F 71 -17.89 4.44 14.27
CA ALA F 71 -18.25 5.00 15.56
C ALA F 71 -17.51 4.33 16.72
N HIS F 72 -17.23 3.03 16.60
CA HIS F 72 -16.46 2.34 17.63
C HIS F 72 -15.07 2.94 17.76
N SER F 73 -14.42 3.20 16.62
CA SER F 73 -13.06 3.73 16.65
C SER F 73 -13.03 5.13 17.23
N GLN F 74 -14.02 5.97 16.90
CA GLN F 74 -14.04 7.32 17.44
C GLN F 74 -14.27 7.30 18.95
N THR F 75 -15.09 6.37 19.42
CA THR F 75 -15.33 6.26 20.86
C THR F 75 -14.07 5.82 21.59
N HIS F 76 -13.36 4.84 21.03
CA HIS F 76 -12.11 4.39 21.64
C HIS F 76 -11.04 5.47 21.60
N ARG F 77 -11.04 6.30 20.54
CA ARG F 77 -10.06 7.37 20.47
C ARG F 77 -10.28 8.37 21.59
N VAL F 78 -11.53 8.63 21.94
CA VAL F 78 -11.83 9.47 23.10
C VAL F 78 -11.55 8.73 24.40
N ASP F 79 -11.75 7.41 24.43
CA ASP F 79 -11.46 6.63 25.63
C ASP F 79 -9.97 6.69 25.97
N LEU F 80 -9.12 6.69 24.95
CA LEU F 80 -7.68 6.77 25.19
C LEU F 80 -7.30 8.08 25.88
N GLY F 81 -7.88 9.19 25.44
CA GLY F 81 -7.59 10.46 26.10
C GLY F 81 -8.18 10.54 27.49
N THR F 82 -9.38 9.97 27.67
CA THR F 82 -10.05 10.03 28.97
C THR F 82 -9.34 9.13 29.98
N LEU F 83 -9.01 7.90 29.59
CA LEU F 83 -8.35 6.97 30.49
C LEU F 83 -6.95 7.46 30.86
N ARG F 84 -6.28 8.14 29.92
CA ARG F 84 -4.99 8.75 30.26
C ARG F 84 -5.15 9.76 31.37
N GLY F 85 -6.28 10.47 31.39
CA GLY F 85 -6.59 11.39 32.46
C GLY F 85 -7.01 10.69 33.74
N TYR F 86 -7.80 9.62 33.63
CA TYR F 86 -8.20 8.84 34.80
C TYR F 86 -6.99 8.36 35.58
N TYR F 87 -5.94 7.92 34.89
CA TYR F 87 -4.77 7.35 35.53
C TYR F 87 -3.59 8.32 35.57
N ASN F 88 -3.81 9.58 35.17
CA ASN F 88 -2.81 10.64 35.30
C ASN F 88 -1.51 10.28 34.58
N GLN F 89 -1.65 9.84 33.32
CA GLN F 89 -0.52 9.43 32.51
C GLN F 89 -0.13 10.54 31.54
N SER F 90 1.12 10.50 31.08
CA SER F 90 1.57 11.52 30.16
C SER F 90 1.05 11.23 28.76
N GLU F 91 0.94 12.29 27.96
CA GLU F 91 0.43 12.16 26.61
C GLU F 91 1.43 11.53 25.66
N ALA F 92 2.69 11.37 26.06
CA ALA F 92 3.71 10.83 25.16
C ALA F 92 3.68 9.31 25.09
N GLY F 93 3.08 8.64 26.07
CA GLY F 93 3.09 7.18 26.09
C GLY F 93 1.98 6.58 25.25
N SER F 94 2.26 5.39 24.72
CA SER F 94 1.28 4.61 23.97
C SER F 94 0.49 3.73 24.93
N HIS F 95 -0.82 3.67 24.71
CA HIS F 95 -1.70 2.89 25.57
C HIS F 95 -2.69 2.12 24.70
N THR F 96 -3.32 1.12 25.31
CA THR F 96 -4.21 0.21 24.60
C THR F 96 -5.55 0.14 25.31
N VAL F 97 -6.62 0.17 24.53
CA VAL F 97 -7.96 -0.15 25.02
C VAL F 97 -8.50 -1.32 24.19
N GLN F 98 -9.01 -2.33 24.88
CA GLN F 98 -9.54 -3.51 24.22
C GLN F 98 -10.98 -3.72 24.67
N ARG F 99 -11.85 -4.01 23.71
CA ARG F 99 -13.24 -4.28 24.00
C ARG F 99 -13.63 -5.62 23.38
N MET F 100 -14.54 -6.33 24.05
CA MET F 100 -15.05 -7.59 23.54
C MET F 100 -16.49 -7.72 23.98
N TYR F 101 -17.40 -7.90 23.01
CA TYR F 101 -18.79 -8.18 23.33
C TYR F 101 -19.35 -9.18 22.34
N GLY F 102 -20.46 -9.79 22.73
CA GLY F 102 -21.09 -10.79 21.90
C GLY F 102 -22.04 -11.64 22.73
N CYS F 103 -22.58 -12.66 22.07
CA CYS F 103 -23.61 -13.50 22.66
C CYS F 103 -23.31 -14.97 22.40
N ASP F 104 -23.86 -15.81 23.27
CA ASP F 104 -23.83 -17.26 23.11
C ASP F 104 -25.26 -17.76 22.97
N VAL F 105 -25.41 -18.81 22.19
CA VAL F 105 -26.66 -19.55 22.13
C VAL F 105 -26.35 -21.00 22.47
N GLY F 106 -27.30 -21.66 23.13
CA GLY F 106 -27.14 -23.06 23.42
C GLY F 106 -27.27 -23.90 22.16
N SER F 107 -27.30 -25.21 22.37
CA SER F 107 -27.49 -26.13 21.25
C SER F 107 -28.88 -25.97 20.63
N ASP F 108 -29.81 -25.33 21.34
CA ASP F 108 -31.14 -25.03 20.81
C ASP F 108 -31.21 -23.68 20.10
N TRP F 109 -30.07 -22.99 19.97
CA TRP F 109 -29.96 -21.66 19.35
C TRP F 109 -30.80 -20.60 20.06
N ARG F 110 -31.10 -20.81 21.33
CA ARG F 110 -31.75 -19.83 22.18
C ARG F 110 -30.68 -19.09 22.99
N PHE F 111 -30.97 -17.82 23.32
CA PHE F 111 -30.00 -16.99 24.04
C PHE F 111 -29.49 -17.70 25.29
N LEU F 112 -28.17 -17.85 25.38
CA LEU F 112 -27.51 -18.45 26.53
C LEU F 112 -26.85 -17.38 27.38
N ARG F 113 -25.74 -16.80 26.92
CA ARG F 113 -25.06 -15.75 27.65
C ARG F 113 -24.89 -14.51 26.77
N GLY F 114 -24.76 -13.37 27.43
CA GLY F 114 -24.29 -12.17 26.78
C GLY F 114 -23.16 -11.58 27.60
N TYR F 115 -22.25 -10.89 26.92
CA TYR F 115 -21.08 -10.36 27.61
C TYR F 115 -20.59 -9.10 26.91
N HIS F 116 -19.93 -8.24 27.69
CA HIS F 116 -19.33 -7.01 27.17
C HIS F 116 -18.22 -6.61 28.14
N GLN F 117 -16.98 -6.87 27.74
CA GLN F 117 -15.82 -6.61 28.56
C GLN F 117 -14.99 -5.49 27.96
N TYR F 118 -14.33 -4.74 28.84
CA TYR F 118 -13.49 -3.61 28.45
C TYR F 118 -12.20 -3.69 29.25
N ALA F 119 -11.08 -3.35 28.63
CA ALA F 119 -9.79 -3.46 29.30
C ALA F 119 -8.88 -2.30 28.89
N TYR F 120 -8.03 -1.88 29.81
CA TYR F 120 -7.06 -0.81 29.57
C TYR F 120 -5.66 -1.36 29.82
N ASP F 121 -4.81 -1.25 28.80
CA ASP F 121 -3.40 -1.71 28.88
C ASP F 121 -3.32 -3.17 29.28
N GLY F 122 -4.24 -3.98 28.77
CA GLY F 122 -4.24 -5.40 29.02
C GLY F 122 -4.79 -5.84 30.35
N LYS F 123 -5.28 -4.91 31.17
CA LYS F 123 -5.87 -5.22 32.46
C LYS F 123 -7.39 -5.04 32.40
N ASP F 124 -8.11 -5.97 33.02
CA ASP F 124 -9.55 -5.86 33.14
C ASP F 124 -9.93 -4.49 33.68
N TYR F 125 -10.87 -3.83 33.00
CA TYR F 125 -11.32 -2.50 33.41
C TYR F 125 -12.78 -2.58 33.90
N ILE F 126 -13.73 -2.81 33.00
CA ILE F 126 -15.13 -2.91 33.39
C ILE F 126 -15.78 -3.99 32.54
N ALA F 127 -16.72 -4.73 33.14
CA ALA F 127 -17.38 -5.82 32.46
C ALA F 127 -18.87 -5.80 32.79
N LEU F 128 -19.70 -6.13 31.81
CA LEU F 128 -21.12 -6.28 32.06
C LEU F 128 -21.35 -7.60 32.80
N LYS F 129 -22.07 -7.54 33.92
CA LYS F 129 -22.30 -8.74 34.70
C LYS F 129 -23.15 -9.73 33.92
N GLU F 130 -23.19 -10.98 34.42
CA GLU F 130 -23.93 -12.04 33.73
C GLU F 130 -25.41 -11.71 33.63
N ASP F 131 -25.97 -11.04 34.64
CA ASP F 131 -27.37 -10.65 34.60
C ASP F 131 -27.66 -9.53 33.62
N LEU F 132 -26.63 -8.95 32.99
CA LEU F 132 -26.78 -7.92 31.96
C LEU F 132 -27.46 -6.66 32.49
N ARG F 133 -27.32 -6.40 33.79
CA ARG F 133 -27.98 -5.25 34.41
C ARG F 133 -27.07 -4.42 35.30
N SER F 134 -25.88 -4.91 35.66
CA SER F 134 -24.98 -4.20 36.54
C SER F 134 -23.56 -4.35 36.00
N TRP F 135 -22.60 -3.72 36.69
CA TRP F 135 -21.25 -3.57 36.17
C TRP F 135 -20.21 -3.99 37.20
N THR F 136 -19.22 -4.75 36.73
CA THR F 136 -18.06 -5.09 37.51
C THR F 136 -16.96 -4.07 37.20
N ALA F 137 -16.51 -3.35 38.23
CA ALA F 137 -15.49 -2.32 38.09
C ALA F 137 -14.19 -2.80 38.71
N ALA F 138 -13.08 -2.57 38.02
CA ALA F 138 -11.80 -3.09 38.49
C ALA F 138 -11.14 -2.18 39.52
N ASP F 139 -11.27 -0.87 39.38
CA ASP F 139 -10.65 0.06 40.32
C ASP F 139 -11.50 1.33 40.39
N MET F 140 -10.95 2.37 41.01
CA MET F 140 -11.68 3.61 41.17
C MET F 140 -11.94 4.29 39.83
N ALA F 141 -11.03 4.15 38.87
CA ALA F 141 -11.26 4.72 37.55
C ALA F 141 -12.44 4.04 36.86
N ALA F 142 -12.46 2.70 36.88
CA ALA F 142 -13.58 1.97 36.31
C ALA F 142 -14.86 2.24 37.08
N GLN F 143 -14.75 2.64 38.35
CA GLN F 143 -15.92 3.04 39.12
C GLN F 143 -16.52 4.32 38.57
N THR F 144 -15.68 5.27 38.15
CA THR F 144 -16.17 6.47 37.48
C THR F 144 -16.92 6.11 36.21
N THR F 145 -16.40 5.15 35.44
CA THR F 145 -17.11 4.66 34.27
C THR F 145 -18.38 3.93 34.66
N LYS F 146 -18.33 3.16 35.75
CA LYS F 146 -19.51 2.42 36.20
C LYS F 146 -20.64 3.37 36.56
N HIS F 147 -20.33 4.45 37.29
CA HIS F 147 -21.36 5.42 37.64
C HIS F 147 -21.88 6.15 36.40
N LYS F 148 -21.00 6.44 35.44
CA LYS F 148 -21.44 7.14 34.23
C LYS F 148 -22.33 6.25 33.38
N TRP F 149 -22.01 4.95 33.30
CA TRP F 149 -22.80 4.01 32.52
C TRP F 149 -24.09 3.60 33.23
N GLU F 150 -24.13 3.69 34.56
CA GLU F 150 -25.38 3.48 35.27
C GLU F 150 -26.35 4.65 35.13
N ALA F 151 -25.87 5.79 34.64
CA ALA F 151 -26.72 6.95 34.40
C ALA F 151 -27.29 6.95 32.99
N ALA F 152 -26.43 6.75 31.99
CA ALA F 152 -26.87 6.69 30.59
C ALA F 152 -27.58 5.38 30.26
N HIS F 153 -27.86 4.55 31.26
CA HIS F 153 -28.56 3.28 31.06
C HIS F 153 -27.90 2.44 29.97
N VAL F 154 -26.58 2.27 30.10
CA VAL F 154 -25.84 1.51 29.10
C VAL F 154 -26.20 0.04 29.17
N ALA F 155 -26.37 -0.50 30.38
CA ALA F 155 -26.69 -1.92 30.53
C ALA F 155 -28.04 -2.24 29.90
N GLU F 156 -29.01 -1.35 30.03
CA GLU F 156 -30.31 -1.57 29.40
C GLU F 156 -30.20 -1.59 27.88
N GLN F 157 -29.27 -0.82 27.32
CA GLN F 157 -29.07 -0.87 25.88
C GLN F 157 -28.36 -2.14 25.46
N LEU F 158 -27.31 -2.54 26.21
CA LEU F 158 -26.59 -3.76 25.88
C LEU F 158 -27.47 -4.99 26.03
N ARG F 159 -28.29 -5.04 27.08
CA ARG F 159 -29.09 -6.23 27.33
C ARG F 159 -30.10 -6.45 26.20
N ALA F 160 -30.68 -5.36 25.68
CA ALA F 160 -31.59 -5.48 24.55
C ALA F 160 -30.87 -5.96 23.31
N TYR F 161 -29.66 -5.46 23.07
CA TYR F 161 -28.89 -5.88 21.91
C TYR F 161 -28.50 -7.35 22.01
N LEU F 162 -27.97 -7.75 23.17
CA LEU F 162 -27.41 -9.10 23.31
C LEU F 162 -28.49 -10.17 23.23
N GLU F 163 -29.65 -9.93 23.84
CA GLU F 163 -30.67 -10.96 23.92
C GLU F 163 -31.49 -11.09 22.64
N GLY F 164 -31.51 -10.06 21.79
CA GLY F 164 -32.31 -10.13 20.59
C GLY F 164 -31.52 -9.91 19.32
N THR F 165 -31.00 -8.70 19.12
CA THR F 165 -30.30 -8.37 17.89
C THR F 165 -29.08 -9.25 17.69
N CYS F 166 -28.30 -9.45 18.74
CA CYS F 166 -27.08 -10.24 18.64
C CYS F 166 -27.38 -11.68 18.22
N VAL F 167 -28.33 -12.32 18.91
CA VAL F 167 -28.61 -13.73 18.61
C VAL F 167 -29.33 -13.89 17.28
N GLU F 168 -30.10 -12.89 16.86
CA GLU F 168 -30.75 -12.98 15.56
C GLU F 168 -29.73 -12.99 14.44
N TRP F 169 -28.64 -12.23 14.60
CA TRP F 169 -27.60 -12.22 13.59
C TRP F 169 -26.75 -13.48 13.67
N LEU F 170 -26.57 -14.02 14.88
CA LEU F 170 -25.85 -15.29 15.02
C LEU F 170 -26.60 -16.41 14.31
N ARG F 171 -27.91 -16.46 14.46
CA ARG F 171 -28.71 -17.45 13.73
C ARG F 171 -28.57 -17.25 12.23
N ARG F 172 -28.65 -16.00 11.77
CA ARG F 172 -28.51 -15.71 10.35
C ARG F 172 -27.16 -16.16 9.81
N TYR F 173 -26.09 -15.89 10.56
CA TYR F 173 -24.76 -16.31 10.13
C TYR F 173 -24.64 -17.82 10.12
N LEU F 174 -25.20 -18.49 11.14
CA LEU F 174 -25.10 -19.94 11.21
C LEU F 174 -25.86 -20.60 10.07
N GLU F 175 -26.95 -20.00 9.62
CA GLU F 175 -27.70 -20.55 8.49
C GLU F 175 -27.01 -20.24 7.16
N ASN F 176 -26.54 -19.01 6.98
CA ASN F 176 -25.87 -18.65 5.73
C ASN F 176 -24.55 -19.39 5.58
N GLY F 177 -23.84 -19.60 6.68
CA GLY F 177 -22.58 -20.33 6.63
C GLY F 177 -22.70 -21.72 7.21
N LYS F 178 -23.87 -22.34 7.04
CA LYS F 178 -24.12 -23.66 7.60
C LYS F 178 -23.05 -24.67 7.18
N GLU F 179 -22.55 -24.55 5.95
CA GLU F 179 -21.57 -25.51 5.43
C GLU F 179 -20.29 -25.48 6.26
N THR F 180 -19.84 -24.30 6.69
CA THR F 180 -18.59 -24.16 7.43
C THR F 180 -18.77 -24.01 8.93
N LEU F 181 -19.81 -23.30 9.37
CA LEU F 181 -20.00 -23.03 10.79
C LEU F 181 -20.63 -24.20 11.53
N GLN F 182 -21.62 -24.86 10.92
CA GLN F 182 -22.31 -25.93 11.62
C GLN F 182 -21.58 -27.25 11.43
N ARG F 183 -20.26 -27.20 11.30
CA ARG F 183 -19.43 -28.37 11.08
C ARG F 183 -18.57 -28.63 12.32
N THR F 184 -18.16 -29.88 12.47
CA THR F 184 -17.11 -30.25 13.40
C THR F 184 -16.17 -31.19 12.68
N ASP F 185 -14.89 -30.84 12.65
CA ASP F 185 -13.85 -31.69 12.08
C ASP F 185 -13.15 -32.42 13.21
N ALA F 186 -13.26 -33.75 13.20
CA ALA F 186 -12.58 -34.53 14.21
C ALA F 186 -11.07 -34.46 13.98
N PRO F 187 -10.28 -34.48 15.06
CA PRO F 187 -8.83 -34.40 14.91
C PRO F 187 -8.27 -35.67 14.28
N LYS F 188 -7.35 -35.48 13.35
CA LYS F 188 -6.55 -36.59 12.83
C LYS F 188 -5.32 -36.72 13.74
N THR F 189 -5.15 -37.89 14.32
CA THR F 189 -4.18 -38.09 15.39
C THR F 189 -3.09 -39.07 14.98
N HIS F 190 -1.89 -38.84 15.52
CA HIS F 190 -0.77 -39.75 15.35
C HIS F 190 0.18 -39.54 16.52
N MET F 191 1.20 -40.39 16.61
CA MET F 191 2.19 -40.26 17.66
C MET F 191 3.58 -40.41 17.06
N THR F 192 4.55 -39.74 17.67
CA THR F 192 5.94 -39.80 17.23
C THR F 192 6.84 -40.13 18.41
N HIS F 193 8.04 -40.61 18.09
CA HIS F 193 9.02 -41.02 19.08
C HIS F 193 10.40 -40.49 18.71
N HIS F 194 11.11 -39.98 19.71
CA HIS F 194 12.46 -39.48 19.54
C HIS F 194 13.30 -39.88 20.74
N ALA F 195 14.52 -40.35 20.48
CA ALA F 195 15.43 -40.74 21.55
C ALA F 195 16.13 -39.48 22.08
N VAL F 196 15.71 -39.02 23.26
CA VAL F 196 16.34 -37.85 23.87
C VAL F 196 17.73 -38.22 24.38
N SER F 197 17.82 -39.26 25.20
CA SER F 197 19.07 -39.72 25.77
C SER F 197 19.16 -41.23 25.62
N ASP F 198 20.26 -41.80 26.14
CA ASP F 198 20.37 -43.25 26.22
C ASP F 198 19.27 -43.83 27.08
N HIS F 199 18.89 -43.11 28.15
CA HIS F 199 17.94 -43.61 29.13
C HIS F 199 16.53 -43.06 28.94
N GLU F 200 16.38 -41.93 28.25
CA GLU F 200 15.08 -41.28 28.12
C GLU F 200 14.71 -41.15 26.65
N ALA F 201 13.42 -40.92 26.42
CA ALA F 201 12.89 -40.72 25.08
C ALA F 201 11.61 -39.88 25.20
N THR F 202 11.16 -39.36 24.06
CA THR F 202 10.01 -38.48 24.01
C THR F 202 8.92 -39.09 23.15
N LEU F 203 7.71 -39.20 23.71
CA LEU F 203 6.52 -39.55 22.97
C LEU F 203 5.68 -38.30 22.78
N ARG F 204 5.38 -37.95 21.53
CA ARG F 204 4.62 -36.76 21.20
C ARG F 204 3.32 -37.16 20.53
N CYS F 205 2.20 -36.77 21.13
CA CYS F 205 0.87 -37.09 20.64
C CYS F 205 0.28 -35.90 19.90
N TRP F 206 -0.16 -36.13 18.67
CA TRP F 206 -0.59 -35.06 17.78
C TRP F 206 -2.10 -35.08 17.58
N ALA F 207 -2.68 -33.89 17.54
CA ALA F 207 -4.05 -33.68 17.08
C ALA F 207 -4.02 -32.60 16.02
N LEU F 208 -4.47 -32.94 14.81
CA LEU F 208 -4.34 -32.06 13.65
C LEU F 208 -5.67 -31.91 12.94
N SER F 209 -5.84 -30.76 12.29
CA SER F 209 -6.93 -30.51 11.34
C SER F 209 -8.30 -30.67 11.98
N PHE F 210 -8.47 -30.10 13.18
CA PHE F 210 -9.73 -30.21 13.92
C PHE F 210 -10.37 -28.84 14.12
N TYR F 211 -11.70 -28.85 14.20
CA TYR F 211 -12.53 -27.69 14.44
C TYR F 211 -13.76 -28.20 15.19
N PRO F 212 -14.22 -27.50 16.23
CA PRO F 212 -13.71 -26.24 16.81
C PRO F 212 -12.36 -26.41 17.48
N ALA F 213 -11.79 -25.31 17.99
CA ALA F 213 -10.44 -25.37 18.54
C ALA F 213 -10.40 -26.11 19.86
N GLU F 214 -11.48 -26.04 20.64
CA GLU F 214 -11.54 -26.68 21.95
C GLU F 214 -11.18 -28.16 21.85
N ILE F 215 -10.20 -28.58 22.64
CA ILE F 215 -9.69 -29.94 22.60
C ILE F 215 -8.91 -30.18 23.89
N THR F 216 -8.79 -31.45 24.28
CA THR F 216 -8.10 -31.83 25.51
C THR F 216 -7.16 -32.99 25.20
N LEU F 217 -5.86 -32.76 25.39
CA LEU F 217 -4.84 -33.80 25.23
C LEU F 217 -4.22 -34.07 26.59
N THR F 218 -4.32 -35.32 27.05
CA THR F 218 -3.77 -35.73 28.33
C THR F 218 -2.96 -37.01 28.18
N TRP F 219 -1.92 -37.14 29.00
CA TRP F 219 -1.07 -38.31 29.03
C TRP F 219 -1.37 -39.15 30.26
N GLN F 220 -1.34 -40.47 30.10
CA GLN F 220 -1.48 -41.41 31.20
C GLN F 220 -0.33 -42.38 31.19
N ARG F 221 0.18 -42.71 32.38
CA ARG F 221 1.16 -43.77 32.56
C ARG F 221 0.52 -44.86 33.39
N ASP F 222 0.23 -46.00 32.76
CA ASP F 222 -0.44 -47.12 33.42
C ASP F 222 -1.80 -46.70 33.96
N GLY F 223 -2.51 -45.88 33.18
CA GLY F 223 -3.84 -45.43 33.53
C GLY F 223 -3.90 -44.20 34.40
N GLU F 224 -2.80 -43.81 35.04
CA GLU F 224 -2.76 -42.68 35.95
C GLU F 224 -2.33 -41.43 35.20
N ASP F 225 -3.05 -40.33 35.41
CA ASP F 225 -2.76 -39.08 34.71
C ASP F 225 -1.38 -38.56 35.10
N GLN F 226 -0.59 -38.23 34.09
CA GLN F 226 0.77 -37.73 34.30
C GLN F 226 0.83 -36.28 33.84
N THR F 227 1.12 -35.38 34.77
CA THR F 227 1.39 -33.98 34.47
C THR F 227 2.87 -33.64 34.63
N GLN F 228 3.69 -34.60 35.06
CA GLN F 228 5.12 -34.38 35.22
C GLN F 228 5.86 -34.83 33.97
N ASP F 229 6.91 -34.09 33.63
CA ASP F 229 7.70 -34.27 32.41
C ASP F 229 6.85 -34.21 31.15
N THR F 230 5.70 -33.54 31.22
CA THR F 230 4.81 -33.39 30.09
C THR F 230 4.88 -31.97 29.55
N GLU F 231 4.71 -31.85 28.24
CA GLU F 231 4.67 -30.57 27.55
C GLU F 231 3.39 -30.46 26.75
N LEU F 232 2.77 -29.28 26.83
CA LEU F 232 1.53 -29.01 26.12
C LEU F 232 1.65 -27.63 25.47
N VAL F 233 1.59 -27.59 24.16
CA VAL F 233 1.63 -26.33 23.43
C VAL F 233 0.21 -25.81 23.27
N GLU F 234 0.10 -24.49 23.14
CA GLU F 234 -1.21 -23.89 22.94
C GLU F 234 -1.79 -24.31 21.60
N THR F 235 -3.09 -24.58 21.59
CA THR F 235 -3.79 -24.87 20.34
C THR F 235 -3.58 -23.72 19.36
N ARG F 236 -3.15 -24.06 18.15
CA ARG F 236 -2.69 -23.09 17.18
C ARG F 236 -3.47 -23.24 15.88
N PRO F 237 -3.71 -22.14 15.17
CA PRO F 237 -4.39 -22.23 13.88
C PRO F 237 -3.48 -22.82 12.82
N ALA F 238 -4.05 -23.67 11.97
CA ALA F 238 -3.29 -24.21 10.84
C ALA F 238 -3.23 -23.24 9.67
N GLY F 239 -4.07 -22.21 9.66
CA GLY F 239 -4.17 -21.30 8.54
C GLY F 239 -5.22 -21.67 7.51
N ASP F 240 -5.88 -22.82 7.68
CA ASP F 240 -6.88 -23.28 6.73
C ASP F 240 -8.28 -23.37 7.35
N GLY F 241 -8.45 -22.85 8.56
CA GLY F 241 -9.70 -22.96 9.28
C GLY F 241 -9.69 -23.94 10.43
N THR F 242 -8.80 -24.94 10.38
CA THR F 242 -8.68 -25.94 11.42
C THR F 242 -7.55 -25.55 12.38
N PHE F 243 -7.34 -26.38 13.40
CA PHE F 243 -6.42 -26.09 14.47
C PHE F 243 -5.51 -27.30 14.73
N GLN F 244 -4.42 -27.05 15.45
CA GLN F 244 -3.43 -28.06 15.77
C GLN F 244 -3.07 -27.97 17.24
N LYS F 245 -2.56 -29.07 17.78
CA LYS F 245 -2.08 -29.14 19.16
C LYS F 245 -1.32 -30.45 19.32
N TRP F 246 -0.33 -30.46 20.22
CA TRP F 246 0.34 -31.70 20.57
C TRP F 246 0.71 -31.69 22.04
N ALA F 247 1.04 -32.88 22.54
CA ALA F 247 1.43 -33.07 23.93
C ALA F 247 2.52 -34.13 23.98
N ALA F 248 3.62 -33.82 24.65
CA ALA F 248 4.75 -34.72 24.74
C ALA F 248 5.01 -35.10 26.20
N VAL F 249 5.76 -36.18 26.39
CA VAL F 249 6.14 -36.65 27.71
C VAL F 249 7.51 -37.29 27.63
N VAL F 250 8.37 -36.95 28.58
CA VAL F 250 9.67 -37.61 28.71
C VAL F 250 9.46 -38.92 29.46
N VAL F 251 9.74 -40.03 28.79
CA VAL F 251 9.51 -41.35 29.36
C VAL F 251 10.84 -42.09 29.48
N PRO F 252 11.00 -42.99 30.44
CA PRO F 252 12.18 -43.86 30.44
C PRO F 252 12.12 -44.82 29.26
N SER F 253 13.21 -44.88 28.50
CA SER F 253 13.27 -45.74 27.32
C SER F 253 12.99 -47.18 27.70
N GLY F 254 12.32 -47.90 26.80
CA GLY F 254 11.84 -49.24 27.09
C GLY F 254 10.48 -49.29 27.75
N GLN F 255 10.05 -48.20 28.40
CA GLN F 255 8.75 -48.14 29.06
C GLN F 255 7.74 -47.32 28.27
N GLU F 256 7.95 -47.14 26.97
CA GLU F 256 7.05 -46.31 26.17
C GLU F 256 5.65 -46.92 26.10
N GLN F 257 5.54 -48.25 26.12
CA GLN F 257 4.23 -48.87 25.98
C GLN F 257 3.39 -48.75 27.25
N ARG F 258 3.95 -48.22 28.33
CA ARG F 258 3.20 -47.93 29.55
C ARG F 258 2.44 -46.61 29.46
N TYR F 259 2.53 -45.90 28.35
CA TYR F 259 1.96 -44.57 28.22
C TYR F 259 0.84 -44.56 27.19
N THR F 260 -0.19 -43.76 27.45
CA THR F 260 -1.33 -43.64 26.56
C THR F 260 -1.70 -42.17 26.43
N CYS F 261 -1.91 -41.73 25.19
CA CYS F 261 -2.42 -40.38 24.94
C CYS F 261 -3.93 -40.45 24.82
N HIS F 262 -4.61 -39.39 25.28
CA HIS F 262 -6.06 -39.34 25.25
C HIS F 262 -6.51 -38.02 24.64
N VAL F 263 -7.32 -38.11 23.58
CA VAL F 263 -7.80 -36.94 22.84
C VAL F 263 -9.31 -36.85 23.00
N GLN F 264 -9.78 -35.68 23.44
CA GLN F 264 -11.20 -35.41 23.61
C GLN F 264 -11.59 -34.26 22.70
N HIS F 265 -12.59 -34.47 21.84
CA HIS F 265 -13.03 -33.44 20.93
C HIS F 265 -14.50 -33.62 20.64
N GLU F 266 -15.18 -32.51 20.34
CA GLU F 266 -16.61 -32.57 20.08
C GLU F 266 -16.90 -33.35 18.80
N GLY F 267 -15.95 -33.38 17.87
CA GLY F 267 -16.10 -34.18 16.66
C GLY F 267 -15.90 -35.67 16.86
N LEU F 268 -15.45 -36.08 18.04
CA LEU F 268 -15.25 -37.50 18.34
C LEU F 268 -16.42 -38.00 19.18
N PRO F 269 -17.22 -38.94 18.67
CA PRO F 269 -18.31 -39.51 19.50
C PRO F 269 -17.81 -40.12 20.80
N LYS F 270 -16.66 -40.79 20.77
CA LYS F 270 -15.99 -41.32 21.95
C LYS F 270 -14.54 -40.89 21.94
N PRO F 271 -13.95 -40.65 23.11
CA PRO F 271 -12.58 -40.16 23.16
C PRO F 271 -11.59 -41.16 22.58
N LEU F 272 -10.50 -40.63 22.02
CA LEU F 272 -9.47 -41.46 21.40
C LEU F 272 -8.37 -41.79 22.40
N THR F 273 -7.81 -42.99 22.26
CA THR F 273 -6.67 -43.44 23.05
C THR F 273 -5.57 -43.88 22.10
N LEU F 274 -4.38 -43.31 22.27
CA LEU F 274 -3.25 -43.60 21.41
C LEU F 274 -2.14 -44.25 22.21
N ARG F 275 -1.39 -45.11 21.55
CA ARG F 275 -0.29 -45.84 22.16
C ARG F 275 0.85 -45.90 21.16
N TRP F 276 2.09 -45.91 21.68
CA TRP F 276 3.23 -45.99 20.79
C TRP F 276 3.19 -47.28 20.00
N GLU F 277 3.11 -47.16 18.68
CA GLU F 277 3.03 -48.32 17.79
C GLU F 277 4.37 -48.47 17.07
N PRO F 278 5.29 -49.31 17.56
CA PRO F 278 6.62 -49.50 16.98
C PRO F 278 6.58 -50.17 15.61
N MET G 1 7.42 -7.95 32.22
CA MET G 1 7.65 -6.55 32.56
C MET G 1 6.31 -5.90 32.92
N GLY G 2 5.63 -6.48 33.91
CA GLY G 2 4.37 -5.91 34.38
C GLY G 2 3.24 -6.13 33.38
N ILE G 3 2.58 -5.03 33.01
CA ILE G 3 1.53 -5.01 32.00
C ILE G 3 2.03 -5.46 30.63
N GLN G 4 3.31 -5.79 30.53
CA GLN G 4 3.93 -6.24 29.29
C GLN G 4 4.19 -7.73 29.40
N ARG G 5 3.59 -8.51 28.51
CA ARG G 5 3.76 -9.96 28.48
C ARG G 5 4.53 -10.35 27.23
N THR G 6 5.51 -11.24 27.40
CA THR G 6 6.32 -11.72 26.28
C THR G 6 5.54 -12.75 25.48
N PRO G 7 5.75 -12.80 24.16
CA PRO G 7 4.97 -13.71 23.32
C PRO G 7 5.46 -15.14 23.42
N LYS G 8 4.52 -16.08 23.37
CA LYS G 8 4.84 -17.46 23.08
C LYS G 8 4.96 -17.63 21.58
N ILE G 9 5.91 -18.45 21.15
CA ILE G 9 6.26 -18.55 19.73
C ILE G 9 6.22 -20.02 19.33
N GLN G 10 5.47 -20.31 18.26
CA GLN G 10 5.46 -21.62 17.66
C GLN G 10 5.73 -21.50 16.17
N VAL G 11 6.66 -22.31 15.67
CA VAL G 11 6.96 -22.39 14.24
C VAL G 11 6.60 -23.79 13.78
N TYR G 12 5.80 -23.87 12.72
CA TYR G 12 5.26 -25.15 12.27
C TYR G 12 4.71 -24.99 10.86
N SER G 13 4.39 -26.12 10.24
CA SER G 13 3.82 -26.14 8.92
C SER G 13 2.31 -26.36 8.99
N ARG G 14 1.59 -25.80 8.02
CA ARG G 14 0.14 -25.98 7.97
C ARG G 14 -0.22 -27.46 7.82
N HIS G 15 0.52 -28.17 6.97
CA HIS G 15 0.30 -29.59 6.73
C HIS G 15 1.55 -30.36 7.16
N PRO G 16 1.41 -31.64 7.52
CA PRO G 16 2.60 -32.45 7.82
C PRO G 16 3.65 -32.34 6.74
N ALA G 17 4.87 -31.96 7.12
CA ALA G 17 5.88 -31.58 6.14
C ALA G 17 6.42 -32.80 5.40
N GLU G 18 6.34 -32.76 4.08
CA GLU G 18 6.94 -33.76 3.20
C GLU G 18 7.91 -33.05 2.26
N ASN G 19 9.15 -33.55 2.20
CA ASN G 19 10.15 -32.93 1.35
C ASN G 19 9.67 -32.84 -0.08
N GLY G 20 9.76 -31.64 -0.66
CA GLY G 20 9.37 -31.40 -2.02
C GLY G 20 7.95 -30.93 -2.22
N LYS G 21 7.10 -31.03 -1.20
CA LYS G 21 5.69 -30.70 -1.34
C LYS G 21 5.46 -29.29 -0.83
N SER G 22 4.82 -28.46 -1.66
CA SER G 22 4.49 -27.11 -1.25
C SER G 22 3.59 -27.14 -0.02
N ASN G 23 3.69 -26.10 0.79
CA ASN G 23 3.09 -26.08 2.11
C ASN G 23 2.97 -24.61 2.53
N PHE G 24 2.62 -24.40 3.79
CA PHE G 24 2.63 -23.06 4.38
C PHE G 24 3.45 -23.13 5.66
N LEU G 25 4.41 -22.21 5.80
CA LEU G 25 5.19 -22.09 7.02
C LEU G 25 4.52 -21.06 7.92
N ASN G 26 4.22 -21.48 9.15
CA ASN G 26 3.49 -20.66 10.09
C ASN G 26 4.39 -20.25 11.25
N CYS G 27 4.14 -19.06 11.77
CA CYS G 27 4.70 -18.62 13.04
C CYS G 27 3.58 -17.98 13.83
N TYR G 28 3.14 -18.68 14.89
CA TYR G 28 2.04 -18.25 15.72
C TYR G 28 2.60 -17.63 16.99
N VAL G 29 2.30 -16.35 17.21
CA VAL G 29 2.74 -15.62 18.39
C VAL G 29 1.49 -15.30 19.20
N SER G 30 1.50 -15.65 20.48
CA SER G 30 0.33 -15.45 21.32
C SER G 30 0.78 -15.07 22.72
N GLY G 31 -0.20 -14.73 23.55
CA GLY G 31 0.09 -14.42 24.93
C GLY G 31 0.89 -13.15 25.15
N PHE G 32 0.94 -12.24 24.19
CA PHE G 32 1.79 -11.06 24.31
C PHE G 32 0.97 -9.80 24.45
N HIS G 33 1.59 -8.80 25.06
CA HIS G 33 1.03 -7.47 25.27
C HIS G 33 2.18 -6.50 25.52
N PRO G 34 2.19 -5.32 24.89
CA PRO G 34 1.21 -4.76 23.94
C PRO G 34 1.27 -5.42 22.56
N SER G 35 0.40 -4.99 21.65
CA SER G 35 0.23 -5.65 20.36
C SER G 35 1.36 -5.36 19.38
N ASP G 36 2.09 -4.26 19.56
CA ASP G 36 3.21 -3.96 18.67
C ASP G 36 4.22 -5.09 18.70
N ILE G 37 4.42 -5.73 17.55
CA ILE G 37 5.30 -6.88 17.45
C ILE G 37 5.76 -6.99 16.00
N GLU G 38 7.00 -7.44 15.81
CA GLU G 38 7.56 -7.66 14.49
C GLU G 38 7.98 -9.12 14.38
N VAL G 39 7.53 -9.78 13.30
CA VAL G 39 7.76 -11.20 13.10
C VAL G 39 8.29 -11.40 11.69
N ASP G 40 9.42 -12.10 11.59
CA ASP G 40 10.03 -12.44 10.31
C ASP G 40 10.11 -13.95 10.20
N LEU G 41 9.87 -14.47 9.00
CA LEU G 41 10.19 -15.85 8.69
C LEU G 41 11.54 -15.89 8.00
N LEU G 42 12.35 -16.87 8.34
CA LEU G 42 13.74 -16.94 7.89
C LEU G 42 13.98 -18.21 7.10
N LYS G 43 14.78 -18.09 6.04
CA LYS G 43 15.23 -19.22 5.23
C LYS G 43 16.74 -19.13 5.07
N ASN G 44 17.45 -20.13 5.59
CA ASN G 44 18.90 -20.25 5.43
C ASN G 44 19.62 -18.96 5.85
N GLY G 45 19.09 -18.30 6.88
CA GLY G 45 19.74 -17.09 7.37
C GLY G 45 19.39 -15.84 6.59
N GLU G 46 18.23 -15.81 5.94
CA GLU G 46 17.77 -14.64 5.21
C GLU G 46 16.29 -14.41 5.49
N ARG G 47 15.90 -13.15 5.47
CA ARG G 47 14.50 -12.81 5.67
C ARG G 47 13.66 -13.27 4.48
N ILE G 48 12.51 -13.85 4.76
CA ILE G 48 11.59 -14.28 3.73
C ILE G 48 10.65 -13.14 3.39
N GLU G 49 10.50 -12.87 2.10
CA GLU G 49 9.56 -11.86 1.64
C GLU G 49 8.16 -12.48 1.47
N LYS G 50 7.16 -11.62 1.40
CA LYS G 50 5.78 -12.04 1.17
C LYS G 50 5.22 -12.83 2.35
N VAL G 51 5.57 -12.42 3.55
CA VAL G 51 5.02 -13.02 4.77
C VAL G 51 3.74 -12.27 5.12
N GLU G 52 2.64 -12.99 5.17
CA GLU G 52 1.34 -12.42 5.51
C GLU G 52 1.00 -12.76 6.96
N HIS G 53 0.04 -12.04 7.51
CA HIS G 53 -0.36 -12.28 8.90
C HIS G 53 -1.85 -12.08 9.07
N SER G 54 -2.39 -12.74 10.09
CA SER G 54 -3.82 -12.64 10.39
C SER G 54 -4.15 -11.28 10.99
N ASP G 55 -5.44 -11.03 11.16
CA ASP G 55 -5.90 -9.79 11.77
C ASP G 55 -5.79 -9.89 13.28
N LEU G 56 -5.35 -8.80 13.90
CA LEU G 56 -5.05 -8.80 15.33
C LEU G 56 -6.29 -9.14 16.16
N SER G 57 -6.17 -10.18 16.97
CA SER G 57 -7.20 -10.60 17.91
C SER G 57 -6.54 -10.84 19.26
N PHE G 58 -7.34 -11.15 20.27
CA PHE G 58 -6.79 -11.38 21.60
C PHE G 58 -7.62 -12.43 22.32
N SER G 59 -7.09 -12.89 23.45
CA SER G 59 -7.65 -13.98 24.23
C SER G 59 -8.46 -13.43 25.41
N LYS G 60 -8.84 -14.33 26.31
CA LYS G 60 -9.65 -13.93 27.46
C LYS G 60 -8.87 -13.04 28.42
N ASP G 61 -7.56 -13.30 28.59
CA ASP G 61 -6.73 -12.47 29.45
C ASP G 61 -6.24 -11.21 28.75
N TRP G 62 -6.77 -10.90 27.56
CA TRP G 62 -6.48 -9.72 26.75
C TRP G 62 -5.14 -9.81 26.03
N SER G 63 -4.42 -10.92 26.16
CA SER G 63 -3.17 -11.05 25.43
C SER G 63 -3.44 -11.31 23.96
N PHE G 64 -2.65 -10.67 23.10
CA PHE G 64 -2.88 -10.71 21.67
C PHE G 64 -2.31 -11.99 21.07
N TYR G 65 -2.82 -12.35 19.89
CA TYR G 65 -2.25 -13.43 19.12
C TYR G 65 -2.30 -13.08 17.63
N LEU G 66 -1.30 -13.57 16.90
CA LEU G 66 -1.18 -13.36 15.47
C LEU G 66 -0.58 -14.60 14.83
N LEU G 67 -1.03 -14.91 13.62
CA LEU G 67 -0.44 -15.97 12.81
C LEU G 67 0.25 -15.33 11.62
N TYR G 68 1.56 -15.56 11.50
CA TYR G 68 2.31 -15.16 10.33
C TYR G 68 2.53 -16.39 9.46
N TYR G 69 2.43 -16.23 8.15
CA TYR G 69 2.46 -17.40 7.28
C TYR G 69 2.91 -17.00 5.90
N THR G 70 3.48 -17.97 5.19
CA THR G 70 3.86 -17.82 3.80
C THR G 70 4.02 -19.21 3.20
N GLU G 71 3.91 -19.28 1.88
CA GLU G 71 4.11 -20.54 1.20
C GLU G 71 5.59 -20.94 1.25
N PHE G 72 5.85 -22.23 1.38
CA PHE G 72 7.22 -22.73 1.37
C PHE G 72 7.17 -24.21 1.02
N THR G 73 8.33 -24.74 0.63
CA THR G 73 8.47 -26.15 0.28
C THR G 73 9.60 -26.73 1.12
N PRO G 74 9.28 -27.55 2.12
CA PRO G 74 10.34 -28.17 2.93
C PRO G 74 11.23 -29.03 2.06
N THR G 75 12.53 -28.96 2.30
CA THR G 75 13.49 -29.80 1.62
C THR G 75 14.38 -30.47 2.66
N GLU G 76 15.34 -31.24 2.18
CA GLU G 76 16.31 -31.86 3.07
C GLU G 76 17.29 -30.83 3.62
N LYS G 77 17.64 -29.83 2.82
CA LYS G 77 18.73 -28.93 3.11
C LYS G 77 18.32 -27.60 3.72
N ASP G 78 17.09 -27.14 3.50
CA ASP G 78 16.73 -25.77 3.83
C ASP G 78 16.35 -25.65 5.30
N GLU G 79 16.93 -24.66 5.97
CA GLU G 79 16.67 -24.37 7.37
C GLU G 79 15.69 -23.21 7.46
N TYR G 80 14.60 -23.42 8.19
CA TYR G 80 13.57 -22.40 8.35
C TYR G 80 13.43 -22.05 9.82
N ALA G 81 12.97 -20.83 10.08
CA ALA G 81 12.87 -20.33 11.44
C ALA G 81 11.96 -19.13 11.47
N CYS G 82 11.60 -18.71 12.68
CA CYS G 82 10.88 -17.47 12.94
C CYS G 82 11.76 -16.58 13.80
N ARG G 83 11.64 -15.26 13.60
CA ARG G 83 12.32 -14.29 14.43
C ARG G 83 11.28 -13.31 14.95
N VAL G 84 11.19 -13.17 16.25
CA VAL G 84 10.14 -12.38 16.88
C VAL G 84 10.81 -11.25 17.65
N ASN G 85 10.30 -10.03 17.49
CA ASN G 85 10.80 -8.86 18.17
C ASN G 85 9.65 -8.21 18.92
N HIS G 86 9.91 -7.81 20.16
CA HIS G 86 8.86 -7.28 21.02
C HIS G 86 9.53 -6.44 22.08
N VAL G 87 8.73 -5.54 22.68
CA VAL G 87 9.25 -4.66 23.73
C VAL G 87 9.75 -5.47 24.92
N THR G 88 9.15 -6.64 25.18
CA THR G 88 9.57 -7.46 26.30
C THR G 88 10.91 -8.15 26.06
N LEU G 89 11.42 -8.13 24.83
CA LEU G 89 12.62 -8.86 24.46
C LEU G 89 13.77 -7.89 24.31
N SER G 90 14.91 -8.22 24.92
CA SER G 90 16.11 -7.42 24.79
C SER G 90 16.82 -7.67 23.46
N GLN G 91 16.57 -8.82 22.85
CA GLN G 91 17.05 -9.18 21.52
C GLN G 91 15.88 -9.77 20.76
N PRO G 92 15.89 -9.69 19.43
CA PRO G 92 14.96 -10.54 18.66
C PRO G 92 15.23 -12.00 18.98
N LYS G 93 14.16 -12.75 19.19
CA LYS G 93 14.29 -14.16 19.53
C LYS G 93 14.09 -15.00 18.28
N ILE G 94 14.97 -15.98 18.07
CA ILE G 94 14.88 -16.88 16.93
C ILE G 94 14.42 -18.23 17.41
N VAL G 95 13.36 -18.74 16.79
CA VAL G 95 12.84 -20.07 17.07
C VAL G 95 12.91 -20.86 15.76
N LYS G 96 13.73 -21.90 15.76
CA LYS G 96 13.94 -22.69 14.57
C LYS G 96 12.76 -23.63 14.33
N TRP G 97 12.49 -23.92 13.06
CA TRP G 97 11.40 -24.81 12.71
C TRP G 97 11.83 -26.25 12.93
N ASP G 98 11.09 -26.96 13.79
CA ASP G 98 11.28 -28.38 14.00
C ASP G 98 10.14 -29.10 13.28
N ARG G 99 10.50 -30.06 12.43
CA ARG G 99 9.51 -30.73 11.59
C ARG G 99 8.43 -31.40 12.43
N ASP G 100 8.77 -31.90 13.61
CA ASP G 100 7.82 -32.59 14.49
C ASP G 100 7.48 -31.73 15.70
N MET G 101 7.29 -30.43 15.49
CA MET G 101 6.91 -29.53 16.56
C MET G 101 6.04 -28.38 16.03
N SER H 1 -23.67 -8.72 13.45
CA SER H 1 -23.76 -7.29 13.18
C SER H 1 -23.40 -6.50 14.43
N LEU H 2 -22.75 -5.36 14.25
CA LEU H 2 -22.20 -4.61 15.37
C LEU H 2 -23.29 -3.89 16.18
N LEU H 3 -22.91 -3.50 17.39
CA LEU H 3 -23.68 -2.53 18.16
C LEU H 3 -23.71 -1.20 17.41
N MET H 4 -24.84 -0.50 17.50
CA MET H 4 -24.99 0.76 16.80
C MET H 4 -24.21 1.90 17.45
N TRP H 5 -24.13 1.90 18.78
CA TRP H 5 -23.59 3.02 19.52
C TRP H 5 -22.77 2.51 20.69
N ILE H 6 -21.63 3.16 20.94
CA ILE H 6 -20.76 2.83 22.06
C ILE H 6 -20.57 4.08 22.90
N THR H 7 -20.86 3.96 24.20
CA THR H 7 -20.73 5.08 25.12
C THR H 7 -19.30 5.17 25.62
N GLN H 8 -18.81 6.40 25.74
CA GLN H 8 -17.46 6.65 26.18
C GLN H 8 -17.30 6.31 27.67
N VAL H 9 -16.07 5.98 28.06
CA VAL H 9 -15.77 5.67 29.45
C VAL H 9 -15.70 6.94 30.29
N ALA I 3 -7.11 21.31 10.85
CA ALA I 3 -7.40 22.73 11.07
C ALA I 3 -8.90 22.99 11.00
N ALA I 4 -9.26 24.21 10.59
CA ALA I 4 -10.67 24.59 10.48
C ALA I 4 -11.27 24.33 9.11
N GLU I 5 -10.44 24.19 8.07
CA GLU I 5 -10.99 23.99 6.73
C GLU I 5 -11.76 22.67 6.64
N ARG I 6 -11.12 21.56 7.02
CA ARG I 6 -11.81 20.28 7.03
C ARG I 6 -12.82 20.18 8.16
N LEU I 7 -12.63 20.95 9.25
CA LEU I 7 -13.59 20.92 10.36
C LEU I 7 -14.94 21.45 9.91
N GLN I 8 -14.96 22.55 9.15
CA GLN I 8 -16.21 23.05 8.60
C GLN I 8 -16.82 22.06 7.62
N LYS I 9 -15.99 21.34 6.86
CA LYS I 9 -16.50 20.32 5.96
C LYS I 9 -17.14 19.17 6.73
N MET I 10 -16.54 18.77 7.85
CA MET I 10 -17.13 17.72 8.67
C MET I 10 -18.43 18.20 9.30
N LEU I 11 -18.51 19.47 9.66
CA LEU I 11 -19.77 20.04 10.14
C LEU I 11 -20.82 20.03 9.02
N GLU I 12 -20.40 20.25 7.78
CA GLU I 12 -21.32 20.15 6.65
C GLU I 12 -21.73 18.70 6.41
N GLU I 13 -20.79 17.76 6.54
CA GLU I 13 -21.13 16.35 6.38
C GLU I 13 -22.08 15.89 7.48
N ALA I 14 -21.90 16.40 8.69
CA ALA I 14 -22.85 16.14 9.77
C ALA I 14 -24.23 16.69 9.43
N LYS I 15 -24.28 17.87 8.81
CA LYS I 15 -25.57 18.42 8.38
C LYS I 15 -26.25 17.52 7.37
N GLU I 16 -25.48 16.89 6.48
CA GLU I 16 -26.05 16.00 5.48
C GLU I 16 -26.47 14.66 6.10
N LEU I 17 -25.69 14.14 7.04
CA LEU I 17 -26.08 12.91 7.72
C LEU I 17 -27.29 13.13 8.61
N LEU I 18 -27.30 14.26 9.35
CA LEU I 18 -28.49 14.65 10.10
C LEU I 18 -29.68 14.89 9.18
N LYS I 19 -29.42 15.33 7.95
CA LYS I 19 -30.49 15.52 6.97
C LYS I 19 -31.16 14.20 6.63
N LYS I 20 -30.36 13.23 6.15
CA LYS I 20 -30.88 11.93 5.79
C LYS I 20 -31.59 11.25 6.96
N SER I 21 -31.17 11.55 8.19
CA SER I 21 -31.83 10.98 9.36
C SER I 21 -33.24 11.52 9.51
N LYS I 22 -33.41 12.84 9.34
CA LYS I 22 -34.74 13.42 9.34
C LYS I 22 -35.62 12.81 8.26
N GLU I 23 -35.03 12.49 7.10
CA GLU I 23 -35.81 11.89 6.03
C GLU I 23 -36.37 10.53 6.45
N TYR I 24 -35.50 9.65 6.94
CA TYR I 24 -35.94 8.31 7.33
C TYR I 24 -36.75 8.33 8.62
N LEU I 25 -36.52 9.33 9.48
CA LEU I 25 -37.35 9.49 10.67
C LEU I 25 -38.80 9.75 10.29
N GLU I 26 -39.02 10.66 9.33
CA GLU I 26 -40.39 10.94 8.89
C GLU I 26 -40.96 9.79 8.07
N LYS I 27 -40.12 9.09 7.31
CA LYS I 27 -40.58 7.90 6.59
C LYS I 27 -41.07 6.83 7.57
N ALA I 28 -40.41 6.70 8.71
CA ALA I 28 -40.84 5.73 9.71
C ALA I 28 -42.11 6.20 10.41
N LYS I 29 -42.25 7.51 10.65
CA LYS I 29 -43.48 8.03 11.22
C LYS I 29 -44.65 7.86 10.27
N LYS I 30 -44.39 7.99 8.96
CA LYS I 30 -45.44 7.75 7.96
C LYS I 30 -45.90 6.31 7.99
N LEU I 31 -44.95 5.37 7.99
CA LEU I 31 -45.31 3.95 8.03
C LEU I 31 -46.01 3.60 9.34
N LEU I 32 -45.62 4.25 10.44
CA LEU I 32 -46.32 4.03 11.70
C LEU I 32 -47.77 4.50 11.64
N LYS I 33 -48.01 5.61 10.92
CA LYS I 33 -49.38 6.09 10.77
C LYS I 33 -50.20 5.21 9.83
N GLU I 34 -49.54 4.44 8.95
CA GLU I 34 -50.22 3.50 8.08
C GLU I 34 -50.40 2.12 8.72
N GLY I 35 -49.83 1.89 9.89
CA GLY I 35 -49.94 0.61 10.56
C GLY I 35 -48.88 -0.42 10.17
N LYS I 36 -47.83 -0.01 9.47
CA LYS I 36 -46.74 -0.91 9.07
C LYS I 36 -45.60 -0.72 10.06
N VAL I 37 -45.63 -1.50 11.13
CA VAL I 37 -44.65 -1.33 12.21
C VAL I 37 -43.28 -1.86 11.78
N ASP I 38 -43.25 -3.09 11.24
CA ASP I 38 -41.98 -3.68 10.84
C ASP I 38 -41.32 -2.91 9.71
N GLU I 39 -42.11 -2.32 8.81
CA GLU I 39 -41.54 -1.53 7.73
C GLU I 39 -40.92 -0.23 8.25
N ALA I 40 -41.56 0.38 9.25
CA ALA I 40 -41.03 1.61 9.84
C ALA I 40 -39.77 1.35 10.64
N LEU I 41 -39.66 0.18 11.27
CA LEU I 41 -38.48 -0.14 12.05
C LEU I 41 -37.23 -0.18 11.20
N LYS I 42 -37.34 -0.64 9.95
CA LYS I 42 -36.20 -0.65 9.05
C LYS I 42 -35.74 0.77 8.72
N GLU I 43 -36.70 1.68 8.50
CA GLU I 43 -36.35 3.06 8.21
C GLU I 43 -35.75 3.74 9.43
N LEU I 44 -36.28 3.44 10.62
CA LEU I 44 -35.72 4.01 11.85
C LEU I 44 -34.27 3.57 12.07
N GLU I 45 -33.95 2.33 11.70
CA GLU I 45 -32.57 1.87 11.80
C GLU I 45 -31.64 2.75 10.98
N LYS I 46 -31.96 2.95 9.70
CA LYS I 46 -31.15 3.81 8.84
C LYS I 46 -31.06 5.22 9.41
N ALA I 47 -32.18 5.75 9.90
CA ALA I 47 -32.18 7.09 10.49
C ALA I 47 -31.19 7.17 11.66
N LEU I 48 -31.24 6.17 12.55
CA LEU I 48 -30.31 6.16 13.68
C LEU I 48 -28.87 6.01 13.25
N LEU I 49 -28.62 5.30 12.15
CA LEU I 49 -27.25 5.11 11.67
C LEU I 49 -26.62 6.44 11.30
N TYR I 50 -27.32 7.25 10.50
CA TYR I 50 -26.83 8.58 10.17
C TYR I 50 -26.67 9.46 11.41
N LEU I 51 -27.56 9.27 12.40
CA LEU I 51 -27.51 10.07 13.62
C LEU I 51 -26.26 9.76 14.45
N VAL I 52 -25.95 8.48 14.62
CA VAL I 52 -24.79 8.08 15.42
C VAL I 52 -23.51 8.66 14.82
N GLU I 53 -23.39 8.63 13.49
CA GLU I 53 -22.22 9.18 12.84
C GLU I 53 -22.06 10.67 13.11
N ALA I 54 -23.17 11.39 13.24
CA ALA I 54 -23.11 12.83 13.46
C ALA I 54 -22.69 13.18 14.89
N VAL I 55 -22.98 12.30 15.86
CA VAL I 55 -22.74 12.63 17.26
C VAL I 55 -21.31 12.33 17.70
N ASN I 56 -20.60 11.44 17.00
CA ASN I 56 -19.20 11.22 17.33
C ASN I 56 -18.34 12.37 16.84
N LEU I 57 -18.70 12.95 15.70
CA LEU I 57 -17.99 14.11 15.17
C LEU I 57 -17.92 15.23 16.19
N LEU I 58 -19.07 15.52 16.83
CA LEU I 58 -19.12 16.63 17.76
C LEU I 58 -18.43 16.31 19.08
N ARG I 59 -18.46 15.05 19.54
CA ARG I 59 -17.65 14.69 20.70
C ARG I 59 -16.16 14.86 20.40
N VAL I 60 -15.76 14.57 19.16
CA VAL I 60 -14.40 14.88 18.74
C VAL I 60 -14.22 16.40 18.67
N VAL I 61 -15.25 17.11 18.23
CA VAL I 61 -15.19 18.57 18.18
C VAL I 61 -14.99 19.14 19.58
N SER I 62 -15.62 18.53 20.59
CA SER I 62 -15.42 18.94 21.97
C SER I 62 -13.96 18.79 22.40
N ALA I 63 -13.13 18.14 21.61
CA ALA I 63 -11.69 18.07 21.81
C ALA I 63 -10.90 18.94 20.85
N GLU I 64 -11.31 19.02 19.58
CA GLU I 64 -10.63 19.86 18.60
C GLU I 64 -10.99 21.32 18.69
N LEU I 65 -12.03 21.68 19.45
CA LEU I 65 -12.40 23.07 19.68
C LEU I 65 -12.38 23.48 21.14
N GLY I 66 -12.49 22.54 22.07
CA GLY I 66 -12.55 22.89 23.48
C GLY I 66 -13.71 23.78 23.84
N ASP I 67 -14.84 23.64 23.15
CA ASP I 67 -16.03 24.44 23.40
C ASP I 67 -16.87 23.74 24.45
N ALA I 68 -16.92 24.29 25.67
CA ALA I 68 -17.64 23.65 26.76
C ALA I 68 -19.14 23.64 26.51
N GLU I 69 -19.68 24.67 25.86
CA GLU I 69 -21.09 24.67 25.50
C GLU I 69 -21.43 23.51 24.57
N LEU I 70 -20.53 23.20 23.63
CA LEU I 70 -20.72 22.01 22.80
C LEU I 70 -20.57 20.75 23.64
N LYS I 71 -19.62 20.73 24.58
CA LYS I 71 -19.45 19.56 25.42
C LYS I 71 -20.72 19.21 26.20
N ALA I 72 -21.59 20.20 26.44
CA ALA I 72 -22.87 19.93 27.07
C ALA I 72 -23.91 19.48 26.06
N LEU I 73 -23.94 20.12 24.89
CA LEU I 73 -24.94 19.79 23.87
C LEU I 73 -24.74 18.39 23.32
N VAL I 74 -23.49 18.04 23.00
CA VAL I 74 -23.23 16.73 22.39
C VAL I 74 -23.50 15.61 23.38
N GLU I 75 -23.03 15.77 24.62
CA GLU I 75 -23.21 14.72 25.62
C GLU I 75 -24.68 14.53 25.98
N GLU I 76 -25.43 15.64 26.09
CA GLU I 76 -26.86 15.52 26.32
C GLU I 76 -27.55 14.88 25.11
N ALA I 77 -27.05 15.15 23.90
CA ALA I 77 -27.56 14.45 22.73
C ALA I 77 -27.21 12.98 22.76
N GLU I 78 -26.06 12.62 23.35
CA GLU I 78 -25.74 11.22 23.58
C GLU I 78 -26.71 10.59 24.57
N LYS I 79 -27.08 11.34 25.61
CA LYS I 79 -28.06 10.85 26.59
C LYS I 79 -29.33 10.35 25.92
N TYR I 80 -29.80 11.08 24.92
CA TYR I 80 -31.05 10.75 24.22
C TYR I 80 -30.82 9.82 23.04
N LEU I 81 -29.65 9.87 22.40
CA LEU I 81 -29.31 8.87 21.41
C LEU I 81 -29.19 7.49 22.05
N ASN I 82 -28.62 7.44 23.25
CA ASN I 82 -28.57 6.19 24.00
C ASN I 82 -29.96 5.64 24.24
N LYS I 83 -30.92 6.50 24.60
CA LYS I 83 -32.28 6.04 24.86
C LYS I 83 -32.98 5.66 23.57
N ALA I 84 -32.71 6.37 22.48
CA ALA I 84 -33.31 6.00 21.20
C ALA I 84 -32.80 4.66 20.70
N VAL I 85 -31.48 4.43 20.81
CA VAL I 85 -30.92 3.15 20.42
C VAL I 85 -31.46 2.03 21.33
N THR I 86 -31.64 2.33 22.61
CA THR I 86 -32.19 1.33 23.54
C THR I 86 -33.56 0.86 23.09
N TYR I 87 -34.47 1.80 22.81
CA TYR I 87 -35.83 1.41 22.43
C TYR I 87 -35.88 0.84 21.02
N TYR I 88 -34.94 1.21 20.15
CA TYR I 88 -34.86 0.54 18.85
C TYR I 88 -34.54 -0.94 19.02
N TYR I 89 -33.64 -1.27 19.94
CA TYR I 89 -33.31 -2.67 20.17
C TYR I 89 -34.46 -3.38 20.89
N LYS I 90 -35.15 -2.68 21.79
CA LYS I 90 -36.34 -3.25 22.40
C LYS I 90 -37.43 -3.53 21.36
N ALA I 91 -37.50 -2.71 20.32
CA ALA I 91 -38.47 -2.95 19.25
C ALA I 91 -38.17 -4.24 18.51
N LYS I 92 -36.88 -4.50 18.21
CA LYS I 92 -36.50 -5.71 17.51
C LYS I 92 -36.54 -6.95 18.40
N LEU I 93 -36.50 -6.77 19.72
CA LEU I 93 -36.50 -7.89 20.64
C LEU I 93 -37.90 -8.37 21.01
N THR I 94 -38.83 -7.44 21.20
CA THR I 94 -40.19 -7.82 21.56
C THR I 94 -40.90 -8.50 20.40
N LYS I 95 -41.88 -9.35 20.73
CA LYS I 95 -42.68 -10.03 19.72
C LYS I 95 -44.13 -9.55 19.68
N ASP I 96 -44.58 -8.85 20.71
CA ASP I 96 -45.93 -8.29 20.70
C ASP I 96 -46.01 -7.17 19.67
N PRO I 97 -46.95 -7.22 18.73
CA PRO I 97 -47.01 -6.17 17.70
C PRO I 97 -47.26 -4.78 18.27
N GLU I 98 -48.19 -4.65 19.21
CA GLU I 98 -48.47 -3.35 19.81
C GLU I 98 -47.28 -2.83 20.59
N GLU I 99 -46.63 -3.69 21.38
CA GLU I 99 -45.48 -3.26 22.17
C GLU I 99 -44.33 -2.83 21.26
N LYS I 100 -44.16 -3.50 20.12
CA LYS I 100 -43.13 -3.08 19.17
C LYS I 100 -43.47 -1.70 18.62
N LYS I 101 -44.75 -1.46 18.31
CA LYS I 101 -45.17 -0.14 17.85
C LYS I 101 -44.90 0.93 18.90
N LYS I 102 -45.11 0.60 20.18
CA LYS I 102 -44.84 1.54 21.25
C LYS I 102 -43.35 1.87 21.35
N TYR I 103 -42.50 0.86 21.14
CA TYR I 103 -41.06 1.09 21.23
C TYR I 103 -40.54 1.88 20.04
N VAL I 104 -41.11 1.66 18.85
CA VAL I 104 -40.70 2.44 17.69
C VAL I 104 -41.07 3.91 17.87
N GLU I 105 -42.20 4.19 18.54
CA GLU I 105 -42.56 5.58 18.80
C GLU I 105 -41.58 6.24 19.76
N LYS I 106 -41.33 5.62 20.91
CA LYS I 106 -40.40 6.19 21.87
C LYS I 106 -38.99 6.31 21.30
N SER I 107 -38.59 5.38 20.43
CA SER I 107 -37.28 5.46 19.82
C SER I 107 -37.18 6.69 18.93
N ILE I 108 -38.18 6.90 18.07
CA ILE I 108 -38.21 8.10 17.25
C ILE I 108 -38.29 9.34 18.12
N GLU I 109 -38.97 9.25 19.27
CA GLU I 109 -39.12 10.40 20.14
C GLU I 109 -37.78 10.83 20.74
N TYR I 110 -37.07 9.89 21.38
CA TYR I 110 -35.74 10.21 21.90
C TYR I 110 -34.77 10.58 20.78
N ALA I 111 -34.96 9.99 19.60
CA ALA I 111 -34.08 10.32 18.47
C ALA I 111 -34.36 11.73 17.95
N GLU I 112 -35.63 12.13 17.88
CA GLU I 112 -35.95 13.50 17.51
C GLU I 112 -35.41 14.48 18.53
N LYS I 113 -35.53 14.16 19.82
CA LYS I 113 -34.95 15.00 20.86
C LYS I 113 -33.43 15.05 20.73
N ALA I 114 -32.82 13.95 20.33
CA ALA I 114 -31.36 13.93 20.13
C ALA I 114 -30.97 14.73 18.90
N LEU I 115 -31.69 14.53 17.79
CA LEU I 115 -31.39 15.25 16.55
C LEU I 115 -31.60 16.75 16.72
N LYS I 116 -32.61 17.14 17.49
CA LYS I 116 -32.84 18.56 17.74
C LYS I 116 -31.66 19.19 18.46
N ILE I 117 -31.12 18.51 19.48
CA ILE I 117 -29.90 18.99 20.13
C ILE I 117 -28.69 18.85 19.21
N ALA I 118 -28.74 17.93 18.25
CA ALA I 118 -27.64 17.78 17.31
C ALA I 118 -27.58 18.94 16.33
N GLU I 119 -28.74 19.42 15.86
CA GLU I 119 -28.75 20.58 14.98
C GLU I 119 -28.30 21.84 15.71
N GLU I 120 -28.72 21.99 16.97
CA GLU I 120 -28.24 23.12 17.76
C GLU I 120 -26.74 23.04 17.98
N ALA I 121 -26.21 21.83 18.17
CA ALA I 121 -24.77 21.67 18.28
C ALA I 121 -24.07 21.98 16.97
N VAL I 122 -24.73 21.74 15.84
CA VAL I 122 -24.15 22.09 14.53
C VAL I 122 -24.13 23.60 14.35
N LYS I 123 -25.21 24.28 14.74
CA LYS I 123 -25.25 25.72 14.62
C LYS I 123 -24.24 26.38 15.55
N LEU I 124 -24.09 25.85 16.77
CA LEU I 124 -23.10 26.38 17.70
C LEU I 124 -21.69 26.11 17.21
N ALA I 125 -21.45 24.93 16.62
CA ALA I 125 -20.14 24.63 16.06
C ALA I 125 -19.82 25.53 14.88
N GLU I 126 -20.84 25.92 14.10
CA GLU I 126 -20.62 26.83 12.99
C GLU I 126 -20.12 28.19 13.48
N LYS I 127 -20.70 28.69 14.58
CA LYS I 127 -20.27 29.97 15.12
C LYS I 127 -18.87 29.89 15.71
N VAL I 128 -18.56 28.78 16.39
CA VAL I 128 -17.22 28.63 16.97
C VAL I 128 -16.17 28.55 15.87
N VAL I 129 -16.55 28.02 14.69
CA VAL I 129 -15.64 27.94 13.55
C VAL I 129 -15.58 29.28 12.82
N GLU J 1 34.47 -20.21 16.05
CA GLU J 1 33.61 -19.23 16.71
C GLU J 1 33.51 -17.95 15.88
N VAL J 2 32.30 -17.40 15.82
CA VAL J 2 32.04 -16.16 15.10
C VAL J 2 32.15 -14.98 16.06
N LYS J 3 32.92 -13.97 15.68
CA LYS J 3 33.01 -12.72 16.41
C LYS J 3 32.63 -11.57 15.50
N LEU J 4 31.90 -10.60 16.04
CA LEU J 4 31.48 -9.42 15.30
C LEU J 4 32.15 -8.19 15.91
N VAL J 5 33.09 -7.61 15.17
CA VAL J 5 33.86 -6.46 15.62
C VAL J 5 33.31 -5.21 14.94
N GLU J 6 32.89 -4.23 15.73
CA GLU J 6 32.35 -3.00 15.18
C GLU J 6 33.28 -1.83 15.43
N SER J 7 33.09 -0.78 14.63
CA SER J 7 33.83 0.46 14.75
C SER J 7 33.04 1.57 14.09
N GLY J 8 33.39 2.81 14.44
CA GLY J 8 32.79 3.98 13.84
C GLY J 8 31.87 4.77 14.73
N GLY J 9 31.51 4.24 15.91
CA GLY J 9 30.62 4.98 16.78
C GLY J 9 31.28 6.20 17.37
N GLY J 10 30.45 7.13 17.82
CA GLY J 10 30.96 8.33 18.46
C GLY J 10 29.93 9.44 18.42
N LEU J 11 30.42 10.67 18.51
CA LEU J 11 29.60 11.87 18.58
C LEU J 11 29.53 12.56 17.23
N VAL J 12 28.35 13.05 16.89
CA VAL J 12 28.12 13.73 15.62
C VAL J 12 27.03 14.77 15.84
N GLN J 13 27.15 15.90 15.15
CA GLN J 13 26.20 16.99 15.30
C GLN J 13 24.93 16.68 14.50
N PRO J 14 23.79 17.26 14.89
CA PRO J 14 22.57 17.07 14.09
C PRO J 14 22.75 17.51 12.65
N GLY J 15 22.16 16.75 11.73
CA GLY J 15 22.38 16.92 10.32
C GLY J 15 23.65 16.29 9.80
N GLY J 16 24.54 15.85 10.69
CA GLY J 16 25.80 15.26 10.28
C GLY J 16 25.66 13.82 9.85
N SER J 17 26.81 13.23 9.51
CA SER J 17 26.85 11.87 9.01
C SER J 17 27.94 11.07 9.71
N LEU J 18 27.73 9.75 9.75
CA LEU J 18 28.65 8.83 10.40
C LEU J 18 28.64 7.53 9.62
N ARG J 19 29.79 6.87 9.52
CA ARG J 19 29.93 5.60 8.79
C ARG J 19 30.38 4.52 9.77
N LEU J 20 29.49 3.58 10.06
CA LEU J 20 29.79 2.45 10.92
C LEU J 20 30.37 1.29 10.10
N SER J 21 31.11 0.43 10.78
CA SER J 21 31.73 -0.72 10.16
C SER J 21 31.62 -1.91 11.10
N CYS J 22 31.50 -3.10 10.51
CA CYS J 22 31.40 -4.33 11.29
C CYS J 22 32.02 -5.47 10.50
N ALA J 23 33.02 -6.13 11.07
CA ALA J 23 33.69 -7.25 10.44
C ALA J 23 33.37 -8.54 11.18
N ALA J 24 33.24 -9.62 10.43
CA ALA J 24 33.03 -10.95 11.00
C ALA J 24 34.35 -11.70 11.03
N SER J 25 34.69 -12.25 12.19
CA SER J 25 35.92 -12.98 12.40
C SER J 25 35.59 -14.43 12.77
N GLY J 26 36.48 -15.34 12.40
CA GLY J 26 36.26 -16.74 12.67
C GLY J 26 35.48 -17.47 11.60
N SER J 27 35.05 -16.77 10.55
CA SER J 27 34.25 -17.38 9.49
C SER J 27 34.48 -16.65 8.18
N ILE J 28 34.48 -17.41 7.08
CA ILE J 28 34.63 -16.85 5.75
C ILE J 28 33.42 -17.08 4.87
N PHE J 29 32.59 -18.08 5.15
CA PHE J 29 31.36 -18.32 4.39
C PHE J 29 30.20 -18.75 5.28
N SER J 30 30.33 -18.63 6.61
CA SER J 30 29.30 -19.13 7.51
C SER J 30 28.15 -18.16 7.69
N ILE J 31 28.38 -16.87 7.58
CA ILE J 31 27.38 -15.85 7.92
C ILE J 31 26.65 -15.44 6.65
N ASN J 32 25.32 -15.48 6.72
CA ASN J 32 24.48 -15.00 5.61
C ASN J 32 24.10 -13.54 5.85
N THR J 33 22.95 -13.28 6.47
CA THR J 33 22.54 -11.90 6.70
C THR J 33 23.43 -11.24 7.74
N MET J 34 23.88 -10.02 7.44
CA MET J 34 24.54 -9.15 8.41
C MET J 34 23.86 -7.80 8.39
N GLY J 35 23.84 -7.14 9.54
CA GLY J 35 23.14 -5.88 9.63
C GLY J 35 23.29 -5.23 11.00
N TRP J 36 22.40 -4.29 11.27
CA TRP J 36 22.50 -3.41 12.41
C TRP J 36 21.14 -3.29 13.08
N TYR J 37 21.11 -3.50 14.39
CA TYR J 37 20.00 -3.09 15.24
C TYR J 37 20.49 -1.97 16.14
N ARG J 38 19.56 -1.16 16.64
CA ARG J 38 19.90 -0.11 17.58
C ARG J 38 18.94 -0.15 18.76
N GLN J 39 19.43 0.28 19.92
CA GLN J 39 18.68 0.11 21.15
C GLN J 39 19.04 1.21 22.12
N THR J 40 18.02 1.78 22.75
CA THR J 40 18.13 2.65 23.90
C THR J 40 17.72 1.88 25.16
N PRO J 41 18.22 2.26 26.33
CA PRO J 41 17.93 1.49 27.55
C PRO J 41 16.44 1.42 27.84
N GLY J 42 15.98 0.20 28.14
CA GLY J 42 14.61 -0.05 28.54
C GLY J 42 13.71 -0.58 27.46
N LYS J 43 14.08 -0.40 26.19
CA LYS J 43 13.26 -0.80 25.06
C LYS J 43 13.93 -1.94 24.29
N GLN J 44 13.20 -2.47 23.33
CA GLN J 44 13.73 -3.46 22.40
C GLN J 44 14.72 -2.80 21.44
N ARG J 45 15.55 -3.61 20.82
CA ARG J 45 16.40 -3.12 19.74
C ARG J 45 15.65 -3.17 18.42
N ASP J 46 15.70 -2.07 17.67
CA ASP J 46 14.98 -1.94 16.42
C ASP J 46 15.91 -2.16 15.24
N LEU J 47 15.40 -2.80 14.19
CA LEU J 47 16.17 -3.00 12.99
C LEU J 47 16.51 -1.66 12.35
N VAL J 48 17.79 -1.48 12.02
CA VAL J 48 18.25 -0.30 11.30
C VAL J 48 18.36 -0.65 9.82
N ALA J 49 19.17 -1.64 9.51
CA ALA J 49 19.35 -2.12 8.15
C ALA J 49 20.09 -3.45 8.21
N ASP J 50 19.82 -4.31 7.23
CA ASP J 50 20.58 -5.54 7.10
C ASP J 50 20.62 -5.91 5.62
N ILE J 51 21.51 -6.85 5.30
CA ILE J 51 21.78 -7.20 3.91
C ILE J 51 22.23 -8.65 3.89
N SER J 52 21.67 -9.43 2.98
CA SER J 52 22.02 -10.83 2.87
C SER J 52 23.34 -10.98 2.10
N SER J 53 23.83 -12.22 2.06
CA SER J 53 25.02 -12.49 1.27
C SER J 53 24.76 -12.31 -0.22
N GLY J 54 23.50 -12.35 -0.64
CA GLY J 54 23.12 -12.07 -2.00
C GLY J 54 22.74 -10.64 -2.27
N GLY J 55 22.82 -9.78 -1.26
CA GLY J 55 22.56 -8.36 -1.43
C GLY J 55 21.14 -7.93 -1.14
N SER J 56 20.28 -8.82 -0.68
CA SER J 56 18.92 -8.44 -0.31
C SER J 56 18.95 -7.57 0.96
N THR J 57 18.48 -6.34 0.85
CA THR J 57 18.60 -5.38 1.93
C THR J 57 17.22 -4.98 2.43
N LYS J 58 17.15 -4.68 3.72
CA LYS J 58 15.93 -4.23 4.38
C LYS J 58 16.29 -3.10 5.33
N TYR J 59 15.47 -2.06 5.35
CA TYR J 59 15.71 -0.89 6.18
C TYR J 59 14.57 -0.71 7.17
N GLY J 60 14.91 -0.24 8.37
CA GLY J 60 13.88 0.21 9.30
C GLY J 60 13.17 1.44 8.77
N ASP J 61 11.90 1.57 9.16
CA ASP J 61 11.08 2.66 8.63
C ASP J 61 11.68 4.03 8.96
N SER J 62 12.21 4.18 10.17
CA SER J 62 12.71 5.46 10.64
C SER J 62 14.06 5.84 10.02
N VAL J 63 14.67 5.00 9.20
CA VAL J 63 15.96 5.29 8.59
C VAL J 63 15.95 5.20 7.07
N LYS J 64 14.85 4.77 6.45
CA LYS J 64 14.77 4.74 5.00
C LYS J 64 14.99 6.13 4.42
N GLY J 65 15.80 6.21 3.36
CA GLY J 65 16.10 7.47 2.72
C GLY J 65 17.28 8.21 3.31
N ARG J 66 17.74 7.83 4.50
CA ARG J 66 18.88 8.47 5.14
C ARG J 66 20.02 7.53 5.42
N PHE J 67 19.76 6.26 5.72
CA PHE J 67 20.80 5.28 5.97
C PHE J 67 20.94 4.38 4.75
N THR J 68 22.18 3.95 4.51
CA THR J 68 22.48 3.04 3.40
C THR J 68 23.45 1.97 3.89
N ILE J 69 23.08 0.71 3.70
CA ILE J 69 23.95 -0.39 4.06
C ILE J 69 24.62 -0.95 2.81
N SER J 70 25.87 -1.35 2.93
CA SER J 70 26.62 -1.96 1.85
C SER J 70 27.47 -3.08 2.44
N ARG J 71 28.04 -3.90 1.57
CA ARG J 71 28.67 -5.11 2.05
C ARG J 71 29.80 -5.55 1.11
N ASP J 72 30.87 -6.07 1.71
CA ASP J 72 31.95 -6.72 0.98
C ASP J 72 32.05 -8.15 1.53
N ASN J 73 31.46 -9.10 0.80
CA ASN J 73 31.46 -10.49 1.23
C ASN J 73 32.87 -11.05 1.33
N THR J 74 33.77 -10.60 0.48
CA THR J 74 35.12 -11.17 0.46
C THR J 74 35.86 -10.93 1.76
N LYS J 75 35.41 -9.98 2.58
CA LYS J 75 35.98 -9.77 3.90
C LYS J 75 34.90 -9.72 4.99
N ASN J 76 33.70 -10.24 4.69
CA ASN J 76 32.61 -10.42 5.65
C ASN J 76 32.39 -9.18 6.50
N THR J 77 32.33 -8.03 5.84
CA THR J 77 32.17 -6.75 6.51
C THR J 77 31.00 -5.99 5.90
N VAL J 78 30.17 -5.42 6.77
CA VAL J 78 29.09 -4.54 6.35
C VAL J 78 29.40 -3.11 6.77
N TYR J 79 28.81 -2.17 6.05
CA TYR J 79 28.97 -0.74 6.28
C TYR J 79 27.62 -0.06 6.38
N LEU J 80 27.51 0.89 7.30
CA LEU J 80 26.28 1.66 7.47
C LEU J 80 26.59 3.15 7.28
N GLN J 81 26.18 3.68 6.12
CA GLN J 81 26.25 5.12 5.87
C GLN J 81 25.04 5.79 6.52
N MET J 82 25.26 6.50 7.62
CA MET J 82 24.21 7.20 8.33
C MET J 82 24.29 8.68 7.98
N ASN J 83 23.35 9.15 7.16
CA ASN J 83 23.29 10.55 6.78
C ASN J 83 22.18 11.28 7.50
N SER J 84 22.34 12.60 7.59
CA SER J 84 21.31 13.51 8.11
C SER J 84 20.82 13.05 9.47
N LEU J 85 21.77 12.81 10.38
CA LEU J 85 21.44 12.24 11.68
C LEU J 85 20.66 13.22 12.53
N LYS J 86 19.60 12.72 13.15
CA LYS J 86 18.76 13.43 14.09
C LYS J 86 19.06 12.99 15.50
N PRO J 87 18.71 13.79 16.52
CA PRO J 87 18.92 13.36 17.90
C PRO J 87 18.24 12.05 18.25
N GLU J 88 17.16 11.68 17.56
CA GLU J 88 16.48 10.44 17.84
C GLU J 88 17.24 9.21 17.36
N ASP J 89 18.30 9.38 16.57
CA ASP J 89 19.15 8.27 16.18
C ASP J 89 20.14 7.88 17.26
N THR J 90 20.17 8.62 18.37
CA THR J 90 21.03 8.26 19.49
C THR J 90 20.61 6.93 20.07
N ALA J 91 21.52 5.97 20.02
CA ALA J 91 21.30 4.64 20.57
C ALA J 91 22.63 3.90 20.46
N VAL J 92 22.64 2.71 21.03
CA VAL J 92 23.71 1.77 20.82
C VAL J 92 23.40 0.97 19.57
N TYR J 93 24.34 0.94 18.63
CA TYR J 93 24.15 0.24 17.36
C TYR J 93 24.88 -1.09 17.43
N TYR J 94 24.11 -2.17 17.42
CA TYR J 94 24.64 -3.52 17.47
C TYR J 94 24.69 -4.12 16.07
N CYS J 95 25.86 -4.59 15.68
CA CYS J 95 25.98 -5.42 14.49
C CYS J 95 25.50 -6.83 14.81
N TYR J 96 24.90 -7.48 13.82
CA TYR J 96 24.45 -8.85 14.01
C TYR J 96 24.61 -9.64 12.72
N GLY J 97 24.63 -10.95 12.88
CA GLY J 97 24.70 -11.85 11.74
C GLY J 97 23.85 -13.09 11.96
N LEU J 98 23.41 -13.67 10.86
CA LEU J 98 22.66 -14.92 10.88
C LEU J 98 23.44 -15.95 10.07
N SER J 99 23.77 -17.07 10.70
CA SER J 99 24.36 -18.16 9.95
C SER J 99 23.34 -18.71 8.95
N TYR J 100 23.84 -19.52 8.01
CA TYR J 100 22.93 -20.17 7.07
C TYR J 100 22.05 -21.22 7.75
N SER J 101 22.29 -21.50 9.03
CA SER J 101 21.40 -22.31 9.85
C SER J 101 20.61 -21.46 10.84
N ASN J 102 20.44 -20.16 10.56
CA ASN J 102 19.58 -19.27 11.35
C ASN J 102 20.08 -19.12 12.79
N ASP J 103 21.39 -19.26 13.00
CA ASP J 103 21.98 -18.94 14.29
C ASP J 103 22.39 -17.47 14.30
N ASP J 104 21.94 -16.73 15.31
CA ASP J 104 22.25 -15.31 15.36
C ASP J 104 23.49 -15.06 16.22
N TYR J 105 24.24 -14.03 15.80
CA TYR J 105 25.42 -13.56 16.51
C TYR J 105 25.30 -12.05 16.63
N TRP J 106 25.83 -11.51 17.73
CA TRP J 106 25.73 -10.09 18.01
C TRP J 106 27.09 -9.55 18.43
N GLY J 107 27.38 -8.32 18.00
CA GLY J 107 28.56 -7.62 18.49
C GLY J 107 28.27 -6.88 19.78
N GLN J 108 29.32 -6.31 20.36
CA GLN J 108 29.18 -5.60 21.64
C GLN J 108 28.41 -4.28 21.49
N GLY J 109 28.37 -3.71 20.30
CA GLY J 109 27.66 -2.46 20.09
C GLY J 109 28.58 -1.26 20.14
N THR J 110 28.24 -0.25 19.33
CA THR J 110 28.93 1.03 19.35
C THR J 110 27.93 2.13 19.65
N GLN J 111 28.30 3.03 20.55
CA GLN J 111 27.45 4.15 20.92
C GLN J 111 27.50 5.24 19.84
N VAL J 112 26.33 5.72 19.43
CA VAL J 112 26.22 6.83 18.49
C VAL J 112 25.35 7.89 19.13
N THR J 113 25.89 9.10 19.27
CA THR J 113 25.22 10.20 19.95
C THR J 113 25.11 11.37 19.00
N VAL J 114 23.89 11.81 18.73
CA VAL J 114 23.62 12.96 17.88
C VAL J 114 23.17 14.10 18.78
N SER J 115 24.02 15.11 18.94
CA SER J 115 23.74 16.22 19.82
C SER J 115 24.51 17.45 19.36
N SER J 116 23.88 18.62 19.45
CA SER J 116 24.51 19.87 19.09
C SER J 116 25.53 20.30 20.13
C1 GOL K . 27.72 3.94 -34.08
O1 GOL K . 27.55 3.34 -35.33
C2 GOL K . 28.85 4.95 -34.15
O2 GOL K . 28.96 5.59 -32.89
C3 GOL K . 30.15 4.25 -34.51
O3 GOL K . 31.15 5.24 -34.59
C1 GOL L . 15.92 13.21 -18.28
O1 GOL L . 16.88 12.30 -18.75
C2 GOL L . 15.33 13.97 -19.45
O2 GOL L . 16.37 14.41 -20.29
C3 GOL L . 14.50 15.14 -18.95
O3 GOL L . 14.21 15.99 -20.04
C1 GOL M . 16.19 9.60 -21.85
O1 GOL M . 15.84 8.59 -22.77
C2 GOL M . 17.54 9.32 -21.24
O2 GOL M . 18.10 10.53 -20.80
C3 GOL M . 17.41 8.36 -20.07
O3 GOL M . 18.70 7.85 -19.81
C1 GOL N . 3.87 31.66 -9.25
O1 GOL N . 5.08 31.84 -9.94
C2 GOL N . 3.08 30.57 -9.93
O2 GOL N . 3.92 29.44 -10.09
C3 GOL N . 1.85 30.24 -9.10
O3 GOL N . 1.63 28.84 -9.16
C1 GOL O . 3.96 27.09 -5.79
O1 GOL O . 2.86 26.26 -6.06
C2 GOL O . 3.44 28.33 -5.07
O2 GOL O . 2.67 29.06 -5.98
C3 GOL O . 4.61 29.13 -4.51
O3 GOL O . 4.41 30.49 -4.80
C1 GOL P . 27.65 -12.61 -14.69
O1 GOL P . 27.84 -12.50 -16.08
C2 GOL P . 27.29 -14.03 -14.33
O2 GOL P . 27.37 -14.17 -12.92
C3 GOL P . 25.89 -14.38 -14.84
O3 GOL P . 24.96 -13.53 -14.21
C1 GOL Q . 0.58 -5.78 -20.20
O1 GOL Q . 1.50 -6.38 -21.09
C2 GOL Q . 0.94 -6.19 -18.79
O2 GOL Q . 1.87 -5.25 -18.28
C3 GOL Q . 1.50 -7.59 -18.77
O3 GOL Q . 0.63 -8.40 -17.99
C1 GOL R . 4.56 0.49 -14.82
O1 GOL R . 4.73 0.22 -13.45
C2 GOL R . 3.39 1.44 -15.01
O2 GOL R . 3.00 1.37 -16.37
C3 GOL R . 3.78 2.86 -14.65
O3 GOL R . 3.99 2.93 -13.25
C1 GOL S . 17.78 -11.91 -3.76
O1 GOL S . 17.85 -13.12 -3.06
C2 GOL S . 19.07 -11.16 -3.52
O2 GOL S . 20.05 -11.75 -4.35
C3 GOL S . 18.86 -9.71 -3.85
O3 GOL S . 17.64 -9.33 -3.26
C1 GOL T . -3.03 -29.50 -3.03
O1 GOL T . -1.81 -29.93 -3.60
C2 GOL T . -3.23 -28.01 -3.28
O2 GOL T . -3.08 -27.32 -2.07
C3 GOL T . -4.61 -27.79 -3.88
O3 GOL T . -5.06 -26.49 -3.52
C1 GOL U . -28.82 -2.76 12.99
O1 GOL U . -27.68 -2.87 12.18
C2 GOL U . -28.92 -3.98 13.89
O2 GOL U . -29.53 -5.03 13.18
C3 GOL U . -27.53 -4.37 14.37
O3 GOL U . -27.30 -3.74 15.62
C1 GOL V . -6.10 -20.11 18.77
O1 GOL V . -5.67 -19.58 17.53
C2 GOL V . -7.62 -20.15 18.80
O2 GOL V . -7.98 -20.92 19.93
C3 GOL V . -8.18 -18.74 18.89
O3 GOL V . -9.54 -18.75 18.51
C1 GOL W . 2.73 -31.86 11.42
O1 GOL W . 2.73 -33.03 12.19
C2 GOL W . 3.15 -30.70 12.31
O2 GOL W . 4.55 -30.59 12.26
C3 GOL W . 2.47 -29.41 11.89
O3 GOL W . 1.27 -29.75 11.21
C1 GOL X . 11.46 -18.35 -0.02
O1 GOL X . 12.18 -18.10 -1.21
C2 GOL X . 10.77 -19.67 -0.16
O2 GOL X . 11.72 -20.69 0.02
C3 GOL X . 9.65 -19.78 0.86
O3 GOL X . 8.94 -18.56 0.83
C1 GOL Y . 0.06 -26.71 -1.03
O1 GOL Y . -1.05 -26.86 -0.19
C2 GOL Y . 0.18 -25.26 -1.48
O2 GOL Y . 1.38 -24.75 -0.95
C3 GOL Y . -1.03 -24.46 -1.00
O3 GOL Y . -1.03 -23.21 -1.65
C1 GOL Z . 13.50 -2.40 -0.47
O1 GOL Z . 14.47 -2.58 -1.47
C2 GOL Z . 14.18 -2.31 0.89
O2 GOL Z . 15.49 -1.81 0.69
C3 GOL Z . 13.38 -1.41 1.82
O3 GOL Z . 13.59 -1.84 3.15
#